data_2BJ2
# 
_entry.id   2BJ2 
# 
_audit_conform.dict_name       mmcif_pdbx.dic 
_audit_conform.dict_version    5.392 
_audit_conform.dict_location   http://mmcif.pdb.org/dictionaries/ascii/mmcif_pdbx.dic 
# 
loop_
_database_2.database_id 
_database_2.database_code 
_database_2.pdbx_database_accession 
_database_2.pdbx_DOI 
PDB   2BJ2         pdb_00002bj2 10.2210/pdb2bj2/pdb 
WWPDB D_1000177833 ?            ?                   
# 
loop_
_pdbx_audit_revision_history.ordinal 
_pdbx_audit_revision_history.data_content_type 
_pdbx_audit_revision_history.major_revision 
_pdbx_audit_revision_history.minor_revision 
_pdbx_audit_revision_history.revision_date 
1 'Structure model' 1 0 1999-02-02 
2 'Structure model' 1 1 2008-03-24 
3 'Structure model' 1 2 2011-07-13 
4 'Structure model' 1 3 2022-03-09 
5 'Structure model' 1 4 2024-05-22 
# 
_pdbx_audit_revision_details.ordinal             1 
_pdbx_audit_revision_details.revision_ordinal    1 
_pdbx_audit_revision_details.data_content_type   'Structure model' 
_pdbx_audit_revision_details.provider            repository 
_pdbx_audit_revision_details.type                'Initial release' 
_pdbx_audit_revision_details.description         ? 
_pdbx_audit_revision_details.details             ? 
# 
loop_
_pdbx_audit_revision_group.ordinal 
_pdbx_audit_revision_group.revision_ordinal 
_pdbx_audit_revision_group.data_content_type 
_pdbx_audit_revision_group.group 
1 2 'Structure model' 'Version format compliance' 
2 3 'Structure model' 'Version format compliance' 
3 4 'Structure model' 'Database references'       
4 4 'Structure model' 'Derived calculations'      
5 4 'Structure model' Other                       
6 5 'Structure model' 'Data collection'           
# 
loop_
_pdbx_audit_revision_category.ordinal 
_pdbx_audit_revision_category.revision_ordinal 
_pdbx_audit_revision_category.data_content_type 
_pdbx_audit_revision_category.category 
1 4 'Structure model' database_2            
2 4 'Structure model' pdbx_database_status  
3 4 'Structure model' pdbx_struct_assembly  
4 4 'Structure model' pdbx_struct_oper_list 
5 5 'Structure model' chem_comp_atom        
6 5 'Structure model' chem_comp_bond        
# 
loop_
_pdbx_audit_revision_item.ordinal 
_pdbx_audit_revision_item.revision_ordinal 
_pdbx_audit_revision_item.data_content_type 
_pdbx_audit_revision_item.item 
1 4 'Structure model' '_database_2.pdbx_DOI'                
2 4 'Structure model' '_database_2.pdbx_database_accession' 
3 4 'Structure model' '_pdbx_database_status.process_site'  
# 
_pdbx_database_status.status_code                     REL 
_pdbx_database_status.entry_id                        2BJ2 
_pdbx_database_status.recvd_initial_deposition_date   1998-07-02 
_pdbx_database_status.deposit_site                    ? 
_pdbx_database_status.process_site                    BNL 
_pdbx_database_status.SG_entry                        . 
_pdbx_database_status.pdb_format_compatible           Y 
_pdbx_database_status.status_code_mr                  ? 
_pdbx_database_status.status_code_sf                  ? 
_pdbx_database_status.status_code_cs                  ? 
_pdbx_database_status.status_code_nmr_data            ? 
_pdbx_database_status.methods_development_category    ? 
# 
_pdbx_database_related.db_name        PDB 
_pdbx_database_related.db_id          1BJ2 
_pdbx_database_related.details        'ENSEMBLE OF 8 STRUCTURES' 
_pdbx_database_related.content_type   unspecified 
# 
loop_
_audit_author.name 
_audit_author.pdbx_ordinal 
'Lee, A.J.'      1 
'Crothers, D.M.' 2 
# 
_citation.id                        primary 
_citation.title                     'The solution structure of an RNA loop-loop complex: the ColE1 inverted loop sequence.' 
_citation.journal_abbrev            Structure 
_citation.journal_volume            6 
_citation.page_first                993 
_citation.page_last                 1005 
_citation.year                      1998 
_citation.journal_id_ASTM           STRUE6 
_citation.country                   UK 
_citation.journal_id_ISSN           0969-2126 
_citation.journal_id_CSD            2005 
_citation.book_publisher            ? 
_citation.pdbx_database_id_PubMed   9739090 
_citation.pdbx_database_id_DOI      '10.1016/S0969-2126(98)00101-4' 
# 
loop_
_citation_author.citation_id 
_citation_author.name 
_citation_author.ordinal 
_citation_author.identifier_ORCID 
primary 'Lee, A.J.'      1 ? 
primary 'Crothers, D.M.' 2 ? 
# 
loop_
_entity.id 
_entity.type 
_entity.src_method 
_entity.pdbx_description 
_entity.formula_weight 
_entity.pdbx_number_of_molecules 
_entity.pdbx_ec 
_entity.pdbx_mutation 
_entity.pdbx_fragment 
_entity.details 
1 polymer syn 
;RNA (5'-R(*GP*GP*CP*AP*AP*CP*GP*GP*AP*UP*GP*GP*UP*UP*CP*GP*UP*UP*GP*CP*C)-3')
;
6761.044 1 ? ? ? 'THE LOOP-LOOP COMPLEX HAS INVERTED LOOP SEQUENCE' 
2 polymer syn 
;RNA (5'-R(*GP*CP*AP*CP*CP*GP*AP*AP*CP*CP*AP*UP*CP*CP*GP*GP*UP*GP*C)-3')
;
6051.681 1 ? ? ? 'THE LOOP-LOOP COMPLEX HAS INVERTED LOOP SEQUENCE' 
# 
loop_
_entity_poly.entity_id 
_entity_poly.type 
_entity_poly.nstd_linkage 
_entity_poly.nstd_monomer 
_entity_poly.pdbx_seq_one_letter_code 
_entity_poly.pdbx_seq_one_letter_code_can 
_entity_poly.pdbx_strand_id 
_entity_poly.pdbx_target_identifier 
1 polyribonucleotide no no GGCAACGGAUGGUUCGUUGCC GGCAACGGAUGGUUCGUUGCC A ? 
2 polyribonucleotide no no GCACCGAACCAUCCGGUGC   GCACCGAACCAUCCGGUGC   B ? 
# 
loop_
_entity_poly_seq.entity_id 
_entity_poly_seq.num 
_entity_poly_seq.mon_id 
_entity_poly_seq.hetero 
1 1  G n 
1 2  G n 
1 3  C n 
1 4  A n 
1 5  A n 
1 6  C n 
1 7  G n 
1 8  G n 
1 9  A n 
1 10 U n 
1 11 G n 
1 12 G n 
1 13 U n 
1 14 U n 
1 15 C n 
1 16 G n 
1 17 U n 
1 18 U n 
1 19 G n 
1 20 C n 
1 21 C n 
2 1  G n 
2 2  C n 
2 3  A n 
2 4  C n 
2 5  C n 
2 6  G n 
2 7  A n 
2 8  A n 
2 9  C n 
2 10 C n 
2 11 A n 
2 12 U n 
2 13 C n 
2 14 C n 
2 15 G n 
2 16 G n 
2 17 U n 
2 18 G n 
2 19 C n 
# 
loop_
_chem_comp.id 
_chem_comp.type 
_chem_comp.mon_nstd_flag 
_chem_comp.name 
_chem_comp.pdbx_synonyms 
_chem_comp.formula 
_chem_comp.formula_weight 
A 'RNA linking' y "ADENOSINE-5'-MONOPHOSPHATE" ? 'C10 H14 N5 O7 P' 347.221 
C 'RNA linking' y "CYTIDINE-5'-MONOPHOSPHATE"  ? 'C9 H14 N3 O8 P'  323.197 
G 'RNA linking' y "GUANOSINE-5'-MONOPHOSPHATE" ? 'C10 H14 N5 O8 P' 363.221 
U 'RNA linking' y "URIDINE-5'-MONOPHOSPHATE"   ? 'C9 H13 N2 O9 P'  324.181 
# 
loop_
_pdbx_poly_seq_scheme.asym_id 
_pdbx_poly_seq_scheme.entity_id 
_pdbx_poly_seq_scheme.seq_id 
_pdbx_poly_seq_scheme.mon_id 
_pdbx_poly_seq_scheme.ndb_seq_num 
_pdbx_poly_seq_scheme.pdb_seq_num 
_pdbx_poly_seq_scheme.auth_seq_num 
_pdbx_poly_seq_scheme.pdb_mon_id 
_pdbx_poly_seq_scheme.auth_mon_id 
_pdbx_poly_seq_scheme.pdb_strand_id 
_pdbx_poly_seq_scheme.pdb_ins_code 
_pdbx_poly_seq_scheme.hetero 
A 1 1  G 1  1  1  G G A . n 
A 1 2  G 2  2  2  G G A . n 
A 1 3  C 3  3  3  C C A . n 
A 1 4  A 4  4  4  A A A . n 
A 1 5  A 5  5  5  A A A . n 
A 1 6  C 6  6  6  C C A . n 
A 1 7  G 7  7  7  G G A . n 
A 1 8  G 8  8  8  G G A . n 
A 1 9  A 9  9  9  A A A . n 
A 1 10 U 10 10 10 U U A . n 
A 1 11 G 11 11 11 G G A . n 
A 1 12 G 12 12 12 G G A . n 
A 1 13 U 13 13 13 U U A . n 
A 1 14 U 14 14 14 U U A . n 
A 1 15 C 15 15 15 C C A . n 
A 1 16 G 16 16 16 G G A . n 
A 1 17 U 17 17 17 U U A . n 
A 1 18 U 18 18 18 U U A . n 
A 1 19 G 19 19 19 G G A . n 
A 1 20 C 20 20 20 C C A . n 
A 1 21 C 21 21 21 C C A . n 
B 2 1  G 1  1  1  G G B . n 
B 2 2  C 2  2  2  C C B . n 
B 2 3  A 3  3  3  A A B . n 
B 2 4  C 4  4  4  C C B . n 
B 2 5  C 5  5  5  C C B . n 
B 2 6  G 6  6  6  G G B . n 
B 2 7  A 7  7  7  A A B . n 
B 2 8  A 8  8  8  A A B . n 
B 2 9  C 9  9  9  C C B . n 
B 2 10 C 10 10 10 C C B . n 
B 2 11 A 11 11 11 A A B . n 
B 2 12 U 12 12 12 U U B . n 
B 2 13 C 13 13 13 C C B . n 
B 2 14 C 14 14 14 C C B . n 
B 2 15 G 15 15 15 G G B . n 
B 2 16 G 16 16 16 G G B . n 
B 2 17 U 17 17 17 U U B . n 
B 2 18 G 18 18 18 G G B . n 
B 2 19 C 19 19 19 C C B . n 
# 
loop_
_software.name 
_software.classification 
_software.version 
_software.citation_id 
_software.pdbx_ordinal 
X-PLOR 'model building' 3.851 ? 1 
X-PLOR refinement       3.851 ? 2 
X-PLOR phasing          3.851 ? 3 
# 
_cell.entry_id           2BJ2 
_cell.length_a           1.000 
_cell.length_b           1.000 
_cell.length_c           1.000 
_cell.angle_alpha        90.00 
_cell.angle_beta         90.00 
_cell.angle_gamma        90.00 
_cell.Z_PDB              1 
_cell.pdbx_unique_axis   ? 
# 
_symmetry.entry_id                         2BJ2 
_symmetry.space_group_name_H-M             'P 1' 
_symmetry.pdbx_full_space_group_name_H-M   ? 
_symmetry.cell_setting                     ? 
_symmetry.Int_Tables_number                1 
# 
_exptl.entry_id          2BJ2 
_exptl.method            'SOLUTION NMR' 
_exptl.crystals_number   ? 
# 
_struct.entry_id                  2BJ2 
_struct.title                     'RNA LOOP-LOOP COMPLEX: THE COLE1 INVERTED LOOP SEQUENCE, NMR, MINIMIZED AVERAGE STRUCTURE' 
_struct.pdbx_model_details        ? 
_struct.pdbx_CASP_flag            ? 
_struct.pdbx_model_type_details   ? 
# 
_struct_keywords.entry_id        2BJ2 
_struct_keywords.pdbx_keywords   RNA 
_struct_keywords.text            'COLE1 RNA, LOOP-LOOP COMPLEX, KISS COMPLEX, RIBONUCLEIC ACID, RNA' 
# 
loop_
_struct_asym.id 
_struct_asym.pdbx_blank_PDB_chainid_flag 
_struct_asym.pdbx_modified 
_struct_asym.entity_id 
_struct_asym.details 
A N N 1 ? 
B N N 2 ? 
# 
loop_
_struct_ref.id 
_struct_ref.entity_id 
_struct_ref.db_name 
_struct_ref.db_code 
_struct_ref.pdbx_db_accession 
_struct_ref.pdbx_db_isoform 
_struct_ref.pdbx_seq_one_letter_code 
_struct_ref.pdbx_align_begin 
1 1 PDB 2BJ2 2BJ2 ? ? ? 
2 2 PDB 2BJ2 2BJ2 ? ? ? 
# 
loop_
_struct_ref_seq.align_id 
_struct_ref_seq.ref_id 
_struct_ref_seq.pdbx_PDB_id_code 
_struct_ref_seq.pdbx_strand_id 
_struct_ref_seq.seq_align_beg 
_struct_ref_seq.pdbx_seq_align_beg_ins_code 
_struct_ref_seq.seq_align_end 
_struct_ref_seq.pdbx_seq_align_end_ins_code 
_struct_ref_seq.pdbx_db_accession 
_struct_ref_seq.db_align_beg 
_struct_ref_seq.pdbx_db_align_beg_ins_code 
_struct_ref_seq.db_align_end 
_struct_ref_seq.pdbx_db_align_end_ins_code 
_struct_ref_seq.pdbx_auth_seq_align_beg 
_struct_ref_seq.pdbx_auth_seq_align_end 
1 1 2BJ2 A 1 ? 21 ? 2BJ2 1 ? 21 ? 1 21 
2 2 2BJ2 B 1 ? 19 ? 2BJ2 1 ? 19 ? 1 19 
# 
_pdbx_struct_assembly.id                   1 
_pdbx_struct_assembly.details              author_defined_assembly 
_pdbx_struct_assembly.method_details       ? 
_pdbx_struct_assembly.oligomeric_details   dimeric 
_pdbx_struct_assembly.oligomeric_count     2 
# 
_pdbx_struct_assembly_gen.assembly_id       1 
_pdbx_struct_assembly_gen.oper_expression   1 
_pdbx_struct_assembly_gen.asym_id_list      A,B 
# 
_pdbx_struct_oper_list.id                   1 
_pdbx_struct_oper_list.type                 'identity operation' 
_pdbx_struct_oper_list.name                 1_555 
_pdbx_struct_oper_list.symmetry_operation   x,y,z 
_pdbx_struct_oper_list.matrix[1][1]         1.0000000000 
_pdbx_struct_oper_list.matrix[1][2]         0.0000000000 
_pdbx_struct_oper_list.matrix[1][3]         0.0000000000 
_pdbx_struct_oper_list.vector[1]            0.0000000000 
_pdbx_struct_oper_list.matrix[2][1]         0.0000000000 
_pdbx_struct_oper_list.matrix[2][2]         1.0000000000 
_pdbx_struct_oper_list.matrix[2][3]         0.0000000000 
_pdbx_struct_oper_list.vector[2]            0.0000000000 
_pdbx_struct_oper_list.matrix[3][1]         0.0000000000 
_pdbx_struct_oper_list.matrix[3][2]         0.0000000000 
_pdbx_struct_oper_list.matrix[3][3]         1.0000000000 
_pdbx_struct_oper_list.vector[3]            0.0000000000 
# 
_struct_biol.id   1 
# 
loop_
_struct_conn.id 
_struct_conn.conn_type_id 
_struct_conn.pdbx_leaving_atom_flag 
_struct_conn.pdbx_PDB_id 
_struct_conn.ptnr1_label_asym_id 
_struct_conn.ptnr1_label_comp_id 
_struct_conn.ptnr1_label_seq_id 
_struct_conn.ptnr1_label_atom_id 
_struct_conn.pdbx_ptnr1_label_alt_id 
_struct_conn.pdbx_ptnr1_PDB_ins_code 
_struct_conn.pdbx_ptnr1_standard_comp_id 
_struct_conn.ptnr1_symmetry 
_struct_conn.ptnr2_label_asym_id 
_struct_conn.ptnr2_label_comp_id 
_struct_conn.ptnr2_label_seq_id 
_struct_conn.ptnr2_label_atom_id 
_struct_conn.pdbx_ptnr2_label_alt_id 
_struct_conn.pdbx_ptnr2_PDB_ins_code 
_struct_conn.ptnr1_auth_asym_id 
_struct_conn.ptnr1_auth_comp_id 
_struct_conn.ptnr1_auth_seq_id 
_struct_conn.ptnr2_auth_asym_id 
_struct_conn.ptnr2_auth_comp_id 
_struct_conn.ptnr2_auth_seq_id 
_struct_conn.ptnr2_symmetry 
_struct_conn.pdbx_ptnr3_label_atom_id 
_struct_conn.pdbx_ptnr3_label_seq_id 
_struct_conn.pdbx_ptnr3_label_comp_id 
_struct_conn.pdbx_ptnr3_label_asym_id 
_struct_conn.pdbx_ptnr3_label_alt_id 
_struct_conn.pdbx_ptnr3_PDB_ins_code 
_struct_conn.details 
_struct_conn.pdbx_dist_value 
_struct_conn.pdbx_value_order 
_struct_conn.pdbx_role 
hydrog1  hydrog ? ? A G 1  N1 ? ? ? 1_555 A C 21 N3 ? ? A G 1  A C 21 1_555 ? ? ? ? ? ? WATSON-CRICK ? ? ? 
hydrog2  hydrog ? ? A G 1  N2 ? ? ? 1_555 A C 21 O2 ? ? A G 1  A C 21 1_555 ? ? ? ? ? ? WATSON-CRICK ? ? ? 
hydrog3  hydrog ? ? A G 1  O6 ? ? ? 1_555 A C 21 N4 ? ? A G 1  A C 21 1_555 ? ? ? ? ? ? WATSON-CRICK ? ? ? 
hydrog4  hydrog ? ? A G 2  N1 ? ? ? 1_555 A C 20 N3 ? ? A G 2  A C 20 1_555 ? ? ? ? ? ? WATSON-CRICK ? ? ? 
hydrog5  hydrog ? ? A G 2  N2 ? ? ? 1_555 A C 20 O2 ? ? A G 2  A C 20 1_555 ? ? ? ? ? ? WATSON-CRICK ? ? ? 
hydrog6  hydrog ? ? A G 2  O6 ? ? ? 1_555 A C 20 N4 ? ? A G 2  A C 20 1_555 ? ? ? ? ? ? WATSON-CRICK ? ? ? 
hydrog7  hydrog ? ? A C 3  N3 ? ? ? 1_555 A G 19 N1 ? ? A C 3  A G 19 1_555 ? ? ? ? ? ? WATSON-CRICK ? ? ? 
hydrog8  hydrog ? ? A C 3  N4 ? ? ? 1_555 A G 19 O6 ? ? A C 3  A G 19 1_555 ? ? ? ? ? ? WATSON-CRICK ? ? ? 
hydrog9  hydrog ? ? A C 3  O2 ? ? ? 1_555 A G 19 N2 ? ? A C 3  A G 19 1_555 ? ? ? ? ? ? WATSON-CRICK ? ? ? 
hydrog10 hydrog ? ? A A 4  N1 ? ? ? 1_555 A U 18 N3 ? ? A A 4  A U 18 1_555 ? ? ? ? ? ? WATSON-CRICK ? ? ? 
hydrog11 hydrog ? ? A A 4  N6 ? ? ? 1_555 A U 18 O4 ? ? A A 4  A U 18 1_555 ? ? ? ? ? ? WATSON-CRICK ? ? ? 
hydrog12 hydrog ? ? A A 5  N1 ? ? ? 1_555 A U 17 N3 ? ? A A 5  A U 17 1_555 ? ? ? ? ? ? WATSON-CRICK ? ? ? 
hydrog13 hydrog ? ? A A 5  N6 ? ? ? 1_555 A U 17 O4 ? ? A A 5  A U 17 1_555 ? ? ? ? ? ? WATSON-CRICK ? ? ? 
hydrog14 hydrog ? ? A C 6  N3 ? ? ? 1_555 A G 16 N1 ? ? A C 6  A G 16 1_555 ? ? ? ? ? ? WATSON-CRICK ? ? ? 
hydrog15 hydrog ? ? A C 6  N4 ? ? ? 1_555 A G 16 O6 ? ? A C 6  A G 16 1_555 ? ? ? ? ? ? WATSON-CRICK ? ? ? 
hydrog16 hydrog ? ? A C 6  O2 ? ? ? 1_555 A G 16 N2 ? ? A C 6  A G 16 1_555 ? ? ? ? ? ? WATSON-CRICK ? ? ? 
hydrog17 hydrog ? ? A G 7  N1 ? ? ? 1_555 A C 15 N3 ? ? A G 7  A C 15 1_555 ? ? ? ? ? ? WATSON-CRICK ? ? ? 
hydrog18 hydrog ? ? A G 7  N2 ? ? ? 1_555 A C 15 O2 ? ? A G 7  A C 15 1_555 ? ? ? ? ? ? WATSON-CRICK ? ? ? 
hydrog19 hydrog ? ? A G 7  O6 ? ? ? 1_555 A C 15 N4 ? ? A G 7  A C 15 1_555 ? ? ? ? ? ? WATSON-CRICK ? ? ? 
hydrog20 hydrog ? ? A G 8  N1 ? ? ? 1_555 B C 13 N3 ? ? A G 8  B C 13 1_555 ? ? ? ? ? ? WATSON-CRICK ? ? ? 
hydrog21 hydrog ? ? A G 8  N2 ? ? ? 1_555 B C 13 O2 ? ? A G 8  B C 13 1_555 ? ? ? ? ? ? WATSON-CRICK ? ? ? 
hydrog22 hydrog ? ? A G 8  O6 ? ? ? 1_555 B C 13 N4 ? ? A G 8  B C 13 1_555 ? ? ? ? ? ? WATSON-CRICK ? ? ? 
hydrog23 hydrog ? ? A A 9  N1 ? ? ? 1_555 B U 12 N3 ? ? A A 9  B U 12 1_555 ? ? ? ? ? ? WATSON-CRICK ? ? ? 
hydrog24 hydrog ? ? A A 9  N6 ? ? ? 1_555 B U 12 O4 ? ? A A 9  B U 12 1_555 ? ? ? ? ? ? WATSON-CRICK ? ? ? 
hydrog25 hydrog ? ? A U 10 N3 ? ? ? 1_555 B A 11 N1 ? ? A U 10 B A 11 1_555 ? ? ? ? ? ? WATSON-CRICK ? ? ? 
hydrog26 hydrog ? ? A U 10 O4 ? ? ? 1_555 B A 11 N6 ? ? A U 10 B A 11 1_555 ? ? ? ? ? ? WATSON-CRICK ? ? ? 
hydrog27 hydrog ? ? A G 11 N1 ? ? ? 1_555 B C 10 N3 ? ? A G 11 B C 10 1_555 ? ? ? ? ? ? WATSON-CRICK ? ? ? 
hydrog28 hydrog ? ? A G 11 N2 ? ? ? 1_555 B C 10 O2 ? ? A G 11 B C 10 1_555 ? ? ? ? ? ? WATSON-CRICK ? ? ? 
hydrog29 hydrog ? ? A G 11 O6 ? ? ? 1_555 B C 10 N4 ? ? A G 11 B C 10 1_555 ? ? ? ? ? ? WATSON-CRICK ? ? ? 
hydrog30 hydrog ? ? A G 12 N1 ? ? ? 1_555 B C 9  N3 ? ? A G 12 B C 9  1_555 ? ? ? ? ? ? WATSON-CRICK ? ? ? 
hydrog31 hydrog ? ? A G 12 N2 ? ? ? 1_555 B C 9  O2 ? ? A G 12 B C 9  1_555 ? ? ? ? ? ? WATSON-CRICK ? ? ? 
hydrog32 hydrog ? ? A G 12 O6 ? ? ? 1_555 B C 9  N4 ? ? A G 12 B C 9  1_555 ? ? ? ? ? ? WATSON-CRICK ? ? ? 
hydrog33 hydrog ? ? A U 13 N3 ? ? ? 1_555 B A 8  N1 ? ? A U 13 B A 8  1_555 ? ? ? ? ? ? WATSON-CRICK ? ? ? 
hydrog34 hydrog ? ? A U 13 O4 ? ? ? 1_555 B A 8  N6 ? ? A U 13 B A 8  1_555 ? ? ? ? ? ? WATSON-CRICK ? ? ? 
hydrog35 hydrog ? ? A U 14 N3 ? ? ? 1_555 B A 7  N1 ? ? A U 14 B A 7  1_555 ? ? ? ? ? ? WATSON-CRICK ? ? ? 
hydrog36 hydrog ? ? A U 14 O4 ? ? ? 1_555 B A 7  N6 ? ? A U 14 B A 7  1_555 ? ? ? ? ? ? WATSON-CRICK ? ? ? 
hydrog37 hydrog ? ? B G 1  N1 ? ? ? 1_555 B C 19 N3 ? ? B G 1  B C 19 1_555 ? ? ? ? ? ? WATSON-CRICK ? ? ? 
hydrog38 hydrog ? ? B G 1  N2 ? ? ? 1_555 B C 19 O2 ? ? B G 1  B C 19 1_555 ? ? ? ? ? ? WATSON-CRICK ? ? ? 
hydrog39 hydrog ? ? B G 1  O6 ? ? ? 1_555 B C 19 N4 ? ? B G 1  B C 19 1_555 ? ? ? ? ? ? WATSON-CRICK ? ? ? 
hydrog40 hydrog ? ? B C 2  N3 ? ? ? 1_555 B G 18 N1 ? ? B C 2  B G 18 1_555 ? ? ? ? ? ? WATSON-CRICK ? ? ? 
hydrog41 hydrog ? ? B C 2  N4 ? ? ? 1_555 B G 18 O6 ? ? B C 2  B G 18 1_555 ? ? ? ? ? ? WATSON-CRICK ? ? ? 
hydrog42 hydrog ? ? B C 2  O2 ? ? ? 1_555 B G 18 N2 ? ? B C 2  B G 18 1_555 ? ? ? ? ? ? WATSON-CRICK ? ? ? 
hydrog43 hydrog ? ? B A 3  N1 ? ? ? 1_555 B U 17 N3 ? ? B A 3  B U 17 1_555 ? ? ? ? ? ? WATSON-CRICK ? ? ? 
hydrog44 hydrog ? ? B A 3  N6 ? ? ? 1_555 B U 17 O4 ? ? B A 3  B U 17 1_555 ? ? ? ? ? ? WATSON-CRICK ? ? ? 
hydrog45 hydrog ? ? B C 4  N3 ? ? ? 1_555 B G 16 N1 ? ? B C 4  B G 16 1_555 ? ? ? ? ? ? WATSON-CRICK ? ? ? 
hydrog46 hydrog ? ? B C 4  N4 ? ? ? 1_555 B G 16 O6 ? ? B C 4  B G 16 1_555 ? ? ? ? ? ? WATSON-CRICK ? ? ? 
hydrog47 hydrog ? ? B C 4  O2 ? ? ? 1_555 B G 16 N2 ? ? B C 4  B G 16 1_555 ? ? ? ? ? ? WATSON-CRICK ? ? ? 
hydrog48 hydrog ? ? B C 5  N3 ? ? ? 1_555 B G 15 N1 ? ? B C 5  B G 15 1_555 ? ? ? ? ? ? WATSON-CRICK ? ? ? 
hydrog49 hydrog ? ? B C 5  N4 ? ? ? 1_555 B G 15 O6 ? ? B C 5  B G 15 1_555 ? ? ? ? ? ? WATSON-CRICK ? ? ? 
hydrog50 hydrog ? ? B C 5  O2 ? ? ? 1_555 B G 15 N2 ? ? B C 5  B G 15 1_555 ? ? ? ? ? ? WATSON-CRICK ? ? ? 
hydrog51 hydrog ? ? B G 6  N1 ? ? ? 1_555 B C 14 N3 ? ? B G 6  B C 14 1_555 ? ? ? ? ? ? WATSON-CRICK ? ? ? 
hydrog52 hydrog ? ? B G 6  N2 ? ? ? 1_555 B C 14 O2 ? ? B G 6  B C 14 1_555 ? ? ? ? ? ? WATSON-CRICK ? ? ? 
hydrog53 hydrog ? ? B G 6  O6 ? ? ? 1_555 B C 14 N4 ? ? B G 6  B C 14 1_555 ? ? ? ? ? ? WATSON-CRICK ? ? ? 
# 
_struct_conn_type.id          hydrog 
_struct_conn_type.criteria    ? 
_struct_conn_type.reference   ? 
# 
loop_
_pdbx_validate_rmsd_angle.id 
_pdbx_validate_rmsd_angle.PDB_model_num 
_pdbx_validate_rmsd_angle.auth_atom_id_1 
_pdbx_validate_rmsd_angle.auth_asym_id_1 
_pdbx_validate_rmsd_angle.auth_comp_id_1 
_pdbx_validate_rmsd_angle.auth_seq_id_1 
_pdbx_validate_rmsd_angle.PDB_ins_code_1 
_pdbx_validate_rmsd_angle.label_alt_id_1 
_pdbx_validate_rmsd_angle.auth_atom_id_2 
_pdbx_validate_rmsd_angle.auth_asym_id_2 
_pdbx_validate_rmsd_angle.auth_comp_id_2 
_pdbx_validate_rmsd_angle.auth_seq_id_2 
_pdbx_validate_rmsd_angle.PDB_ins_code_2 
_pdbx_validate_rmsd_angle.label_alt_id_2 
_pdbx_validate_rmsd_angle.auth_atom_id_3 
_pdbx_validate_rmsd_angle.auth_asym_id_3 
_pdbx_validate_rmsd_angle.auth_comp_id_3 
_pdbx_validate_rmsd_angle.auth_seq_id_3 
_pdbx_validate_rmsd_angle.PDB_ins_code_3 
_pdbx_validate_rmsd_angle.label_alt_id_3 
_pdbx_validate_rmsd_angle.angle_value 
_pdbx_validate_rmsd_angle.angle_target_value 
_pdbx_validate_rmsd_angle.angle_deviation 
_pdbx_validate_rmsd_angle.angle_standard_deviation 
_pdbx_validate_rmsd_angle.linker_flag 
1  1 N1    A G 1  ? ? C2    A G 1  ? ? N3    A G 1  ? ? 128.34 123.90 4.44  0.60 N 
2  1 N3    A G 1  ? ? C2    A G 1  ? ? N2    A G 1  ? ? 113.27 119.90 -6.63 0.70 N 
3  1 N1    A G 1  ? ? C6    A G 1  ? ? O6    A G 1  ? ? 115.91 119.90 -3.99 0.60 N 
4  1 N1    A G 2  ? ? C2    A G 2  ? ? N3    A G 2  ? ? 129.13 123.90 5.23  0.60 N 
5  1 N3    A G 2  ? ? C2    A G 2  ? ? N2    A G 2  ? ? 112.52 119.90 -7.38 0.70 N 
6  1 N1    A G 2  ? ? C6    A G 2  ? ? O6    A G 2  ? ? 116.23 119.90 -3.67 0.60 N 
7  1 C5    A G 2  ? ? C6    A G 2  ? ? O6    A G 2  ? ? 132.21 128.60 3.61  0.60 N 
8  1 "O4'" A C 3  ? ? "C1'" A C 3  ? ? N1    A C 3  ? ? 114.24 108.50 5.74  0.70 N 
9  1 N1    A A 4  ? ? C6    A A 4  ? ? N6    A A 4  ? ? 112.44 118.60 -6.16 0.60 N 
10 1 C5    A A 4  ? ? C6    A A 4  ? ? N6    A A 4  ? ? 129.68 123.70 5.98  0.80 N 
11 1 N1    A A 5  ? ? C6    A A 5  ? ? N6    A A 5  ? ? 113.12 118.60 -5.48 0.60 N 
12 1 C5    A A 5  ? ? C6    A A 5  ? ? N6    A A 5  ? ? 129.01 123.70 5.31  0.80 N 
13 1 C6    A C 6  ? ? N1    A C 6  ? ? C2    A C 6  ? ? 117.84 120.30 -2.46 0.40 N 
14 1 N1    A G 7  ? ? C2    A G 7  ? ? N3    A G 7  ? ? 129.06 123.90 5.16  0.60 N 
15 1 N3    A G 7  ? ? C2    A G 7  ? ? N2    A G 7  ? ? 113.04 119.90 -6.86 0.70 N 
16 1 "C5'" A G 8  ? ? "C4'" A G 8  ? ? "O4'" A G 8  ? ? 101.80 109.10 -7.30 1.20 N 
17 1 N1    A G 8  ? ? C2    A G 8  ? ? N3    A G 8  ? ? 128.78 123.90 4.88  0.60 N 
18 1 N3    A G 8  ? ? C2    A G 8  ? ? N2    A G 8  ? ? 111.66 119.90 -8.24 0.70 N 
19 1 N1    A A 9  ? ? C6    A A 9  ? ? N6    A A 9  ? ? 113.42 118.60 -5.18 0.60 N 
20 1 N1    A G 11 ? ? C2    A G 11 ? ? N3    A G 11 ? ? 128.30 123.90 4.40  0.60 N 
21 1 N3    A G 11 ? ? C2    A G 11 ? ? N2    A G 11 ? ? 112.92 119.90 -6.98 0.70 N 
22 1 N1    A G 12 ? ? C2    A G 12 ? ? N3    A G 12 ? ? 128.28 123.90 4.38  0.60 N 
23 1 N1    A G 12 ? ? C6    A G 12 ? ? O6    A G 12 ? ? 115.43 119.90 -4.47 0.60 N 
24 1 C5    A G 12 ? ? C6    A G 12 ? ? O6    A G 12 ? ? 133.44 128.60 4.84  0.60 N 
25 1 "O4'" A C 15 ? ? "C1'" A C 15 ? ? N1    A C 15 ? ? 112.79 108.50 4.29  0.70 N 
26 1 C6    A C 15 ? ? N1    A C 15 ? ? C2    A C 15 ? ? 117.51 120.30 -2.79 0.40 N 
27 1 N1    A G 16 ? ? C2    A G 16 ? ? N3    A G 16 ? ? 128.53 123.90 4.63  0.60 N 
28 1 N3    A G 16 ? ? C2    A G 16 ? ? N2    A G 16 ? ? 113.65 119.90 -6.25 0.70 N 
29 1 "C3'" A G 19 ? ? "C2'" A G 19 ? ? "C1'" A G 19 ? ? 96.29  101.30 -5.01 0.70 N 
30 1 N1    A G 19 ? ? C2    A G 19 ? ? N3    A G 19 ? ? 128.04 123.90 4.14  0.60 N 
31 1 N3    A G 19 ? ? C2    A G 19 ? ? N2    A G 19 ? ? 113.03 119.90 -6.87 0.70 N 
32 1 N3    A C 20 ? ? C4    A C 20 ? ? N4    A C 20 ? ? 111.15 118.00 -6.85 0.70 N 
33 1 C5    A C 20 ? ? C4    A C 20 ? ? N4    A C 20 ? ? 124.65 120.20 4.45  0.70 N 
34 1 C6    A C 21 ? ? N1    A C 21 ? ? C2    A C 21 ? ? 117.53 120.30 -2.77 0.40 N 
35 1 N1    B G 1  ? ? C2    B G 1  ? ? N3    B G 1  ? ? 128.54 123.90 4.64  0.60 N 
36 1 N3    B G 1  ? ? C2    B G 1  ? ? N2    B G 1  ? ? 113.29 119.90 -6.61 0.70 N 
37 1 N1    B G 1  ? ? C6    B G 1  ? ? O6    B G 1  ? ? 116.28 119.90 -3.62 0.60 N 
38 1 C5    B G 1  ? ? C6    B G 1  ? ? O6    B G 1  ? ? 132.33 128.60 3.73  0.60 N 
39 1 "O4'" B C 2  ? ? "C1'" B C 2  ? ? N1    B C 2  ? ? 113.47 108.50 4.97  0.70 N 
40 1 N3    B C 2  ? ? C2    B C 2  ? ? O2    B C 2  ? ? 117.45 121.90 -4.45 0.70 N 
41 1 N1    B A 3  ? ? C6    B A 3  ? ? N6    B A 3  ? ? 113.80 118.60 -4.80 0.60 N 
42 1 N3    B C 5  ? ? C4    B C 5  ? ? C5    B C 5  ? ? 124.33 121.90 2.43  0.40 N 
43 1 N1    B G 6  ? ? C2    B G 6  ? ? N3    B G 6  ? ? 128.18 123.90 4.28  0.60 N 
44 1 N3    B G 6  ? ? C2    B G 6  ? ? N2    B G 6  ? ? 113.69 119.90 -6.21 0.70 N 
45 1 N1    B A 8  ? ? C6    B A 8  ? ? N6    B A 8  ? ? 109.02 118.60 -9.58 0.60 N 
46 1 C5    B A 8  ? ? C6    B A 8  ? ? N6    B A 8  ? ? 131.20 123.70 7.50  0.80 N 
47 1 C6    B C 9  ? ? N1    B C 9  ? ? C2    B C 9  ? ? 117.55 120.30 -2.75 0.40 N 
48 1 N3    B C 10 ? ? C4    B C 10 ? ? C5    B C 10 ? ? 125.62 121.90 3.72  0.40 N 
49 1 N1    B A 11 ? ? C6    B A 11 ? ? N6    B A 11 ? ? 114.39 118.60 -4.21 0.60 N 
50 1 "O4'" B C 14 ? ? "C1'" B C 14 ? ? N1    B C 14 ? ? 113.68 108.50 5.18  0.70 N 
51 1 "O4'" B G 15 ? ? "C1'" B G 15 ? ? N9    B G 15 ? ? 113.47 108.50 4.97  0.70 N 
52 1 N1    B G 15 ? ? C2    B G 15 ? ? N3    B G 15 ? ? 127.74 123.90 3.84  0.60 N 
53 1 N3    B G 15 ? ? C2    B G 15 ? ? N2    B G 15 ? ? 113.94 119.90 -5.96 0.70 N 
54 1 N1    B G 15 ? ? C6    B G 15 ? ? O6    B G 15 ? ? 115.70 119.90 -4.20 0.60 N 
55 1 C5    B G 15 ? ? C6    B G 15 ? ? O6    B G 15 ? ? 132.22 128.60 3.62  0.60 N 
56 1 "C3'" B G 16 ? ? "C2'" B G 16 ? ? "C1'" B G 16 ? ? 97.05  101.30 -4.25 0.70 N 
57 1 N1    B G 16 ? ? C2    B G 16 ? ? N3    B G 16 ? ? 128.33 123.90 4.43  0.60 N 
58 1 N3    B G 16 ? ? C2    B G 16 ? ? N2    B G 16 ? ? 113.51 119.90 -6.39 0.70 N 
59 1 N1    B G 16 ? ? C6    B G 16 ? ? O6    B G 16 ? ? 116.21 119.90 -3.69 0.60 N 
60 1 C5    B G 16 ? ? C6    B G 16 ? ? O6    B G 16 ? ? 132.75 128.60 4.15  0.60 N 
61 1 N1    B G 18 ? ? C2    B G 18 ? ? N3    B G 18 ? ? 129.67 123.90 5.77  0.60 N 
62 1 N9    B G 18 ? ? C4    B G 18 ? ? C5    B G 18 ? ? 107.82 105.40 2.42  0.40 N 
63 1 N3    B G 18 ? ? C2    B G 18 ? ? N2    B G 18 ? ? 112.45 119.90 -7.45 0.70 N 
64 1 N1    B G 18 ? ? C6    B G 18 ? ? O6    B G 18 ? ? 115.39 119.90 -4.51 0.60 N 
65 1 C5    B G 18 ? ? C6    B G 18 ? ? O6    B G 18 ? ? 133.55 128.60 4.95  0.60 N 
66 1 "O4'" B C 19 ? ? "C1'" B C 19 ? ? N1    B C 19 ? ? 114.96 108.50 6.46  0.70 N 
# 
_pdbx_nmr_ensemble.entry_id                             2BJ2 
_pdbx_nmr_ensemble.conformers_calculated_total_number   80 
_pdbx_nmr_ensemble.conformers_submitted_total_number    1 
_pdbx_nmr_ensemble.conformer_selection_criteria         'NO EXPERIMENTAL DATA VIOLATIONS' 
# 
_pdbx_nmr_representative.entry_id             2BJ2 
_pdbx_nmr_representative.conformer_id         1 
_pdbx_nmr_representative.selection_criteria   ? 
# 
_pdbx_nmr_sample_details.solution_id   1 
_pdbx_nmr_sample_details.contents      H2O 
# 
_pdbx_nmr_exptl_sample_conditions.conditions_id       1 
_pdbx_nmr_exptl_sample_conditions.temperature         308 
_pdbx_nmr_exptl_sample_conditions.pressure            1 
_pdbx_nmr_exptl_sample_conditions.pH                  6.5 
_pdbx_nmr_exptl_sample_conditions.ionic_strength      '25 mM' 
_pdbx_nmr_exptl_sample_conditions.pressure_units      atm 
_pdbx_nmr_exptl_sample_conditions.temperature_units   K 
# 
loop_
_pdbx_nmr_exptl.experiment_id 
_pdbx_nmr_exptl.conditions_id 
_pdbx_nmr_exptl.type 
_pdbx_nmr_exptl.solution_id 
1  1 NOESY                    1 
2  1 DQF-COSY                 1 
3  1 '15N/14N SELECTED NOESY' 1 
4  1 '13C/12C SELECTED NOESY' 1 
5  1 HCCH-COSY                1 
6  1 HCCH-COSY                1 
7  1 31P                      1 
8  1 MQHCN                    1 
9  1 13C-HMQC                 1 
10 1 15N-HMQC                 1 
# 
_pdbx_nmr_details.entry_id   2BJ2 
_pdbx_nmr_details.text       
'THE STRUCTURE WAS DETERMINED USING DOUBLE AND TRIPLE RESONANCE NMR SPECTROSCOPY ON 13C, 15N LABELED RNA.' 
# 
_pdbx_nmr_refine.entry_id           2BJ2 
_pdbx_nmr_refine.method             'TORSION ANGLE MOLECULAR DYNAMICS' 
_pdbx_nmr_refine.details            ? 
_pdbx_nmr_refine.software_ordinal   1 
# 
loop_
_pdbx_nmr_software.classification 
_pdbx_nmr_software.name 
_pdbx_nmr_software.version 
_pdbx_nmr_software.authors 
_pdbx_nmr_software.ordinal 
refinement           X-PLOR 3.851 BRUNGER 1 
'structure solution' X-PLOR ?     ?       2 
# 
loop_
_chem_comp_atom.comp_id 
_chem_comp_atom.atom_id 
_chem_comp_atom.type_symbol 
_chem_comp_atom.pdbx_aromatic_flag 
_chem_comp_atom.pdbx_stereo_config 
_chem_comp_atom.pdbx_ordinal 
A OP3    O N N 1   
A P      P N N 2   
A OP1    O N N 3   
A OP2    O N N 4   
A "O5'"  O N N 5   
A "C5'"  C N N 6   
A "C4'"  C N R 7   
A "O4'"  O N N 8   
A "C3'"  C N S 9   
A "O3'"  O N N 10  
A "C2'"  C N R 11  
A "O2'"  O N N 12  
A "C1'"  C N R 13  
A N9     N Y N 14  
A C8     C Y N 15  
A N7     N Y N 16  
A C5     C Y N 17  
A C6     C Y N 18  
A N6     N N N 19  
A N1     N Y N 20  
A C2     C Y N 21  
A N3     N Y N 22  
A C4     C Y N 23  
A HOP3   H N N 24  
A HOP2   H N N 25  
A "H5'"  H N N 26  
A "H5''" H N N 27  
A "H4'"  H N N 28  
A "H3'"  H N N 29  
A "HO3'" H N N 30  
A "H2'"  H N N 31  
A "HO2'" H N N 32  
A "H1'"  H N N 33  
A H8     H N N 34  
A H61    H N N 35  
A H62    H N N 36  
A H2     H N N 37  
C OP3    O N N 38  
C P      P N N 39  
C OP1    O N N 40  
C OP2    O N N 41  
C "O5'"  O N N 42  
C "C5'"  C N N 43  
C "C4'"  C N R 44  
C "O4'"  O N N 45  
C "C3'"  C N S 46  
C "O3'"  O N N 47  
C "C2'"  C N R 48  
C "O2'"  O N N 49  
C "C1'"  C N R 50  
C N1     N N N 51  
C C2     C N N 52  
C O2     O N N 53  
C N3     N N N 54  
C C4     C N N 55  
C N4     N N N 56  
C C5     C N N 57  
C C6     C N N 58  
C HOP3   H N N 59  
C HOP2   H N N 60  
C "H5'"  H N N 61  
C "H5''" H N N 62  
C "H4'"  H N N 63  
C "H3'"  H N N 64  
C "HO3'" H N N 65  
C "H2'"  H N N 66  
C "HO2'" H N N 67  
C "H1'"  H N N 68  
C H41    H N N 69  
C H42    H N N 70  
C H5     H N N 71  
C H6     H N N 72  
G OP3    O N N 73  
G P      P N N 74  
G OP1    O N N 75  
G OP2    O N N 76  
G "O5'"  O N N 77  
G "C5'"  C N N 78  
G "C4'"  C N R 79  
G "O4'"  O N N 80  
G "C3'"  C N S 81  
G "O3'"  O N N 82  
G "C2'"  C N R 83  
G "O2'"  O N N 84  
G "C1'"  C N R 85  
G N9     N Y N 86  
G C8     C Y N 87  
G N7     N Y N 88  
G C5     C Y N 89  
G C6     C N N 90  
G O6     O N N 91  
G N1     N N N 92  
G C2     C N N 93  
G N2     N N N 94  
G N3     N N N 95  
G C4     C Y N 96  
G HOP3   H N N 97  
G HOP2   H N N 98  
G "H5'"  H N N 99  
G "H5''" H N N 100 
G "H4'"  H N N 101 
G "H3'"  H N N 102 
G "HO3'" H N N 103 
G "H2'"  H N N 104 
G "HO2'" H N N 105 
G "H1'"  H N N 106 
G H8     H N N 107 
G H1     H N N 108 
G H21    H N N 109 
G H22    H N N 110 
U OP3    O N N 111 
U P      P N N 112 
U OP1    O N N 113 
U OP2    O N N 114 
U "O5'"  O N N 115 
U "C5'"  C N N 116 
U "C4'"  C N R 117 
U "O4'"  O N N 118 
U "C3'"  C N S 119 
U "O3'"  O N N 120 
U "C2'"  C N R 121 
U "O2'"  O N N 122 
U "C1'"  C N R 123 
U N1     N N N 124 
U C2     C N N 125 
U O2     O N N 126 
U N3     N N N 127 
U C4     C N N 128 
U O4     O N N 129 
U C5     C N N 130 
U C6     C N N 131 
U HOP3   H N N 132 
U HOP2   H N N 133 
U "H5'"  H N N 134 
U "H5''" H N N 135 
U "H4'"  H N N 136 
U "H3'"  H N N 137 
U "HO3'" H N N 138 
U "H2'"  H N N 139 
U "HO2'" H N N 140 
U "H1'"  H N N 141 
U H3     H N N 142 
U H5     H N N 143 
U H6     H N N 144 
# 
loop_
_chem_comp_bond.comp_id 
_chem_comp_bond.atom_id_1 
_chem_comp_bond.atom_id_2 
_chem_comp_bond.value_order 
_chem_comp_bond.pdbx_aromatic_flag 
_chem_comp_bond.pdbx_stereo_config 
_chem_comp_bond.pdbx_ordinal 
A OP3   P      sing N N 1   
A OP3   HOP3   sing N N 2   
A P     OP1    doub N N 3   
A P     OP2    sing N N 4   
A P     "O5'"  sing N N 5   
A OP2   HOP2   sing N N 6   
A "O5'" "C5'"  sing N N 7   
A "C5'" "C4'"  sing N N 8   
A "C5'" "H5'"  sing N N 9   
A "C5'" "H5''" sing N N 10  
A "C4'" "O4'"  sing N N 11  
A "C4'" "C3'"  sing N N 12  
A "C4'" "H4'"  sing N N 13  
A "O4'" "C1'"  sing N N 14  
A "C3'" "O3'"  sing N N 15  
A "C3'" "C2'"  sing N N 16  
A "C3'" "H3'"  sing N N 17  
A "O3'" "HO3'" sing N N 18  
A "C2'" "O2'"  sing N N 19  
A "C2'" "C1'"  sing N N 20  
A "C2'" "H2'"  sing N N 21  
A "O2'" "HO2'" sing N N 22  
A "C1'" N9     sing N N 23  
A "C1'" "H1'"  sing N N 24  
A N9    C8     sing Y N 25  
A N9    C4     sing Y N 26  
A C8    N7     doub Y N 27  
A C8    H8     sing N N 28  
A N7    C5     sing Y N 29  
A C5    C6     sing Y N 30  
A C5    C4     doub Y N 31  
A C6    N6     sing N N 32  
A C6    N1     doub Y N 33  
A N6    H61    sing N N 34  
A N6    H62    sing N N 35  
A N1    C2     sing Y N 36  
A C2    N3     doub Y N 37  
A C2    H2     sing N N 38  
A N3    C4     sing Y N 39  
C OP3   P      sing N N 40  
C OP3   HOP3   sing N N 41  
C P     OP1    doub N N 42  
C P     OP2    sing N N 43  
C P     "O5'"  sing N N 44  
C OP2   HOP2   sing N N 45  
C "O5'" "C5'"  sing N N 46  
C "C5'" "C4'"  sing N N 47  
C "C5'" "H5'"  sing N N 48  
C "C5'" "H5''" sing N N 49  
C "C4'" "O4'"  sing N N 50  
C "C4'" "C3'"  sing N N 51  
C "C4'" "H4'"  sing N N 52  
C "O4'" "C1'"  sing N N 53  
C "C3'" "O3'"  sing N N 54  
C "C3'" "C2'"  sing N N 55  
C "C3'" "H3'"  sing N N 56  
C "O3'" "HO3'" sing N N 57  
C "C2'" "O2'"  sing N N 58  
C "C2'" "C1'"  sing N N 59  
C "C2'" "H2'"  sing N N 60  
C "O2'" "HO2'" sing N N 61  
C "C1'" N1     sing N N 62  
C "C1'" "H1'"  sing N N 63  
C N1    C2     sing N N 64  
C N1    C6     sing N N 65  
C C2    O2     doub N N 66  
C C2    N3     sing N N 67  
C N3    C4     doub N N 68  
C C4    N4     sing N N 69  
C C4    C5     sing N N 70  
C N4    H41    sing N N 71  
C N4    H42    sing N N 72  
C C5    C6     doub N N 73  
C C5    H5     sing N N 74  
C C6    H6     sing N N 75  
G OP3   P      sing N N 76  
G OP3   HOP3   sing N N 77  
G P     OP1    doub N N 78  
G P     OP2    sing N N 79  
G P     "O5'"  sing N N 80  
G OP2   HOP2   sing N N 81  
G "O5'" "C5'"  sing N N 82  
G "C5'" "C4'"  sing N N 83  
G "C5'" "H5'"  sing N N 84  
G "C5'" "H5''" sing N N 85  
G "C4'" "O4'"  sing N N 86  
G "C4'" "C3'"  sing N N 87  
G "C4'" "H4'"  sing N N 88  
G "O4'" "C1'"  sing N N 89  
G "C3'" "O3'"  sing N N 90  
G "C3'" "C2'"  sing N N 91  
G "C3'" "H3'"  sing N N 92  
G "O3'" "HO3'" sing N N 93  
G "C2'" "O2'"  sing N N 94  
G "C2'" "C1'"  sing N N 95  
G "C2'" "H2'"  sing N N 96  
G "O2'" "HO2'" sing N N 97  
G "C1'" N9     sing N N 98  
G "C1'" "H1'"  sing N N 99  
G N9    C8     sing Y N 100 
G N9    C4     sing Y N 101 
G C8    N7     doub Y N 102 
G C8    H8     sing N N 103 
G N7    C5     sing Y N 104 
G C5    C6     sing N N 105 
G C5    C4     doub Y N 106 
G C6    O6     doub N N 107 
G C6    N1     sing N N 108 
G N1    C2     sing N N 109 
G N1    H1     sing N N 110 
G C2    N2     sing N N 111 
G C2    N3     doub N N 112 
G N2    H21    sing N N 113 
G N2    H22    sing N N 114 
G N3    C4     sing N N 115 
U OP3   P      sing N N 116 
U OP3   HOP3   sing N N 117 
U P     OP1    doub N N 118 
U P     OP2    sing N N 119 
U P     "O5'"  sing N N 120 
U OP2   HOP2   sing N N 121 
U "O5'" "C5'"  sing N N 122 
U "C5'" "C4'"  sing N N 123 
U "C5'" "H5'"  sing N N 124 
U "C5'" "H5''" sing N N 125 
U "C4'" "O4'"  sing N N 126 
U "C4'" "C3'"  sing N N 127 
U "C4'" "H4'"  sing N N 128 
U "O4'" "C1'"  sing N N 129 
U "C3'" "O3'"  sing N N 130 
U "C3'" "C2'"  sing N N 131 
U "C3'" "H3'"  sing N N 132 
U "O3'" "HO3'" sing N N 133 
U "C2'" "O2'"  sing N N 134 
U "C2'" "C1'"  sing N N 135 
U "C2'" "H2'"  sing N N 136 
U "O2'" "HO2'" sing N N 137 
U "C1'" N1     sing N N 138 
U "C1'" "H1'"  sing N N 139 
U N1    C2     sing N N 140 
U N1    C6     sing N N 141 
U C2    O2     doub N N 142 
U C2    N3     sing N N 143 
U N3    C4     sing N N 144 
U N3    H3     sing N N 145 
U C4    O4     doub N N 146 
U C4    C5     sing N N 147 
U C5    C6     doub N N 148 
U C5    H5     sing N N 149 
U C6    H6     sing N N 150 
# 
loop_
_ndb_struct_conf_na.entry_id 
_ndb_struct_conf_na.feature 
2BJ2 'double helix'        
2BJ2 'a-form double helix' 
# 
loop_
_ndb_struct_na_base_pair.model_number 
_ndb_struct_na_base_pair.i_label_asym_id 
_ndb_struct_na_base_pair.i_label_comp_id 
_ndb_struct_na_base_pair.i_label_seq_id 
_ndb_struct_na_base_pair.i_symmetry 
_ndb_struct_na_base_pair.j_label_asym_id 
_ndb_struct_na_base_pair.j_label_comp_id 
_ndb_struct_na_base_pair.j_label_seq_id 
_ndb_struct_na_base_pair.j_symmetry 
_ndb_struct_na_base_pair.shear 
_ndb_struct_na_base_pair.stretch 
_ndb_struct_na_base_pair.stagger 
_ndb_struct_na_base_pair.buckle 
_ndb_struct_na_base_pair.propeller 
_ndb_struct_na_base_pair.opening 
_ndb_struct_na_base_pair.pair_number 
_ndb_struct_na_base_pair.pair_name 
_ndb_struct_na_base_pair.i_auth_asym_id 
_ndb_struct_na_base_pair.i_auth_seq_id 
_ndb_struct_na_base_pair.i_PDB_ins_code 
_ndb_struct_na_base_pair.j_auth_asym_id 
_ndb_struct_na_base_pair.j_auth_seq_id 
_ndb_struct_na_base_pair.j_PDB_ins_code 
_ndb_struct_na_base_pair.hbond_type_28 
_ndb_struct_na_base_pair.hbond_type_12 
1 A G 1  1_555 A C 21 1_555 -0.037 -0.225 -0.767 -6.287  0.634   -1.370 1  A_G1:C21_A  A 1  ? A 21 ? 19 1 
1 A G 2  1_555 A C 20 1_555 -0.760 -0.247 -0.058 -0.561  -1.984  1.060  2  A_G2:C20_A  A 2  ? A 20 ? 19 1 
1 A C 3  1_555 A G 19 1_555 0.666  -0.264 0.294  -8.872  -0.352  -0.631 3  A_C3:G19_A  A 3  ? A 19 ? 19 1 
1 A A 4  1_555 A U 18 1_555 -0.131 -0.127 0.654  21.513  -3.786  3.028  4  A_A4:U18_A  A 4  ? A 18 ? 20 1 
1 A A 5  1_555 A U 17 1_555 -0.115 -0.173 -0.269 14.676  -13.274 2.581  5  A_A5:U17_A  A 5  ? A 17 ? 20 1 
1 A C 6  1_555 A G 16 1_555 0.701  -0.384 -0.197 -3.364  -9.720  -0.833 6  A_C6:G16_A  A 6  ? A 16 ? 19 1 
1 A G 7  1_555 A C 15 1_555 -0.485 -0.268 0.025  -8.424  -5.519  -1.883 7  A_G7:C15_A  A 7  ? A 15 ? 19 1 
1 B A 7  1_555 A U 14 1_555 -0.078 -0.118 0.249  11.407  -7.791  -2.925 8  B_A7:U14_A  B 7  ? A 14 ? 20 1 
1 B A 8  1_555 A U 13 1_555 -0.018 0.023  0.371  26.016  2.217   5.219  9  B_A8:U13_A  B 8  ? A 13 ? 20 1 
1 B C 9  1_555 A G 12 1_555 1.024  -0.349 -0.645 15.065  -21.534 4.966  10 B_C9:G12_A  B 9  ? A 12 ? 19 1 
1 B C 10 1_555 A G 11 1_555 0.515  -0.199 -0.085 -5.092  -2.714  -0.949 11 B_C10:G11_A B 10 ? A 11 ? 19 1 
1 B A 11 1_555 A U 10 1_555 -0.028 -0.138 -0.105 -2.701  -12.103 1.593  12 B_A11:U10_A B 11 ? A 10 ? 20 1 
1 B U 12 1_555 A A 9  1_555 0.018  -0.185 -0.181 -12.783 -10.613 -0.534 13 B_U12:A9_A  B 12 ? A 9  ? 20 1 
1 B C 13 1_555 A G 8  1_555 0.402  -0.221 0.122  -10.204 4.463   -1.131 14 B_C13:G8_A  B 13 ? A 8  ? 19 1 
1 B C 14 1_555 B G 6  1_555 -0.013 -0.156 0.142  -4.614  5.105   -3.148 15 B_C14:G6_B  B 14 ? B 6  ? 19 1 
1 B G 15 1_555 B C 5  1_555 -0.674 -0.323 0.206  8.213   -6.240  -1.959 16 B_G15:C5_B  B 15 ? B 5  ? 19 1 
1 B G 16 1_555 B C 4  1_555 -0.738 -0.308 -0.199 0.614   -14.271 2.794  17 B_G16:C4_B  B 16 ? B 4  ? 19 1 
1 B U 17 1_555 B A 3  1_555 0.154  -0.105 0.108  -16.845 -12.540 1.547  18 B_U17:A3_B  B 17 ? B 3  ? 20 1 
1 B G 18 1_555 B C 2  1_555 -0.363 -0.063 0.276  13.186  14.272  1.999  19 B_G18:C2_B  B 18 ? B 2  ? 19 1 
1 B C 19 1_555 B G 1  1_555 0.520  -0.121 0.199  -13.984 12.843  0.959  20 B_C19:G1_B  B 19 ? B 1  ? 19 1 
# 
loop_
_ndb_struct_na_base_pair_step.model_number 
_ndb_struct_na_base_pair_step.i_label_asym_id_1 
_ndb_struct_na_base_pair_step.i_label_comp_id_1 
_ndb_struct_na_base_pair_step.i_label_seq_id_1 
_ndb_struct_na_base_pair_step.i_symmetry_1 
_ndb_struct_na_base_pair_step.j_label_asym_id_1 
_ndb_struct_na_base_pair_step.j_label_comp_id_1 
_ndb_struct_na_base_pair_step.j_label_seq_id_1 
_ndb_struct_na_base_pair_step.j_symmetry_1 
_ndb_struct_na_base_pair_step.i_label_asym_id_2 
_ndb_struct_na_base_pair_step.i_label_comp_id_2 
_ndb_struct_na_base_pair_step.i_label_seq_id_2 
_ndb_struct_na_base_pair_step.i_symmetry_2 
_ndb_struct_na_base_pair_step.j_label_asym_id_2 
_ndb_struct_na_base_pair_step.j_label_comp_id_2 
_ndb_struct_na_base_pair_step.j_label_seq_id_2 
_ndb_struct_na_base_pair_step.j_symmetry_2 
_ndb_struct_na_base_pair_step.shift 
_ndb_struct_na_base_pair_step.slide 
_ndb_struct_na_base_pair_step.rise 
_ndb_struct_na_base_pair_step.tilt 
_ndb_struct_na_base_pair_step.roll 
_ndb_struct_na_base_pair_step.twist 
_ndb_struct_na_base_pair_step.x_displacement 
_ndb_struct_na_base_pair_step.y_displacement 
_ndb_struct_na_base_pair_step.helical_rise 
_ndb_struct_na_base_pair_step.inclination 
_ndb_struct_na_base_pair_step.tip 
_ndb_struct_na_base_pair_step.helical_twist 
_ndb_struct_na_base_pair_step.step_number 
_ndb_struct_na_base_pair_step.step_name 
_ndb_struct_na_base_pair_step.i_auth_asym_id_1 
_ndb_struct_na_base_pair_step.i_auth_seq_id_1 
_ndb_struct_na_base_pair_step.i_PDB_ins_code_1 
_ndb_struct_na_base_pair_step.j_auth_asym_id_1 
_ndb_struct_na_base_pair_step.j_auth_seq_id_1 
_ndb_struct_na_base_pair_step.j_PDB_ins_code_1 
_ndb_struct_na_base_pair_step.i_auth_asym_id_2 
_ndb_struct_na_base_pair_step.i_auth_seq_id_2 
_ndb_struct_na_base_pair_step.i_PDB_ins_code_2 
_ndb_struct_na_base_pair_step.j_auth_asym_id_2 
_ndb_struct_na_base_pair_step.j_auth_seq_id_2 
_ndb_struct_na_base_pair_step.j_PDB_ins_code_2 
1 A G 1  1_555 A C 21 1_555 A G 2  1_555 A C 20 1_555 -0.017 -2.037 3.410 -4.011 -1.379  28.323 -3.789 -0.925 3.472 -2.798  8.139 
28.633 1  AA_G1G2:C20C21_AA   A 1  ? A 21 ? A 2  ? A 20 ? 
1 A G 2  1_555 A C 20 1_555 A C 3  1_555 A G 19 1_555 0.097  -2.420 3.373 0.912  12.256  30.135 -6.243 -0.030 2.245 22.435  -1.669 
32.491 2  AA_G2C3:G19C20_AA   A 2  ? A 20 ? A 3  ? A 19 ? 
1 A C 3  1_555 A G 19 1_555 A A 4  1_555 A U 18 1_555 0.238  -1.591 2.286 -0.873 1.108   23.848 -4.091 -0.771 2.201 2.679   2.111 
23.889 3  AA_C3A4:U18G19_AA   A 3  ? A 19 ? A 4  ? A 18 ? 
1 A A 4  1_555 A U 18 1_555 A A 5  1_555 A U 17 1_555 0.037  -2.037 3.503 5.045  2.903   28.183 -4.779 1.103  3.238 5.883   
-10.222 28.766 4  AA_A4A5:U17U18_AA   A 4  ? A 18 ? A 5  ? A 17 ? 
1 A A 5  1_555 A U 17 1_555 A C 6  1_555 A G 16 1_555 -0.143 -2.077 3.670 -1.287 7.829   34.599 -4.620 0.036  3.143 12.953  2.129 
35.470 5  AA_A5C6:G16U17_AA   A 5  ? A 17 ? A 6  ? A 16 ? 
1 A C 6  1_555 A G 16 1_555 A G 7  1_555 A C 15 1_555 -0.136 -2.080 3.870 2.467  -2.904  24.988 -3.724 1.185  4.049 -6.662  -5.659 
25.272 6  AA_C6G7:C15G16_AA   A 6  ? A 16 ? A 7  ? A 15 ? 
1 A G 7  1_555 A C 15 1_555 B A 7  1_555 A U 14 1_555 -0.229 -1.748 3.231 0.588  -13.634 27.473 -0.307 0.563  3.665 -26.720 -1.153 
30.617 7  AB_G7A7:U14C15_AA   A 7  ? A 15 ? B 7  ? A 14 ? 
1 B A 7  1_555 A U 14 1_555 B A 8  1_555 A U 13 1_555 -0.353 -2.387 2.685 -6.867 4.802   29.193 -5.309 -0.398 2.294 9.288   13.282 
30.347 8  BB_A7A8:U13U14_AA   B 7  ? A 14 ? B 8  ? A 13 ? 
1 B A 8  1_555 A U 13 1_555 B C 9  1_555 A G 12 1_555 -0.471 -1.466 3.665 8.200  15.315  34.607 -4.147 1.746  2.637 23.967  
-12.832 38.602 9  BB_A8C9:G12U13_AA   B 8  ? A 13 ? B 9  ? A 12 ? 
1 B C 9  1_555 A G 12 1_555 B C 10 1_555 A G 11 1_555 -0.467 -1.841 3.632 -0.919 24.913  32.431 -5.241 0.576  1.830 38.339  1.414 
40.701 10 BB_C9C10:G11G12_AA  B 9  ? A 12 ? B 10 ? A 11 ? 
1 B C 10 1_555 A G 11 1_555 B A 11 1_555 A U 10 1_555 0.519  -0.582 3.128 1.307  22.653  26.936 -4.047 -0.683 2.067 40.676  -2.346 
35.084 11 BB_C10A11:U10G11_AA B 10 ? A 11 ? B 11 ? A 10 ? 
1 B A 11 1_555 A U 10 1_555 B U 12 1_555 A A 9  1_555 1.047  -1.346 3.335 3.150  14.208  39.338 -3.322 -1.147 2.780 20.282  -4.496 
41.844 12 BB_A11U12:A9U10_AA  B 11 ? A 10 ? B 12 ? A 9  ? 
1 B U 12 1_555 A A 9  1_555 B C 13 1_555 A G 8  1_555 -0.190 -2.022 3.152 -2.973 4.438   29.774 -4.704 -0.191 2.833 8.550   5.728 
30.239 13 BB_U12C13:G8A9_AA   B 12 ? A 9  ? B 13 ? A 8  ? 
1 B C 13 1_555 A G 8  1_555 B C 14 1_555 B G 6  1_555 -0.381 -2.617 3.104 -3.385 3.508   27.170 -6.260 0.052  2.777 7.392   7.133 
27.596 14 BB_C13C14:G6G8_BA   B 13 ? A 8  ? B 14 ? B 6  ? 
1 B C 14 1_555 B G 6  1_555 B G 15 1_555 B C 5  1_555 0.518  -1.752 3.346 -0.257 -5.604  21.662 -2.244 -1.440 3.669 -14.597 0.671 
22.368 15 BB_C14G15:C5G6_BB   B 14 ? B 6  ? B 15 ? B 5  ? 
1 B G 15 1_555 B C 5  1_555 B G 16 1_555 B C 4  1_555 0.238  -2.545 3.388 0.411  9.306   28.379 -6.716 -0.384 2.451 18.367  -0.810 
29.838 16 BB_G15G16:C4C5_BB   B 15 ? B 5  ? B 16 ? B 4  ? 
1 B G 16 1_555 B C 4  1_555 B U 17 1_555 B A 3  1_555 -0.220 -1.910 3.647 -0.236 9.306   34.214 -4.564 0.326  3.041 15.467  0.393 
35.421 17 BB_G16U17:A3C4_BB   B 16 ? B 4  ? B 17 ? B 3  ? 
1 B U 17 1_555 B A 3  1_555 B G 18 1_555 B C 2  1_555 -0.206 -0.841 2.717 -4.010 0.471   27.666 -1.834 -0.367 2.705 0.978   8.329 
27.954 18 BB_U17G18:C2A3_BB   B 17 ? B 3  ? B 18 ? B 2  ? 
1 B G 18 1_555 B C 2  1_555 B C 19 1_555 B G 1  1_555 0.183  -2.430 4.178 0.156  34.225  21.807 -6.989 -0.250 0.256 58.434  -0.266 
40.406 19 BB_G18C19:G1C2_BB   B 18 ? B 2  ? B 19 ? B 1  ? 
# 
loop_
_pdbx_nmr_spectrometer.spectrometer_id 
_pdbx_nmr_spectrometer.model 
_pdbx_nmr_spectrometer.manufacturer 
_pdbx_nmr_spectrometer.field_strength 
1 UNITY Varian 500 
2 UNITY GE     600 
3 OMEGA GE     600 
# 
_atom_sites.entry_id                    2BJ2 
_atom_sites.fract_transf_matrix[1][1]   1.000000 
_atom_sites.fract_transf_matrix[1][2]   0.000000 
_atom_sites.fract_transf_matrix[1][3]   0.000000 
_atom_sites.fract_transf_matrix[2][1]   0.000000 
_atom_sites.fract_transf_matrix[2][2]   1.000000 
_atom_sites.fract_transf_matrix[2][3]   0.000000 
_atom_sites.fract_transf_matrix[3][1]   0.000000 
_atom_sites.fract_transf_matrix[3][2]   0.000000 
_atom_sites.fract_transf_matrix[3][3]   1.000000 
_atom_sites.fract_transf_vector[1]      0.00000 
_atom_sites.fract_transf_vector[2]      0.00000 
_atom_sites.fract_transf_vector[3]      0.00000 
# 
loop_
_atom_type.symbol 
C 
H 
N 
O 
P 
# 
loop_
_atom_site.group_PDB 
_atom_site.id 
_atom_site.type_symbol 
_atom_site.label_atom_id 
_atom_site.label_alt_id 
_atom_site.label_comp_id 
_atom_site.label_asym_id 
_atom_site.label_entity_id 
_atom_site.label_seq_id 
_atom_site.pdbx_PDB_ins_code 
_atom_site.Cartn_x 
_atom_site.Cartn_y 
_atom_site.Cartn_z 
_atom_site.occupancy 
_atom_site.B_iso_or_equiv 
_atom_site.pdbx_formal_charge 
_atom_site.auth_seq_id 
_atom_site.auth_comp_id 
_atom_site.auth_asym_id 
_atom_site.auth_atom_id 
_atom_site.pdbx_PDB_model_num 
ATOM 1    O "O5'"  . G A 1 1  ? 17.592  21.298  2.172   1.00 4.02 ? 1  G A "O5'"  1 
ATOM 2    C "C5'"  . G A 1 1  ? 19.009  21.527  2.217   1.00 4.15 ? 1  G A "C5'"  1 
ATOM 3    C "C4'"  . G A 1 1  ? 19.597  21.017  3.527   1.00 4.12 ? 1  G A "C4'"  1 
ATOM 4    O "O4'"  . G A 1 1  ? 18.921  21.726  4.610   1.00 4.13 ? 1  G A "O4'"  1 
ATOM 5    C "C3'"  . G A 1 1  ? 19.352  19.544  3.843   1.00 3.87 ? 1  G A "C3'"  1 
ATOM 6    O "O3'"  . G A 1 1  ? 20.182  18.667  3.055   1.00 3.93 ? 1  G A "O3'"  1 
ATOM 7    C "C2'"  . G A 1 1  ? 19.535  19.555  5.368   1.00 3.91 ? 1  G A "C2'"  1 
ATOM 8    O "O2'"  . G A 1 1  ? 20.842  19.360  5.905   1.00 4.15 ? 1  G A "O2'"  1 
ATOM 9    C "C1'"  . G A 1 1  ? 19.025  20.950  5.787   1.00 4.01 ? 1  G A "C1'"  1 
ATOM 10   N N9     . G A 1 1  ? 17.744  20.853  6.501   1.00 3.75 ? 1  G A N9     1 
ATOM 11   C C8     . G A 1 1  ? 16.490  21.272  6.121   1.00 3.59 ? 1  G A C8     1 
ATOM 12   N N7     . G A 1 1  ? 15.571  20.993  7.007   1.00 3.43 ? 1  G A N7     1 
ATOM 13   C C5     . G A 1 1  ? 16.260  20.350  8.047   1.00 3.47 ? 1  G A C5     1 
ATOM 14   C C6     . G A 1 1  ? 15.842  19.788  9.299   1.00 3.40 ? 1  G A C6     1 
ATOM 15   O O6     . G A 1 1  ? 14.731  19.704  9.834   1.00 3.27 ? 1  G A O6     1 
ATOM 16   N N1     . G A 1 1  ? 16.894  19.248  10.007  1.00 3.55 ? 1  G A N1     1 
ATOM 17   C C2     . G A 1 1  ? 18.161  19.260  9.561   1.00 3.76 ? 1  G A C2     1 
ATOM 18   N N2     . G A 1 1  ? 19.079  18.739  10.306  1.00 3.95 ? 1  G A N2     1 
ATOM 19   N N3     . G A 1 1  ? 18.618  19.745  8.449   1.00 3.84 ? 1  G A N3     1 
ATOM 20   C C4     . G A 1 1  ? 17.602  20.276  7.735   1.00 3.68 ? 1  G A C4     1 
ATOM 21   H "H5'"  . G A 1 1  ? 19.195  22.599  2.130   1.00 4.37 ? 1  G A "H5'"  1 
ATOM 22   H "H5''" . G A 1 1  ? 19.510  21.029  1.386   1.00 4.14 ? 1  G A "H5''" 1 
ATOM 23   H "H4'"  . G A 1 1  ? 20.677  21.167  3.519   1.00 4.32 ? 1  G A "H4'"  1 
ATOM 24   H "H3'"  . G A 1 1  ? 18.309  19.304  3.612   1.00 3.70 ? 1  G A "H3'"  1 
ATOM 25   H "H2'"  . G A 1 1  ? 18.804  18.820  5.701   1.00 3.73 ? 1  G A "H2'"  1 
ATOM 26   H "HO2'" . G A 1 1  ? 20.763  18.692  6.600   1.00 4.21 ? 1  G A "HO2'" 1 
ATOM 27   H "H1'"  . G A 1 1  ? 19.750  21.467  6.430   1.00 4.28 ? 1  G A "H1'"  1 
ATOM 28   H H8     . G A 1 1  ? 16.294  21.777  5.188   1.00 3.63 ? 1  G A H8     1 
ATOM 29   H H1     . G A 1 1  ? 16.675  18.820  10.901  1.00 3.55 ? 1  G A H1     1 
ATOM 30   H H21    . G A 1 1  ? 18.872  18.298  11.189  1.00 3.93 ? 1  G A H21    1 
ATOM 31   H H22    . G A 1 1  ? 19.979  18.810  9.882   1.00 4.13 ? 1  G A H22    1 
ATOM 32   H "HO5'" . G A 1 1  ? 17.270  21.468  3.068   1.00 4.53 ? 1  G A "HO5'" 1 
ATOM 33   P P      . G A 1 2  ? 19.864  17.096  2.868   1.00 3.74 ? 2  G A P      1 
ATOM 34   O OP1    . G A 1 2  ? 20.808  16.530  1.873   1.00 4.01 ? 2  G A OP1    1 
ATOM 35   O OP2    . G A 1 2  ? 18.402  16.975  2.618   1.00 3.44 ? 2  G A OP2    1 
ATOM 36   O "O5'"  . G A 1 2  ? 20.251  16.494  4.287   1.00 3.69 ? 2  G A "O5'"  1 
ATOM 37   C "C5'"  . G A 1 2  ? 21.610  16.428  4.747   1.00 3.97 ? 2  G A "C5'"  1 
ATOM 38   C "C4'"  . G A 1 2  ? 21.643  15.848  6.146   1.00 3.88 ? 2  G A "C4'"  1 
ATOM 39   O "O4'"  . G A 1 2  ? 20.833  16.666  7.047   1.00 3.72 ? 2  G A "O4'"  1 
ATOM 40   C "C3'"  . G A 1 2  ? 21.028  14.454  6.275   1.00 3.70 ? 2  G A "C3'"  1 
ATOM 41   O "O3'"  . G A 1 2  ? 21.869  13.454  5.664   1.00 3.88 ? 2  G A "O3'"  1 
ATOM 42   C "C2'"  . G A 1 2  ? 20.854  14.388  7.799   1.00 3.61 ? 2  G A "C2'"  1 
ATOM 43   O "O2'"  . G A 1 2  ? 22.072  14.224  8.535   1.00 3.82 ? 2  G A "O2'"  1 
ATOM 44   C "C1'"  . G A 1 2  ? 20.313  15.808  8.050   1.00 3.57 ? 2  G A "C1'"  1 
ATOM 45   N N9     . G A 1 2  ? 18.842  15.929  8.075   1.00 3.29 ? 2  G A N9     1 
ATOM 46   C C8     . G A 1 2  ? 17.988  16.470  7.143   1.00 3.18 ? 2  G A C8     1 
ATOM 47   N N7     . G A 1 2  ? 16.733  16.425  7.493   1.00 2.94 ? 2  G A N7     1 
ATOM 48   C C5     . G A 1 2  ? 16.738  15.804  8.749   1.00 2.87 ? 2  G A C5     1 
ATOM 49   C C6     . G A 1 2  ? 15.691  15.448  9.674   1.00 2.66 ? 2  G A C6     1 
ATOM 50   O O6     . G A 1 2  ? 14.462  15.596  9.636   1.00 2.46 ? 2  G A O6     1 
ATOM 51   N N1     . G A 1 2  ? 16.196  14.830  10.797  1.00 2.73 ? 2  G A N1     1 
ATOM 52   C C2     . G A 1 2  ? 17.511  14.605  10.980  1.00 2.97 ? 2  G A C2     1 
ATOM 53   N N2     . G A 1 2  ? 17.886  14.014  12.065  1.00 3.05 ? 2  G A N2     1 
ATOM 54   N N3     . G A 1 2  ? 18.503  14.896  10.206  1.00 3.16 ? 2  G A N3     1 
ATOM 55   C C4     . G A 1 2  ? 18.041  15.498  9.100   1.00 3.10 ? 2  G A C4     1 
ATOM 56   H "H5'"  . G A 1 2  ? 22.069  17.416  4.753   1.00 4.14 ? 2  G A "H5'"  1 
ATOM 57   H "H5''" . G A 1 2  ? 22.203  15.781  4.095   1.00 4.11 ? 2  G A "H5''" 1 
ATOM 58   H "H4'"  . G A 1 2  ? 22.687  15.751  6.446   1.00 4.11 ? 2  G A "H4'"  1 
ATOM 59   H "H3'"  . G A 1 2  ? 20.058  14.422  5.781   1.00 3.52 ? 2  G A "H3'"  1 
ATOM 60   H "H2'"  . G A 1 2  ? 20.076  13.647  8.015   1.00 3.42 ? 2  G A "H2'"  1 
ATOM 61   H "HO2'" . G A 1 2  ? 21.866  13.728  9.330   1.00 4.16 ? 2  G A "HO2'" 1 
ATOM 62   H "H1'"  . G A 1 2  ? 20.697  16.188  9.005   1.00 3.66 ? 2  G A "H1'"  1 
ATOM 63   H H8     . G A 1 2  ? 18.332  16.881  6.213   1.00 3.31 ? 2  G A H8     1 
ATOM 64   H H1     . G A 1 2  ? 15.509  14.549  11.493  1.00 2.62 ? 2  G A H1     1 
ATOM 65   H H21    . G A 1 2  ? 17.194  13.721  12.739  1.00 2.94 ? 2  G A H21    1 
ATOM 66   H H22    . G A 1 2  ? 18.872  13.881  12.126  1.00 3.25 ? 2  G A H22    1 
ATOM 67   P P      . C A 1 3  ? 21.263  12.128  4.993   1.00 3.88 ? 3  C A P      1 
ATOM 68   O OP1    . C A 1 3  ? 22.332  11.201  4.546   1.00 4.12 ? 3  C A OP1    1 
ATOM 69   O OP2    . C A 1 3  ? 20.249  12.596  4.009   1.00 3.82 ? 3  C A OP2    1 
ATOM 70   O "O5'"  . C A 1 3  ? 20.504  11.476  6.257   1.00 3.70 ? 3  C A "O5'"  1 
ATOM 71   C "C5'"  . C A 1 3  ? 21.174  10.886  7.390   1.00 3.69 ? 3  C A "C5'"  1 
ATOM 72   C "C4'"  . C A 1 3  ? 20.184  10.383  8.445   1.00 3.51 ? 3  C A "C4'"  1 
ATOM 73   O "O4'"  . C A 1 3  ? 19.291  11.444  8.919   1.00 3.40 ? 3  C A "O4'"  1 
ATOM 74   C "C3'"  . C A 1 3  ? 19.196  9.338   7.956   1.00 3.40 ? 3  C A "C3'"  1 
ATOM 75   O "O3'"  . C A 1 3  ? 19.850  8.095   7.654   1.00 3.52 ? 3  C A "O3'"  1 
ATOM 76   C "C2'"  . C A 1 3  ? 18.138  9.358   9.072   1.00 3.23 ? 3  C A "C2'"  1 
ATOM 77   O "O2'"  . C A 1 3  ? 18.370  8.566   10.237  1.00 3.29 ? 3  C A "O2'"  1 
ATOM 78   C "C1'"  . C A 1 3  ? 18.116  10.846  9.474   1.00 3.16 ? 3  C A "C1'"  1 
ATOM 79   N N1     . C A 1 3  ? 16.833  11.504  9.057   1.00 2.84 ? 3  C A N1     1 
ATOM 80   C C2     . C A 1 3  ? 15.650  11.243  9.783   1.00 2.55 ? 3  C A C2     1 
ATOM 81   O O2     . C A 1 3  ? 15.675  10.495  10.769  1.00 2.56 ? 3  C A O2     1 
ATOM 82   N N3     . C A 1 3  ? 14.482  11.793  9.425   1.00 2.27 ? 3  C A N3     1 
ATOM 83   C C4     . C A 1 3  ? 14.461  12.586  8.386   1.00 2.29 ? 3  C A C4     1 
ATOM 84   N N4     . C A 1 3  ? 13.285  13.067  8.104   1.00 2.04 ? 3  C A N4     1 
ATOM 85   C C5     . C A 1 3  ? 15.601  12.907  7.617   1.00 2.60 ? 3  C A C5     1 
ATOM 86   C C6     . C A 1 3  ? 16.767  12.351  7.981   1.00 2.86 ? 3  C A C6     1 
ATOM 87   H "H5'"  . C A 1 3  ? 21.864  11.597  7.843   1.00 3.78 ? 3  C A "H5'"  1 
ATOM 88   H "H5''" . C A 1 3  ? 21.750  10.023  7.056   1.00 3.78 ? 3  C A "H5''" 1 
ATOM 89   H "H4'"  . C A 1 3  ? 20.760  9.899   9.238   1.00 3.54 ? 3  C A "H4'"  1 
ATOM 90   H "H3'"  . C A 1 3  ? 18.761  9.700   7.023   1.00 3.41 ? 3  C A "H3'"  1 
ATOM 91   H "H2'"  . C A 1 3  ? 17.211  9.126   8.545   1.00 3.17 ? 3  C A "H2'"  1 
ATOM 92   H "HO2'" . C A 1 3  ? 17.584  7.995   10.335  1.00 3.35 ? 3  C A "HO2'" 1 
ATOM 93   H "H1'"  . C A 1 3  ? 18.233  10.948  10.561  1.00 3.20 ? 3  C A "H1'"  1 
ATOM 94   H H41    . C A 1 3  ? 12.535  12.766  8.736   1.00 1.84 ? 3  C A H41    1 
ATOM 95   H H42    . C A 1 3  ? 13.183  13.681  7.321   1.00 2.08 ? 3  C A H42    1 
ATOM 96   H H5     . C A 1 3  ? 15.525  13.579  6.771   1.00 2.64 ? 3  C A H5     1 
ATOM 97   H H6     . C A 1 3  ? 17.678  12.571  7.417   1.00 3.11 ? 3  C A H6     1 
ATOM 98   P P      . A A 1 4  ? 19.184  6.975   6.712   1.00 3.47 ? 4  A A P      1 
ATOM 99   O OP1    . A A 1 4  ? 20.143  5.881   6.428   1.00 3.66 ? 4  A A OP1    1 
ATOM 100  O OP2    . A A 1 4  ? 18.547  7.684   5.569   1.00 3.50 ? 4  A A OP2    1 
ATOM 101  O "O5'"  . A A 1 4  ? 18.040  6.375   7.669   1.00 3.18 ? 4  A A "O5'"  1 
ATOM 102  C "C5'"  . A A 1 4  ? 18.302  5.563   8.828   1.00 3.18 ? 4  A A "C5'"  1 
ATOM 103  C "C4'"  . A A 1 4  ? 17.028  5.403   9.658   1.00 2.87 ? 4  A A "C4'"  1 
ATOM 104  O "O4'"  . A A 1 4  ? 16.471  6.724   9.965   1.00 2.75 ? 4  A A "O4'"  1 
ATOM 105  C "C3'"  . A A 1 4  ? 15.857  4.681   8.992   1.00 2.62 ? 4  A A "C3'"  1 
ATOM 106  O "O3'"  . A A 1 4  ? 16.072  3.261   8.885   1.00 2.70 ? 4  A A "O3'"  1 
ATOM 107  C "C2'"  . A A 1 4  ? 14.696  5.130   9.899   1.00 2.38 ? 4  A A "C2'"  1 
ATOM 108  O "O2'"  . A A 1 4  ? 14.588  4.470   11.159  1.00 2.38 ? 4  A A "O2'"  1 
ATOM 109  C "C1'"  . A A 1 4  ? 15.073  6.588   10.161  1.00 2.42 ? 4  A A "C1'"  1 
ATOM 110  N N9     . A A 1 4  ? 14.339  7.559   9.324   1.00 2.23 ? 4  A A N9     1 
ATOM 111  C C8     . A A 1 4  ? 14.707  8.153   8.137   1.00 2.36 ? 4  A A C8     1 
ATOM 112  N N7     . A A 1 4  ? 13.815  8.990   7.661   1.00 2.14 ? 4  A A N7     1 
ATOM 113  C C5     . A A 1 4  ? 12.776  8.941   8.596   1.00 1.82 ? 4  A A C5     1 
ATOM 114  C C6     . A A 1 4  ? 11.516  9.578   8.714   1.00 1.51 ? 4  A A C6     1 
ATOM 115  N N6     . A A 1 4  ? 10.943  10.471  7.922   1.00 1.41 ? 4  A A N6     1 
ATOM 116  N N1     . A A 1 4  ? 10.756  9.269   9.766   1.00 1.36 ? 4  A A N1     1 
ATOM 117  C C2     . A A 1 4  ? 11.210  8.390   10.663  1.00 1.52 ? 4  A A C2     1 
ATOM 118  N N3     . A A 1 4  ? 12.354  7.724   10.696  1.00 1.77 ? 4  A A N3     1 
ATOM 119  C C4     . A A 1 4  ? 13.093  8.054   9.617   1.00 1.90 ? 4  A A C4     1 
ATOM 120  H "H5'"  . A A 1 4  ? 19.078  6.023   9.443   1.00 3.34 ? 4  A A "H5'"  1 
ATOM 121  H "H5''" . A A 1 4  ? 18.653  4.574   8.531   1.00 3.30 ? 4  A A "H5''" 1 
ATOM 122  H "H4'"  . A A 1 4  ? 17.272  4.822   10.549  1.00 2.93 ? 4  A A "H4'"  1 
ATOM 123  H "H3'"  . A A 1 4  ? 15.732  5.069   7.981   1.00 2.62 ? 4  A A "H3'"  1 
ATOM 124  H "H2'"  . A A 1 4  ? 13.786  5.105   9.299   1.00 2.24 ? 4  A A "H2'"  1 
ATOM 125  H "HO2'" . A A 1 4  ? 13.651  4.272   11.280  1.00 2.33 ? 4  A A "HO2'" 1 
ATOM 126  H "H1'"  . A A 1 4  ? 14.883  6.839   11.215  1.00 2.40 ? 4  A A "H1'"  1 
ATOM 127  H H8     . A A 1 4  ? 15.641  7.955   7.628   1.00 2.65 ? 4  A A H8     1 
ATOM 128  H H61    . A A 1 4  ? 10.024  10.856  8.163   1.00 1.20 ? 4  A A H61    1 
ATOM 129  H H62    . A A 1 4  ? 11.433  10.775  7.102   1.00 1.60 ? 4  A A H62    1 
ATOM 130  H H2     . A A 1 4  ? 10.542  8.185   11.498  1.00 1.50 ? 4  A A H2     1 
ATOM 131  P P      . A A 1 5  ? 15.123  2.331   7.977   1.00 2.57 ? 5  A A P      1 
ATOM 132  O OP1    . A A 1 5  ? 15.494  0.899   8.080   1.00 2.77 ? 5  A A OP1    1 
ATOM 133  O OP2    . A A 1 5  ? 15.095  2.974   6.637   1.00 2.65 ? 5  A A OP2    1 
ATOM 134  O "O5'"  . A A 1 5  ? 13.691  2.519   8.676   1.00 2.18 ? 5  A A "O5'"  1 
ATOM 135  C "C5'"  . A A 1 5  ? 13.321  1.864   9.895   1.00 2.12 ? 5  A A "C5'"  1 
ATOM 136  C "C4'"  . A A 1 5  ? 11.946  2.327   10.340  1.00 1.86 ? 5  A A "C4'"  1 
ATOM 137  O "O4'"  . A A 1 5  ? 11.864  3.789   10.420  1.00 1.77 ? 5  A A "O4'"  1 
ATOM 138  C "C3'"  . A A 1 5  ? 10.782  1.988   9.406   1.00 1.74 ? 5  A A "C3'"  1 
ATOM 139  O "O3'"  . A A 1 5  ? 10.534  0.571   9.364   1.00 1.84 ? 5  A A "O3'"  1 
ATOM 140  C "C2'"  . A A 1 5  ? 9.698   2.870   10.046  1.00 1.63 ? 5  A A "C2'"  1 
ATOM 141  O "O2'"  . A A 1 5  ? 9.270   2.452   11.358  1.00 1.74 ? 5  A A "O2'"  1 
ATOM 142  C "C1'"  . A A 1 5  ? 10.510  4.160   10.177  1.00 1.56 ? 5  A A "C1'"  1 
ATOM 143  N N9     . A A 1 5  ? 10.409  5.108   9.032   1.00 1.44 ? 5  A A N9     1 
ATOM 144  C C8     . A A 1 5  ? 11.277  5.337   7.985   1.00 1.55 ? 5  A A C8     1 
ATOM 145  N N7     . A A 1 5  ? 10.876  6.270   7.153   1.00 1.48 ? 5  A A N7     1 
ATOM 146  C C5     . A A 1 5  ? 9.651   6.697   7.673   1.00 1.26 ? 5  A A C5     1 
ATOM 147  C C6     . A A 1 5  ? 8.688   7.669   7.278   1.00 1.12 ? 5  A A C6     1 
ATOM 148  N N6     . A A 1 5  ? 8.709   8.489   6.239   1.00 1.16 ? 5  A A N6     1 
ATOM 149  N N1     . A A 1 5  ? 7.594   7.810   8.037   1.00 1.05 ? 5  A A N1     1 
ATOM 150  C C2     . A A 1 5  ? 7.464   7.032   9.120   1.00 1.16 ? 5  A A C2     1 
ATOM 151  N N3     . A A 1 5  ? 8.269   6.095   9.610   1.00 1.26 ? 5  A A N3     1 
ATOM 152  C C4     . A A 1 5  ? 9.359   5.981   8.827   1.00 1.27 ? 5  A A C4     1 
ATOM 153  H "H5'"  . A A 1 5  ? 14.041  2.065   10.687  1.00 2.26 ? 5  A A "H5'"  1 
ATOM 154  H "H5''" . A A 1 5  ? 13.284  0.783   9.752   1.00 2.21 ? 5  A A "H5''" 1 
ATOM 155  H "H4'"  . A A 1 5  ? 11.729  1.826   11.287  1.00 1.93 ? 5  A A "H4'"  1 
ATOM 156  H "H3'"  . A A 1 5  ? 11.023  2.318   8.393   1.00 1.77 ? 5  A A "H3'"  1 
ATOM 157  H "H2'"  . A A 1 5  ? 8.902   3.039   9.325   1.00 1.65 ? 5  A A "H2'"  1 
ATOM 158  H "HO2'" . A A 1 5  ? 8.355   2.723   11.479  1.00 1.89 ? 5  A A "HO2'" 1 
ATOM 159  H "H1'"  . A A 1 5  ? 10.168  4.675   11.078  1.00 1.55 ? 5  A A "H1'"  1 
ATOM 160  H H8     . A A 1 5  ? 12.205  4.804   7.842   1.00 1.75 ? 5  A A H8     1 
ATOM 161  H H61    . A A 1 5  ? 7.938   9.149   6.091   1.00 1.05 ? 5  A A H61    1 
ATOM 162  H H62    . A A 1 5  ? 9.488   8.460   5.613   1.00 1.34 ? 5  A A H62    1 
ATOM 163  H H2     . A A 1 5  ? 6.551   7.191   9.690   1.00 1.26 ? 5  A A H2     1 
ATOM 164  P P      . C A 1 6  ? 9.759   -0.127  8.137   1.00 1.92 ? 6  C A P      1 
ATOM 165  O OP1    . C A 1 6  ? 9.661   -1.587  8.380   1.00 2.11 ? 6  C A OP1    1 
ATOM 166  O OP2    . C A 1 6  ? 10.420  0.354   6.894   1.00 2.06 ? 6  C A OP2    1 
ATOM 167  O "O5'"  . C A 1 6  ? 8.302   0.500   8.273   1.00 1.77 ? 6  C A "O5'"  1 
ATOM 168  C "C5'"  . C A 1 6  ? 7.430   0.239   9.388   1.00 1.72 ? 6  C A "C5'"  1 
ATOM 169  C "C4'"  . C A 1 6  ? 6.177   1.088   9.256   1.00 1.67 ? 6  C A "C4'"  1 
ATOM 170  O "O4'"  . C A 1 6  ? 6.533   2.499   9.157   1.00 1.60 ? 6  C A "O4'"  1 
ATOM 171  C "C3'"  . C A 1 6  ? 5.394   0.861   7.967   1.00 1.77 ? 6  C A "C3'"  1 
ATOM 172  O "O3'"  . C A 1 6  ? 4.749   -0.428  7.996   1.00 1.85 ? 6  C A "O3'"  1 
ATOM 173  C "C2'"  . C A 1 6  ? 4.535   2.135   7.904   1.00 1.83 ? 6  C A "C2'"  1 
ATOM 174  O "O2'"  . C A 1 6  ? 3.449   2.219   8.828   1.00 1.90 ? 6  C A "O2'"  1 
ATOM 175  C "C1'"  . C A 1 6  ? 5.576   3.177   8.350   1.00 1.58 ? 6  C A "C1'"  1 
ATOM 176  N N1     . C A 1 6  ? 6.218   3.936   7.223   1.00 1.45 ? 6  C A N1     1 
ATOM 177  C C2     . C A 1 6  ? 5.467   4.871   6.491   1.00 1.39 ? 6  C A C2     1 
ATOM 178  O O2     . C A 1 6  ? 4.279   5.056   6.771   1.00 1.46 ? 6  C A O2     1 
ATOM 179  N N3     . C A 1 6  ? 6.035   5.560   5.490   1.00 1.35 ? 6  C A N3     1 
ATOM 180  C C4     . C A 1 6  ? 7.295   5.352   5.198   1.00 1.40 ? 6  C A C4     1 
ATOM 181  N N4     . C A 1 6  ? 7.785   6.042   4.216   1.00 1.47 ? 6  C A N4     1 
ATOM 182  C C5     . C A 1 6  ? 8.106   4.433   5.884   1.00 1.49 ? 6  C A C5     1 
ATOM 183  C C6     . C A 1 6  ? 7.527   3.754   6.873   1.00 1.49 ? 6  C A C6     1 
ATOM 184  H "H5'"  . C A 1 6  ? 7.917   0.456   10.337  1.00 1.69 ? 6  C A "H5'"  1 
ATOM 185  H "H5''" . C A 1 6  ? 7.134   -0.811  9.394   1.00 1.86 ? 6  C A "H5''" 1 
ATOM 186  H "H4'"  . C A 1 6  ? 5.508   0.854   10.087  1.00 1.72 ? 6  C A "H4'"  1 
ATOM 187  H "H3'"  . C A 1 6  ? 6.084   0.854   7.123   1.00 1.82 ? 6  C A "H3'"  1 
ATOM 188  H "H2'"  . C A 1 6  ? 4.262   2.292   6.852   1.00 2.04 ? 6  C A "H2'"  1 
ATOM 189  H "HO2'" . C A 1 6  ? 2.658   2.416   8.318   1.00 2.09 ? 6  C A "HO2'" 1 
ATOM 190  H "H1'"  . C A 1 6  ? 5.125   3.900   9.045   1.00 1.54 ? 6  C A "H1'"  1 
ATOM 191  H H41    . C A 1 6  ? 7.105   6.682   3.799   1.00 1.43 ? 6  C A H41    1 
ATOM 192  H H42    . C A 1 6  ? 8.740   5.930   3.939   1.00 1.58 ? 6  C A H42    1 
ATOM 193  H H5     . C A 1 6  ? 9.152   4.277   5.644   1.00 1.62 ? 6  C A H5     1 
ATOM 194  H H6     . C A 1 6  ? 8.124   3.036   7.402   1.00 1.59 ? 6  C A H6     1 
ATOM 195  P P      . G A 1 7  ? 4.313   -1.196  6.650   1.00 1.89 ? 7  G A P      1 
ATOM 196  O OP1    . G A 1 7  ? 3.724   -2.515  6.988   1.00 2.03 ? 7  G A OP1    1 
ATOM 197  O OP2    . G A 1 7  ? 5.483   -1.149  5.735   1.00 1.86 ? 7  G A OP2    1 
ATOM 198  O "O5'"  . G A 1 7  ? 3.134   -0.258  6.089   1.00 1.88 ? 7  G A "O5'"  1 
ATOM 199  C "C5'"  . G A 1 7  ? 1.920   -0.004  6.822   1.00 1.96 ? 7  G A "C5'"  1 
ATOM 200  C "C4'"  . G A 1 7  ? 1.009   0.964   6.067   1.00 2.00 ? 7  G A "C4'"  1 
ATOM 201  O "O4'"  . G A 1 7  ? 1.721   2.216   5.798   1.00 1.85 ? 7  G A "O4'"  1 
ATOM 202  C "C3'"  . G A 1 7  ? 0.577   0.564   4.644   1.00 2.15 ? 7  G A "C3'"  1 
ATOM 203  O "O3'"  . G A 1 7  ? -0.383  -0.524  4.505   1.00 2.43 ? 7  G A "O3'"  1 
ATOM 204  C "C2'"  . G A 1 7  ? 0.079   1.909   4.085   1.00 2.15 ? 7  G A "C2'"  1 
ATOM 205  O "O2'"  . G A 1 7  ? -1.139  2.426   4.646   1.00 2.24 ? 7  G A "O2'"  1 
ATOM 206  C "C1'"  . G A 1 7  ? 1.197   2.816   4.611   1.00 1.91 ? 7  G A "C1'"  1 
ATOM 207  N N9     . G A 1 7  ? 2.309   3.148   3.686   1.00 1.82 ? 7  G A N9     1 
ATOM 208  C C8     . G A 1 7  ? 3.575   2.607   3.654   1.00 1.76 ? 7  G A C8     1 
ATOM 209  N N7     . G A 1 7  ? 4.335   3.129   2.731   1.00 1.72 ? 7  G A N7     1 
ATOM 210  C C5     . G A 1 7  ? 3.533   4.083   2.092   1.00 1.75 ? 7  G A C5     1 
ATOM 211  C C6     . G A 1 7  ? 3.792   4.990   1.004   1.00 1.75 ? 7  G A C6     1 
ATOM 212  O O6     . G A 1 7  ? 4.807   5.167   0.322   1.00 1.74 ? 7  G A O6     1 
ATOM 213  N N1     . G A 1 7  ? 2.698   5.774   0.693   1.00 1.83 ? 7  G A N1     1 
ATOM 214  C C2     . G A 1 7  ? 1.532   5.660   1.360   1.00 1.90 ? 7  G A C2     1 
ATOM 215  N N2     . G A 1 7  ? 0.555   6.426   1.006   1.00 2.01 ? 7  G A N2     1 
ATOM 216  N N3     . G A 1 7  ? 1.227   4.869   2.347   1.00 1.89 ? 7  G A N3     1 
ATOM 217  C C4     . G A 1 7  ? 2.282   4.093   2.676   1.00 1.81 ? 7  G A C4     1 
ATOM 218  H "H5'"  . G A 1 7  ? 2.155   0.408   7.795   1.00 1.89 ? 7  G A "H5'"  1 
ATOM 219  H "H5''" . G A 1 7  ? 1.387   -0.929  7.029   1.00 2.11 ? 7  G A "H5''" 1 
ATOM 220  H "H4'"  . G A 1 7  ? 0.108   1.113   6.668   1.00 2.08 ? 7  G A "H4'"  1 
ATOM 221  H "H3'"  . G A 1 7  ? 1.470   0.292   4.083   1.00 2.12 ? 7  G A "H3'"  1 
ATOM 222  H "H2'"  . G A 1 7  ? 0.096   1.825   2.988   1.00 2.25 ? 7  G A "H2'"  1 
ATOM 223  H "HO2'" . G A 1 7  ? -1.891  1.878   4.351   1.00 2.30 ? 7  G A "HO2'" 1 
ATOM 224  H "H1'"  . G A 1 7  ? 0.747   3.754   4.960   1.00 1.89 ? 7  G A "H1'"  1 
ATOM 225  H H8     . G A 1 7  ? 3.905   1.827   4.321   1.00 1.78 ? 7  G A H8     1 
ATOM 226  H H1     . G A 1 7  ? 2.826   6.454   -0.075  1.00 1.86 ? 7  G A H1     1 
ATOM 227  H H21    . G A 1 7  ? 0.681   7.072   0.241   1.00 2.04 ? 7  G A H21    1 
ATOM 228  H H22    . G A 1 7  ? -0.286  6.312   1.528   1.00 2.08 ? 7  G A H22    1 
ATOM 229  P P      . G A 1 8  ? 0.043   -2.081  4.277   1.00 2.51 ? 8  G A P      1 
ATOM 230  O OP1    . G A 1 8  ? -1.097  -2.891  3.748   1.00 2.85 ? 8  G A OP1    1 
ATOM 231  O OP2    . G A 1 8  ? 0.761   -2.605  5.468   1.00 3.01 ? 8  G A OP2    1 
ATOM 232  O "O5'"  . G A 1 8  ? 1.093   -1.791  3.104   1.00 2.01 ? 8  G A "O5'"  1 
ATOM 233  C "C5'"  . G A 1 8  ? 0.903   -2.200  1.764   1.00 1.71 ? 8  G A "C5'"  1 
ATOM 234  C "C4'"  . G A 1 8  ? 1.187   -3.699  1.674   1.00 1.64 ? 8  G A "C4'"  1 
ATOM 235  O "O4'"  . G A 1 8  ? -0.104  -4.222  1.329   1.00 1.44 ? 8  G A "O4'"  1 
ATOM 236  C "C3'"  . G A 1 8  ? 2.105   -4.278  0.586   1.00 1.65 ? 8  G A "C3'"  1 
ATOM 237  O "O3'"  . G A 1 8  ? 3.503   -4.365  0.908   1.00 1.88 ? 8  G A "O3'"  1 
ATOM 238  C "C2'"  . G A 1 8  ? 1.513   -5.689  0.465   1.00 1.60 ? 8  G A "C2'"  1 
ATOM 239  O "O2'"  . G A 1 8  ? 1.988   -6.637  1.419   1.00 1.80 ? 8  G A "O2'"  1 
ATOM 240  C "C1'"  . G A 1 8  ? 0.002   -5.488  0.717   1.00 1.40 ? 8  G A "C1'"  1 
ATOM 241  N N9     . G A 1 8  ? -0.878  -5.446  -0.470  1.00 1.22 ? 8  G A N9     1 
ATOM 242  C C8     . G A 1 8  ? -1.905  -4.562  -0.744  1.00 1.15 ? 8  G A C8     1 
ATOM 243  N N7     . G A 1 8  ? -2.495  -4.777  -1.888  1.00 1.06 ? 8  G A N7     1 
ATOM 244  C C5     . G A 1 8  ? -1.820  -5.880  -2.415  1.00 1.09 ? 8  G A C5     1 
ATOM 245  C C6     . G A 1 8  ? -1.984  -6.594  -3.639  1.00 1.13 ? 8  G A C6     1 
ATOM 246  O O6     . G A 1 8  ? -2.778  -6.439  -4.577  1.00 1.14 ? 8  G A O6     1 
ATOM 247  N N1     . G A 1 8  ? -1.077  -7.622  -3.747  1.00 1.25 ? 8  G A N1     1 
ATOM 248  C C2     . G A 1 8  ? -0.166  -7.906  -2.808  1.00 1.32 ? 8  G A C2     1 
ATOM 249  N N2     . G A 1 8  ? 0.649   -8.889  -2.990  1.00 1.50 ? 8  G A N2     1 
ATOM 250  N N3     . G A 1 8  ? 0.039   -7.321  -1.685  1.00 1.29 ? 8  G A N3     1 
ATOM 251  C C4     . G A 1 8  ? -0.828  -6.297  -1.547  1.00 1.19 ? 8  G A C4     1 
ATOM 252  H "H5'"  . G A 1 8  ? 1.562   -1.623  1.131   1.00 1.65 ? 8  G A "H5'"  1 
ATOM 253  H "H5''" . G A 1 8  ? -0.129  -1.933  1.496   1.00 1.98 ? 8  G A "H5''" 1 
ATOM 254  H "H4'"  . G A 1 8  ? 1.517   -4.116  2.634   1.00 1.85 ? 8  G A "H4'"  1 
ATOM 255  H "H3'"  . G A 1 8  ? 2.012   -3.726  -0.347  1.00 1.57 ? 8  G A "H3'"  1 
ATOM 256  H "H2'"  . G A 1 8  ? 1.718   -5.972  -0.567  1.00 1.61 ? 8  G A "H2'"  1 
ATOM 257  H "HO2'" . G A 1 8  ? 2.876   -6.366  1.671   1.00 1.99 ? 8  G A "HO2'" 1 
ATOM 258  H "H1'"  . G A 1 8  ? -0.408  -6.204  1.442   1.00 1.46 ? 8  G A "H1'"  1 
ATOM 259  H H8     . G A 1 8  ? -2.186  -3.773  -0.063  1.00 1.22 ? 8  G A H8     1 
ATOM 260  H H1     . G A 1 8  ? -1.106  -8.188  -4.583  1.00 1.32 ? 8  G A H1     1 
ATOM 261  H H21    . G A 1 8  ? 0.664   -9.448  -3.832  1.00 1.58 ? 8  G A H21    1 
ATOM 262  H H22    . G A 1 8  ? 1.272   -8.985  -2.213  1.00 1.58 ? 8  G A H22    1 
ATOM 263  P P      . A A 1 9  ? 4.524   -3.130  0.749   1.00 2.16 ? 9  A A P      1 
ATOM 264  O OP1    . A A 1 9  ? 5.832   -3.516  1.326   1.00 2.18 ? 9  A A OP1    1 
ATOM 265  O OP2    . A A 1 9  ? 3.874   -1.902  1.267   1.00 2.55 ? 9  A A OP2    1 
ATOM 266  O "O5'"  . A A 1 9  ? 4.718   -3.058  -0.816  1.00 2.32 ? 9  A A "O5'"  1 
ATOM 267  C "C5'"  . A A 1 9  ? 5.704   -3.822  -1.501  1.00 2.38 ? 9  A A "C5'"  1 
ATOM 268  C "C4'"  . A A 1 9  ? 5.279   -5.226  -1.954  1.00 2.22 ? 9  A A "C4'"  1 
ATOM 269  O "O4'"  . A A 1 9  ? 3.830   -5.363  -2.025  1.00 1.99 ? 9  A A "O4'"  1 
ATOM 270  C "C3'"  . A A 1 9  ? 5.722   -5.419  -3.407  1.00 2.22 ? 9  A A "C3'"  1 
ATOM 271  O "O3'"  . A A 1 9  ? 7.160   -5.549  -3.337  1.00 2.54 ? 9  A A "O3'"  1 
ATOM 272  C "C2'"  . A A 1 9  ? 4.815   -6.601  -3.805  1.00 2.14 ? 9  A A "C2'"  1 
ATOM 273  O "O2'"  . A A 1 9  ? 5.265   -7.878  -3.376  1.00 2.40 ? 9  A A "O2'"  1 
ATOM 274  C "C1'"  . A A 1 9  ? 3.508   -6.280  -3.051  1.00 1.90 ? 9  A A "C1'"  1 
ATOM 275  N N9     . A A 1 9  ? 2.389   -5.676  -3.810  1.00 1.68 ? 9  A A N9     1 
ATOM 276  C C8     . A A 1 9  ? 1.644   -4.554  -3.499  1.00 1.57 ? 9  A A C8     1 
ATOM 277  N N7     . A A 1 9  ? 0.693   -4.276  -4.358  1.00 1.42 ? 9  A A N7     1 
ATOM 278  C C5     . A A 1 9  ? 0.819   -5.291  -5.303  1.00 1.45 ? 9  A A C5     1 
ATOM 279  C C6     . A A 1 9  ? 0.119   -5.595  -6.481  1.00 1.42 ? 9  A A C6     1 
ATOM 280  N N6     . A A 1 9  ? -0.900  -4.937  -6.976  1.00 1.33 ? 9  A A N6     1 
ATOM 281  N N1     . A A 1 9  ? 0.476   -6.654  -7.216  1.00 1.55 ? 9  A A N1     1 
ATOM 282  C C2     . A A 1 9  ? 1.503   -7.383  -6.771  1.00 1.70 ? 9  A A C2     1 
ATOM 283  N N3     . A A 1 9  ? 2.249   -7.228  -5.684  1.00 1.73 ? 9  A A N3     1 
ATOM 284  C C4     . A A 1 9  ? 1.851   -6.150  -4.983  1.00 1.61 ? 9  A A C4     1 
ATOM 285  H "H5'"  . A A 1 9  ? 6.656   -3.820  -0.963  1.00 2.60 ? 9  A A "H5'"  1 
ATOM 286  H "H5''" . A A 1 9  ? 5.873   -3.196  -2.370  1.00 2.73 ? 9  A A "H5''" 1 
ATOM 287  H "H4'"  . A A 1 9  ? 5.836   -5.956  -1.349  1.00 2.38 ? 9  A A "H4'"  1 
ATOM 288  H "H3'"  . A A 1 9  ? 5.479   -4.579  -4.037  1.00 2.15 ? 9  A A "H3'"  1 
ATOM 289  H "H2'"  . A A 1 9  ? 4.632   -6.532  -4.880  1.00 2.11 ? 9  A A "H2'"  1 
ATOM 290  H "HO2'" . A A 1 9  ? 6.225   -7.862  -3.369  1.00 2.51 ? 9  A A "HO2'" 1 
ATOM 291  H "H1'"  . A A 1 9  ? 3.116   -7.167  -2.522  1.00 1.91 ? 9  A A "H1'"  1 
ATOM 292  H H8     . A A 1 9  ? 1.836   -3.944  -2.629  1.00 1.64 ? 9  A A H8     1 
ATOM 293  H H61    . A A 1 9  ? -1.306  -5.312  -7.828  1.00 1.35 ? 9  A A H61    1 
ATOM 294  H H62    . A A 1 9  ? -1.252  -4.126  -6.501  1.00 1.27 ? 9  A A H62    1 
ATOM 295  H H2     . A A 1 9  ? 1.766   -8.238  -7.394  1.00 1.84 ? 9  A A H2     1 
ATOM 296  P P      . U A 1 10 ? 8.197   -4.581  -4.124  1.00 2.82 ? 10 U A P      1 
ATOM 297  O OP1    . U A 1 10 ? 9.535   -4.659  -3.492  1.00 3.22 ? 10 U A OP1    1 
ATOM 298  O OP2    . U A 1 10 ? 7.556   -3.246  -4.308  1.00 2.72 ? 10 U A OP2    1 
ATOM 299  O "O5'"  . U A 1 10 ? 8.265   -5.342  -5.508  1.00 2.81 ? 10 U A "O5'"  1 
ATOM 300  C "C5'"  . U A 1 10 ? 8.920   -6.597  -5.741  1.00 3.01 ? 10 U A "C5'"  1 
ATOM 301  C "C4'"  . U A 1 10 ? 8.643   -6.980  -7.186  1.00 2.97 ? 10 U A "C4'"  1 
ATOM 302  O "O4'"  . U A 1 10 ? 7.241   -7.366  -7.273  1.00 2.78 ? 10 U A "O4'"  1 
ATOM 303  C "C3'"  . U A 1 10 ? 8.793   -5.842  -8.215  1.00 2.86 ? 10 U A "C3'"  1 
ATOM 304  O "O3'"  . U A 1 10 ? 10.202  -5.604  -8.444  1.00 3.09 ? 10 U A "O3'"  1 
ATOM 305  C "C2'"  . U A 1 10 ? 7.924   -6.432  -9.347  1.00 2.77 ? 10 U A "C2'"  1 
ATOM 306  O "O2'"  . U A 1 10 ? 8.481   -7.570  -10.020 1.00 3.00 ? 10 U A "O2'"  1 
ATOM 307  C "C1'"  . U A 1 10 ? 6.719   -6.945  -8.530  1.00 2.66 ? 10 U A "C1'"  1 
ATOM 308  N N1     . U A 1 10 ? 5.538   -6.034  -8.294  1.00 2.39 ? 10 U A N1     1 
ATOM 309  C C2     . U A 1 10 ? 4.583   -5.872  -9.297  1.00 2.27 ? 10 U A C2     1 
ATOM 310  O O2     . U A 1 10 ? 4.616   -6.398  -10.395 1.00 2.39 ? 10 U A O2     1 
ATOM 311  N N3     . U A 1 10 ? 3.550   -5.055  -8.987  1.00 2.04 ? 10 U A N3     1 
ATOM 312  C C4     . U A 1 10 ? 3.311   -4.370  -7.844  1.00 1.93 ? 10 U A C4     1 
ATOM 313  O O4     . U A 1 10 ? 2.267   -3.731  -7.746  1.00 1.76 ? 10 U A O4     1 
ATOM 314  C C5     . U A 1 10 ? 4.312   -4.544  -6.854  1.00 2.09 ? 10 U A C5     1 
ATOM 315  C C6     . U A 1 10 ? 5.356   -5.343  -7.105  1.00 2.30 ? 10 U A C6     1 
ATOM 316  H "H5'"  . U A 1 10 ? 8.526   -7.377  -5.086  1.00 3.05 ? 10 U A "H5'"  1 
ATOM 317  H "H5''" . U A 1 10 ? 9.999   -6.514  -5.590  1.00 3.20 ? 10 U A "H5''" 1 
ATOM 318  H "H4'"  . U A 1 10 ? 9.336   -7.778  -7.471  1.00 3.17 ? 10 U A "H4'"  1 
ATOM 319  H "H3'"  . U A 1 10 ? 8.328   -4.911  -7.888  1.00 2.71 ? 10 U A "H3'"  1 
ATOM 320  H "H2'"  . U A 1 10 ? 7.597   -5.625  -10.008 1.00 2.64 ? 10 U A "H2'"  1 
ATOM 321  H "HO2'" . U A 1 10 ? 9.274   -7.296  -10.487 1.00 2.92 ? 10 U A "HO2'" 1 
ATOM 322  H "H1'"  . U A 1 10 ? 6.354   -7.888  -8.962  1.00 2.73 ? 10 U A "H1'"  1 
ATOM 323  H H3     . U A 1 10 ? 2.861   -4.927  -9.715  1.00 1.97 ? 10 U A H3     1 
ATOM 324  H H5     . U A 1 10 ? 4.201   -4.014  -5.911  1.00 2.07 ? 10 U A H5     1 
ATOM 325  H H6     . U A 1 10 ? 6.098   -5.457  -6.325  1.00 2.44 ? 10 U A H6     1 
ATOM 326  P P      . G A 1 11 ? 10.939  -4.161  -8.219  1.00 3.06 ? 11 G A P      1 
ATOM 327  O OP1    . G A 1 11 ? 12.402  -4.376  -8.104  1.00 3.37 ? 11 G A OP1    1 
ATOM 328  O OP2    . G A 1 11 ? 10.222  -3.471  -7.111  1.00 2.94 ? 11 G A OP2    1 
ATOM 329  O "O5'"  . G A 1 11 ? 10.663  -3.427  -9.614  1.00 2.84 ? 11 G A "O5'"  1 
ATOM 330  C "C5'"  . G A 1 11 ? 11.326  -3.802  -10.828 1.00 2.97 ? 11 G A "C5'"  1 
ATOM 331  C "C4'"  . G A 1 11 ? 10.504  -3.366  -12.024 1.00 2.78 ? 11 G A "C4'"  1 
ATOM 332  O "O4'"  . G A 1 11 ? 9.236   -4.092  -11.991 1.00 2.57 ? 11 G A "O4'"  1 
ATOM 333  C "C3'"  . G A 1 11 ? 10.096  -1.889  -12.181 1.00 2.64 ? 11 G A "C3'"  1 
ATOM 334  O "O3'"  . G A 1 11 ? 11.189  -1.052  -12.600 1.00 2.84 ? 11 G A "O3'"  1 
ATOM 335  C "C2'"  . G A 1 11 ? 8.982   -2.069  -13.233 1.00 2.47 ? 11 G A "C2'"  1 
ATOM 336  O "O2'"  . G A 1 11 ? 9.437   -2.444  -14.547 1.00 2.63 ? 11 G A "O2'"  1 
ATOM 337  C "C1'"  . G A 1 11 ? 8.269   -3.283  -12.622 1.00 2.41 ? 11 G A "C1'"  1 
ATOM 338  N N9     . G A 1 11 ? 7.205   -2.987  -11.649 1.00 2.18 ? 11 G A N9     1 
ATOM 339  C C8     . G A 1 11 ? 7.228   -3.040  -10.274 1.00 2.12 ? 11 G A C8     1 
ATOM 340  N N7     . G A 1 11 ? 6.093   -2.716  -9.723  1.00 1.92 ? 11 G A N7     1 
ATOM 341  C C5     . G A 1 11 ? 5.253   -2.417  -10.806 1.00 1.84 ? 11 G A C5     1 
ATOM 342  C C6     . G A 1 11 ? 3.888   -1.987  -10.901 1.00 1.66 ? 11 G A C6     1 
ATOM 343  O O6     . G A 1 11 ? 3.044   -1.755  -10.031 1.00 1.50 ? 11 G A O6     1 
ATOM 344  N N1     . G A 1 11 ? 3.495   -1.815  -12.213 1.00 1.72 ? 11 G A N1     1 
ATOM 345  C C2     . G A 1 11 ? 4.305   -2.032  -13.263 1.00 1.91 ? 11 G A C2     1 
ATOM 346  N N2     . G A 1 11 ? 3.840   -1.846  -14.458 1.00 1.97 ? 11 G A N2     1 
ATOM 347  N N3     . G A 1 11 ? 5.538   -2.417  -13.258 1.00 2.06 ? 11 G A N3     1 
ATOM 348  C C4     . G A 1 11 ? 5.945   -2.590  -11.988 1.00 2.02 ? 11 G A C4     1 
ATOM 349  H "H5'"  . G A 1 11 ? 11.456  -4.888  -10.868 1.00 3.09 ? 11 G A "H5'"  1 
ATOM 350  H "H5''" . G A 1 11 ? 12.309  -3.339  -10.895 1.00 3.13 ? 11 G A "H5''" 1 
ATOM 351  H "H4'"  . G A 1 11 ? 11.083  -3.618  -12.911 1.00 2.96 ? 11 G A "H4'"  1 
ATOM 352  H "H3'"  . G A 1 11 ? 9.707   -1.504  -11.235 1.00 2.54 ? 11 G A "H3'"  1 
ATOM 353  H "H2'"  . G A 1 11 ? 8.315   -1.202  -13.200 1.00 2.33 ? 11 G A "H2'"  1 
ATOM 354  H "HO2'" . G A 1 11 ? 9.938   -1.714  -14.920 1.00 2.93 ? 11 G A "HO2'" 1 
ATOM 355  H "H1'"  . G A 1 11 ? 7.829   -3.874  -13.430 1.00 2.46 ? 11 G A "H1'"  1 
ATOM 356  H H8     . G A 1 11 ? 8.105   -3.315  -9.715  1.00 2.24 ? 11 G A H8     1 
ATOM 357  H H1     . G A 1 11 ? 2.541   -1.508  -12.360 1.00 1.65 ? 11 G A H1     1 
ATOM 358  H H21    . G A 1 11 ? 2.900   -1.507  -14.629 1.00 1.89 ? 11 G A H21    1 
ATOM 359  H H22    . G A 1 11 ? 4.546   -2.042  -15.140 1.00 2.12 ? 11 G A H22    1 
ATOM 360  P P      . G A 1 12 ? 11.168  0.557   -12.444 1.00 2.88 ? 12 G A P      1 
ATOM 361  O OP1    . G A 1 12 ? 12.332  1.142   -13.152 1.00 3.11 ? 12 G A OP1    1 
ATOM 362  O OP2    . G A 1 12 ? 11.020  0.791   -10.983 1.00 2.82 ? 12 G A OP2    1 
ATOM 363  O "O5'"  . G A 1 12 ? 9.832   1.010   -13.217 1.00 2.77 ? 12 G A "O5'"  1 
ATOM 364  C "C5'"  . G A 1 12 ? 9.757   1.225   -14.631 1.00 2.87 ? 12 G A "C5'"  1 
ATOM 365  C "C4'"  . G A 1 12 ? 8.430   1.863   -15.015 1.00 2.76 ? 12 G A "C4'"  1 
ATOM 366  O "O4'"  . G A 1 12 ? 7.288   0.962   -14.821 1.00 2.53 ? 12 G A "O4'"  1 
ATOM 367  C "C3'"  . G A 1 12 ? 7.978   3.068   -14.192 1.00 2.72 ? 12 G A "C3'"  1 
ATOM 368  O "O3'"  . G A 1 12 ? 8.844   4.202   -14.319 1.00 2.99 ? 12 G A "O3'"  1 
ATOM 369  C "C2'"  . G A 1 12 ? 6.534   3.216   -14.701 1.00 2.54 ? 12 G A "C2'"  1 
ATOM 370  O "O2'"  . G A 1 12 ? 6.405   3.598   -16.079 1.00 2.64 ? 12 G A "O2'"  1 
ATOM 371  C "C1'"  . G A 1 12 ? 6.113   1.738   -14.545 1.00 2.41 ? 12 G A "C1'"  1 
ATOM 372  N N9     . G A 1 12 ? 5.601   1.476   -13.176 1.00 2.23 ? 12 G A N9     1 
ATOM 373  C C8     . G A 1 12 ? 6.252   0.857   -12.135 1.00 2.20 ? 12 G A C8     1 
ATOM 374  N N7     . G A 1 12 ? 5.544   0.806   -11.043 1.00 2.04 ? 12 G A N7     1 
ATOM 375  C C5     . G A 1 12 ? 4.324   1.419   -11.363 1.00 1.96 ? 12 G A C5     1 
ATOM 376  C C6     . G A 1 12 ? 3.129   1.681   -10.597 1.00 1.81 ? 12 G A C6     1 
ATOM 377  O O6     . G A 1 12 ? 2.800   1.451   -9.421  1.00 1.71 ? 12 G A O6     1 
ATOM 378  N N1     . G A 1 12 ? 2.186   2.318   -11.357 1.00 1.81 ? 12 G A N1     1 
ATOM 379  C C2     . G A 1 12 ? 2.352   2.653   -12.644 1.00 1.93 ? 12 G A C2     1 
ATOM 380  N N2     . G A 1 12 ? 1.337   3.246   -13.195 1.00 1.93 ? 12 G A N2     1 
ATOM 381  N N3     . G A 1 12 ? 3.390   2.457   -13.399 1.00 2.08 ? 12 G A N3     1 
ATOM 382  C C4     . G A 1 12 ? 4.356   1.828   -12.688 1.00 2.08 ? 12 G A C4     1 
ATOM 383  H "H5'"  . G A 1 12 ? 9.884   0.296   -15.185 1.00 2.90 ? 12 G A "H5'"  1 
ATOM 384  H "H5''" . G A 1 12 ? 10.546  1.912   -14.946 1.00 3.03 ? 12 G A "H5''" 1 
ATOM 385  H "H4'"  . G A 1 12 ? 8.536   2.201   -16.049 1.00 2.89 ? 12 G A "H4'"  1 
ATOM 386  H "H3'"  . G A 1 12 ? 7.984   2.766   -13.143 1.00 2.64 ? 12 G A "H3'"  1 
ATOM 387  H "H2'"  . G A 1 12 ? 5.992   3.839   -13.978 1.00 2.45 ? 12 G A "H2'"  1 
ATOM 388  H "HO2'" . G A 1 12 ? 5.756   4.303   -16.128 1.00 2.61 ? 12 G A "HO2'" 1 
ATOM 389  H "H1'"  . G A 1 12 ? 5.342   1.473   -15.273 1.00 2.39 ? 12 G A "H1'"  1 
ATOM 390  H H8     . G A 1 12 ? 7.251   0.450   -12.218 1.00 2.31 ? 12 G A H8     1 
ATOM 391  H H1     . G A 1 12 ? 1.340   2.517   -10.839 1.00 1.72 ? 12 G A H1     1 
ATOM 392  H H21    . G A 1 12 ? 0.530   3.440   -12.616 1.00 1.83 ? 12 G A H21    1 
ATOM 393  H H22    . G A 1 12 ? 1.436   3.502   -14.154 1.00 2.03 ? 12 G A H22    1 
ATOM 394  P P      . U A 1 13 ? 9.061   5.210   -13.086 1.00 3.18 ? 13 U A P      1 
ATOM 395  O OP1    . U A 1 13 ? 10.071  6.228   -13.448 1.00 3.50 ? 13 U A OP1    1 
ATOM 396  O OP2    . U A 1 13 ? 9.272   4.411   -11.849 1.00 3.28 ? 13 U A OP2    1 
ATOM 397  O "O5'"  . U A 1 13 ? 7.645   5.941   -13.029 1.00 2.95 ? 13 U A "O5'"  1 
ATOM 398  C "C5'"  . U A 1 13 ? 7.223   6.954   -13.953 1.00 2.88 ? 13 U A "C5'"  1 
ATOM 399  C "C4'"  . U A 1 13 ? 5.909   7.542   -13.473 1.00 2.75 ? 13 U A "C4'"  1 
ATOM 400  O "O4'"  . U A 1 13 ? 4.911   6.481   -13.296 1.00 2.65 ? 13 U A "O4'"  1 
ATOM 401  C "C3'"  . U A 1 13 ? 5.949   8.219   -12.099 1.00 2.81 ? 13 U A "C3'"  1 
ATOM 402  O "O3'"  . U A 1 13 ? 6.594   9.505   -12.113 1.00 2.92 ? 13 U A "O3'"  1 
ATOM 403  C "C2'"  . U A 1 13 ? 4.450   8.240   -11.782 1.00 2.70 ? 13 U A "C2'"  1 
ATOM 404  O "O2'"  . U A 1 13 ? 3.677   9.169   -12.552 1.00 2.68 ? 13 U A "O2'"  1 
ATOM 405  C "C1'"  . U A 1 13 ? 4.082   6.793   -12.174 1.00 2.54 ? 13 U A "C1'"  1 
ATOM 406  N N1     . U A 1 13 ? 4.270   5.832   -11.035 1.00 2.37 ? 13 U A N1     1 
ATOM 407  C C2     . U A 1 13 ? 3.426   5.948   -9.930  1.00 2.27 ? 13 U A C2     1 
ATOM 408  O O2     . U A 1 13 ? 2.531   6.767   -9.813  1.00 2.31 ? 13 U A O2     1 
ATOM 409  N N3     . U A 1 13 ? 3.665   5.059   -8.939  1.00 2.13 ? 13 U A N3     1 
ATOM 410  C C4     . U A 1 13 ? 4.608   4.078   -8.875  1.00 2.12 ? 13 U A C4     1 
ATOM 411  O O4     . U A 1 13 ? 4.676   3.416   -7.842  1.00 2.04 ? 13 U A O4     1 
ATOM 412  C C5     . U A 1 13 ? 5.438   3.989   -10.032 1.00 2.23 ? 13 U A C5     1 
ATOM 413  C C6     . U A 1 13 ? 5.246   4.848   -11.039 1.00 2.35 ? 13 U A C6     1 
ATOM 414  H "H5'"  . U A 1 13 ? 7.089   6.546   -14.954 1.00 2.83 ? 13 U A "H5'"  1 
ATOM 415  H "H5''" . U A 1 13 ? 7.954   7.762   -13.998 1.00 2.99 ? 13 U A "H5''" 1 
ATOM 416  H "H4'"  . U A 1 13 ? 5.608   8.313   -14.184 1.00 2.71 ? 13 U A "H4'"  1 
ATOM 417  H "H3'"  . U A 1 13 ? 6.492   7.585   -11.392 1.00 2.89 ? 13 U A "H3'"  1 
ATOM 418  H "H2'"  . U A 1 13 ? 4.373   8.357   -10.697 1.00 2.79 ? 13 U A "H2'"  1 
ATOM 419  H "HO2'" . U A 1 13 ? 2.925   9.433   -12.015 1.00 2.75 ? 13 U A "HO2'" 1 
ATOM 420  H "H1'"  . U A 1 13 ? 3.051   6.734   -12.537 1.00 2.50 ? 13 U A "H1'"  1 
ATOM 421  H H3     . U A 1 13 ? 3.038   5.130   -8.148  1.00 2.06 ? 13 U A H3     1 
ATOM 422  H H5     . U A 1 13 ? 6.219   3.230   -10.101 1.00 2.27 ? 13 U A H5     1 
ATOM 423  H H6     . U A 1 13 ? 5.898   4.750   -11.902 1.00 2.44 ? 13 U A H6     1 
ATOM 424  P P      . U A 1 14 ? 7.107   10.220  -10.760 1.00 3.03 ? 14 U A P      1 
ATOM 425  O OP1    . U A 1 14 ? 7.495   11.621  -11.053 1.00 3.16 ? 14 U A OP1    1 
ATOM 426  O OP2    . U A 1 14 ? 8.131   9.299   -10.199 1.00 3.16 ? 14 U A OP2    1 
ATOM 427  O "O5'"  . U A 1 14 ? 5.810   10.272  -9.795  1.00 2.88 ? 14 U A "O5'"  1 
ATOM 428  C "C5'"  . U A 1 14 ? 4.717   11.199  -9.978  1.00 2.81 ? 14 U A "C5'"  1 
ATOM 429  C "C4'"  . U A 1 14 ? 3.589   10.999  -8.961  1.00 2.68 ? 14 U A "C4'"  1 
ATOM 430  O "O4'"  . U A 1 14 ? 3.308   9.578   -8.810  1.00 2.65 ? 14 U A "O4'"  1 
ATOM 431  C "C3'"  . U A 1 14 ? 3.864   11.462  -7.528  1.00 2.61 ? 14 U A "C3'"  1 
ATOM 432  O "O3'"  . U A 1 14 ? 3.830   12.906  -7.434  1.00 2.65 ? 14 U A "O3'"  1 
ATOM 433  C "C2'"  . U A 1 14 ? 2.787   10.663  -6.766  1.00 2.51 ? 14 U A "C2'"  1 
ATOM 434  O "O2'"  . U A 1 14 ? 1.457   11.187  -6.738  1.00 2.49 ? 14 U A "O2'"  1 
ATOM 435  C "C1'"  . U A 1 14 ? 2.730   9.337   -7.533  1.00 2.49 ? 14 U A "C1'"  1 
ATOM 436  N N1     . U A 1 14 ? 3.376   8.193   -6.813  1.00 2.38 ? 14 U A N1     1 
ATOM 437  C C2     . U A 1 14 ? 2.705   7.636   -5.721  1.00 2.20 ? 14 U A C2     1 
ATOM 438  O O2     . U A 1 14 ? 1.625   8.018   -5.292  1.00 2.13 ? 14 U A O2     1 
ATOM 439  N N3     . U A 1 14 ? 3.353   6.596   -5.132  1.00 2.12 ? 14 U A N3     1 
ATOM 440  C C4     . U A 1 14 ? 4.548   6.032   -5.450  1.00 2.22 ? 14 U A C4     1 
ATOM 441  O O4     . U A 1 14 ? 4.930   5.066   -4.785  1.00 2.16 ? 14 U A O4     1 
ATOM 442  C C5     . U A 1 14 ? 5.195   6.647   -6.564  1.00 2.43 ? 14 U A C5     1 
ATOM 443  C C6     . U A 1 14 ? 4.608   7.677   -7.193  1.00 2.50 ? 14 U A C6     1 
ATOM 444  H "H5'"  . U A 1 14 ? 4.312   11.106  -10.986 1.00 2.80 ? 14 U A "H5'"  1 
ATOM 445  H "H5''" . U A 1 14 ? 5.070   12.225  -9.874  1.00 2.89 ? 14 U A "H5''" 1 
ATOM 446  H "H4'"  . U A 1 14 ? 2.727   11.579  -9.293  1.00 2.68 ? 14 U A "H4'"  1 
ATOM 447  H "H3'"  . U A 1 14 ? 4.858   11.137  -7.223  1.00 2.68 ? 14 U A "H3'"  1 
ATOM 448  H "H2'"  . U A 1 14 ? 3.213   10.481  -5.778  1.00 2.52 ? 14 U A "H2'"  1 
ATOM 449  H "HO2'" . U A 1 14 ? 1.090   10.940  -5.876  1.00 2.59 ? 14 U A "HO2'" 1 
ATOM 450  H "H1'"  . U A 1 14 ? 1.693   9.064   -7.771  1.00 2.45 ? 14 U A "H1'"  1 
ATOM 451  H H3     . U A 1 14 ? 2.879   6.168   -4.349  1.00 2.01 ? 14 U A H3     1 
ATOM 452  H H5     . U A 1 14 ? 6.162   6.261   -6.879  1.00 2.55 ? 14 U A H5     1 
ATOM 453  H H6     . U A 1 14 ? 5.126   8.127   -8.046  1.00 2.67 ? 14 U A H6     1 
ATOM 454  P P      . C A 1 15 ? 4.420   13.747  -6.184  1.00 2.63 ? 15 C A P      1 
ATOM 455  O OP1    . C A 1 15 ? 4.142   15.189  -6.387  1.00 2.80 ? 15 C A OP1    1 
ATOM 456  O OP2    . C A 1 15 ? 5.828   13.285  -6.035  1.00 2.80 ? 15 C A OP2    1 
ATOM 457  O "O5'"  . C A 1 15 ? 3.523   13.205  -4.949  1.00 2.42 ? 15 C A "O5'"  1 
ATOM 458  C "C5'"  . C A 1 15 ? 2.125   13.518  -4.782  1.00 2.42 ? 15 C A "C5'"  1 
ATOM 459  C "C4'"  . C A 1 15 ? 1.412   12.593  -3.788  1.00 2.39 ? 15 C A "C4'"  1 
ATOM 460  O "O4'"  . C A 1 15 ? 1.748   11.190  -4.010  1.00 2.37 ? 15 C A "O4'"  1 
ATOM 461  C "C3'"  . C A 1 15 ? 1.719   12.744  -2.302  1.00 2.24 ? 15 C A "C3'"  1 
ATOM 462  O "O3'"  . C A 1 15 ? 1.203   13.973  -1.777  1.00 2.32 ? 15 C A "O3'"  1 
ATOM 463  C "C2'"  . C A 1 15 ? 1.103   11.443  -1.755  1.00 2.31 ? 15 C A "C2'"  1 
ATOM 464  O "O2'"  . C A 1 15 ? -0.319  11.410  -1.624  1.00 2.58 ? 15 C A "O2'"  1 
ATOM 465  C "C1'"  . C A 1 15 ? 1.510   10.434  -2.832  1.00 2.30 ? 15 C A "C1'"  1 
ATOM 466  N N1     . C A 1 15 ? 2.677   9.555   -2.456  1.00 2.20 ? 15 C A N1     1 
ATOM 467  C C2     . C A 1 15 ? 2.492   8.489   -1.562  1.00 2.08 ? 15 C A C2     1 
ATOM 468  O O2     . C A 1 15 ? 1.370   8.297   -1.086  1.00 2.09 ? 15 C A O2     1 
ATOM 469  N N3     . C A 1 15 ? 3.513   7.683   -1.219  1.00 2.00 ? 15 C A N3     1 
ATOM 470  C C4     . C A 1 15 ? 4.692   7.915   -1.740  1.00 2.08 ? 15 C A C4     1 
ATOM 471  N N4     . C A 1 15 ? 5.646   7.111   -1.396  1.00 2.05 ? 15 C A N4     1 
ATOM 472  C C5     . C A 1 15 ? 4.964   8.963   -2.632  1.00 2.27 ? 15 C A C5     1 
ATOM 473  C C6     . C A 1 15 ? 3.933   9.747   -2.958  1.00 2.30 ? 15 C A C6     1 
ATOM 474  H "H5'"  . C A 1 15 ? 1.622   13.463  -5.747  1.00 2.49 ? 15 C A "H5'"  1 
ATOM 475  H "H5''" . C A 1 15 ? 2.006   14.541  -4.434  1.00 2.48 ? 15 C A "H5''" 1 
ATOM 476  H "H4'"  . C A 1 15 ? 0.344   12.784  -3.894  1.00 2.58 ? 15 C A "H4'"  1 
ATOM 477  H "H3'"  . C A 1 15 ? 2.798   12.751  -2.152  1.00 2.12 ? 15 C A "H3'"  1 
ATOM 478  H "H2'"  . C A 1 15 ? 1.645   11.211  -0.843  1.00 2.25 ? 15 C A "H2'"  1 
ATOM 479  H "HO2'" . C A 1 15 ? -0.510  11.010  -0.766  1.00 2.55 ? 15 C A "HO2'" 1 
ATOM 480  H "H1'"  . C A 1 15 ? 0.658   9.795   -3.106  1.00 2.34 ? 15 C A "H1'"  1 
ATOM 481  H H41    . C A 1 15 ? 5.332   6.392   -0.746  1.00 1.92 ? 15 C A H41    1 
ATOM 482  H H42    . C A 1 15 ? 6.584   7.180   -1.722  1.00 2.18 ? 15 C A H42    1 
ATOM 483  H H5     . C A 1 15 ? 5.961   9.124   -3.031  1.00 2.41 ? 15 C A H5     1 
ATOM 484  H H6     . C A 1 15 ? 4.096   10.558  -3.637  1.00 2.44 ? 15 C A H6     1 
ATOM 485  P P      . G A 1 16 ? 1.631   14.526  -0.332  1.00 2.24 ? 16 G A P      1 
ATOM 486  O OP1    . G A 1 16 ? 0.888   15.783  -0.078  1.00 2.42 ? 16 G A OP1    1 
ATOM 487  O OP2    . G A 1 16 ? 3.119   14.548  -0.320  1.00 2.15 ? 16 G A OP2    1 
ATOM 488  O "O5'"  . G A 1 16 ? 1.068   13.405  0.673   1.00 2.16 ? 16 G A "O5'"  1 
ATOM 489  C "C5'"  . G A 1 16 ? -0.325  13.299  1.010   1.00 2.31 ? 16 G A "C5'"  1 
ATOM 490  C "C4'"  . G A 1 16 ? -0.584  12.102  1.911   1.00 2.30 ? 16 G A "C4'"  1 
ATOM 491  O "O4'"  . G A 1 16 ? -0.065  10.867  1.306   1.00 2.28 ? 16 G A "O4'"  1 
ATOM 492  C "C3'"  . G A 1 16 ? 0.083   12.117  3.289   1.00 2.07 ? 16 G A "C3'"  1 
ATOM 493  O "O3'"  . G A 1 16 ? -0.468  13.117  4.173   1.00 2.13 ? 16 G A "O3'"  1 
ATOM 494  C "C2'"  . G A 1 16 ? -0.117  10.643  3.679   1.00 2.12 ? 16 G A "C2'"  1 
ATOM 495  O "O2'"  . G A 1 16 ? -1.459  10.222  3.959   1.00 2.41 ? 16 G A "O2'"  1 
ATOM 496  C "C1'"  . G A 1 16 ? 0.326   9.992   2.363   1.00 2.16 ? 16 G A "C1'"  1 
ATOM 497  N N9     . G A 1 16 ? 1.778   9.700   2.329   1.00 1.90 ? 16 G A N9     1 
ATOM 498  C C8     . G A 1 16 ? 2.787   10.311  1.618   1.00 1.79 ? 16 G A C8     1 
ATOM 499  N N7     . G A 1 16 ? 3.966   9.792   1.831   1.00 1.63 ? 16 G A N7     1 
ATOM 500  C C5     . G A 1 16 ? 3.734   8.763   2.747   1.00 1.61 ? 16 G A C5     1 
ATOM 501  C C6     . G A 1 16 ? 4.610   7.827   3.385   1.00 1.50 ? 16 G A C6     1 
ATOM 502  O O6     . G A 1 16 ? 5.831   7.663   3.287   1.00 1.43 ? 16 G A O6     1 
ATOM 503  N N1     . G A 1 16 ? 3.936   6.987   4.245   1.00 1.55 ? 16 G A N1     1 
ATOM 504  C C2     . G A 1 16 ? 2.601   7.059   4.440   1.00 1.73 ? 16 G A C2     1 
ATOM 505  N N2     . G A 1 16 ? 2.067   6.226   5.276   1.00 1.82 ? 16 G A N2     1 
ATOM 506  N N3     . G A 1 16 ? 1.748   7.869   3.896   1.00 1.87 ? 16 G A N3     1 
ATOM 507  C C4     . G A 1 16 ? 2.387   8.706   3.055   1.00 1.78 ? 16 G A C4     1 
ATOM 508  H "H5'"  . G A 1 16 ? -0.930  13.211  0.108   1.00 2.42 ? 16 G A "H5'"  1 
ATOM 509  H "H5''" . G A 1 16 ? -0.654  14.196  1.537   1.00 2.37 ? 16 G A "H5''" 1 
ATOM 510  H "H4'"  . G A 1 16 ? -1.660  12.068  2.095   1.00 2.50 ? 16 G A "H4'"  1 
ATOM 511  H "H3'"  . G A 1 16 ? 1.143   12.340  3.150   1.00 1.87 ? 16 G A "H3'"  1 
ATOM 512  H "H2'"  . G A 1 16 ? 0.617   10.395  4.447   1.00 1.94 ? 16 G A "H2'"  1 
ATOM 513  H "HO2'" . G A 1 16 ? -1.411  9.446   4.526   1.00 2.63 ? 16 G A "HO2'" 1 
ATOM 514  H "H1'"  . G A 1 16 ? -0.217  9.053   2.251   1.00 2.31 ? 16 G A "H1'"  1 
ATOM 515  H H8     . G A 1 16 ? 2.624   11.141  0.956   1.00 1.87 ? 16 G A H8     1 
ATOM 516  H H1     . G A 1 16 ? 4.528   6.305   4.731   1.00 1.49 ? 16 G A H1     1 
ATOM 517  H H21    . G A 1 16 ? 2.674   5.583   5.770   1.00 1.73 ? 16 G A H21    1 
ATOM 518  H H22    . G A 1 16 ? 1.080   6.298   5.405   1.00 1.99 ? 16 G A H22    1 
ATOM 519  P P      . U A 1 17 ? 0.376   13.719  5.416   1.00 1.90 ? 17 U A P      1 
ATOM 520  O OP1    . U A 1 17 ? -0.444  14.700  6.164   1.00 2.13 ? 17 U A OP1    1 
ATOM 521  O OP2    . U A 1 17 ? 1.686   14.147  4.860   1.00 1.65 ? 17 U A OP2    1 
ATOM 522  O "O5'"  . U A 1 17 ? 0.572   12.422  6.333   1.00 1.77 ? 17 U A "O5'"  1 
ATOM 523  C "C5'"  . U A 1 17 ? -0.507  11.778  7.025   1.00 2.02 ? 17 U A "C5'"  1 
ATOM 524  C "C4'"  . U A 1 17 ? 0.003   10.586  7.817   1.00 1.90 ? 17 U A "C4'"  1 
ATOM 525  O "O4'"  . U A 1 17 ? 0.620   9.566   6.958   1.00 1.76 ? 17 U A "O4'"  1 
ATOM 526  C "C3'"  . U A 1 17 ? 1.136   10.884  8.795   1.00 1.66 ? 17 U A "C3'"  1 
ATOM 527  O "O3'"  . U A 1 17 ? 0.735   11.718  9.896   1.00 1.90 ? 17 U A "O3'"  1 
ATOM 528  C "C2'"  . U A 1 17 ? 1.613   9.460   9.109   1.00 1.59 ? 17 U A "C2'"  1 
ATOM 529  O "O2'"  . U A 1 17 ? 0.655   8.644   9.803   1.00 1.87 ? 17 U A "O2'"  1 
ATOM 530  C "C1'"  . U A 1 17 ? 1.726   8.972   7.656   1.00 1.52 ? 17 U A "C1'"  1 
ATOM 531  N N1     . U A 1 17 ? 3.039   9.313   7.000   1.00 1.21 ? 17 U A N1     1 
ATOM 532  C C2     . U A 1 17 ? 4.187   8.653   7.439   1.00 1.03 ? 17 U A C2     1 
ATOM 533  O O2     . U A 1 17 ? 4.228   7.817   8.323   1.00 1.10 ? 17 U A O2     1 
ATOM 534  N N3     . U A 1 17 ? 5.326   9.003   6.806   1.00 0.87 ? 17 U A N3     1 
ATOM 535  C C4     . U A 1 17 ? 5.514   9.905   5.816   1.00 0.87 ? 17 U A C4     1 
ATOM 536  O O4     . U A 1 17 ? 6.656   10.091  5.408   1.00 0.88 ? 17 U A O4     1 
ATOM 537  C C5     . U A 1 17 ? 4.321   10.558  5.398   1.00 1.03 ? 17 U A C5     1 
ATOM 538  C C6     . U A 1 17 ? 3.157   10.250  5.983   1.00 1.20 ? 17 U A C6     1 
ATOM 539  H "H5'"  . U A 1 17 ? -1.275  11.449  6.327   1.00 2.22 ? 17 U A "H5'"  1 
ATOM 540  H "H5''" . U A 1 17 ? -0.963  12.476  7.731   1.00 2.17 ? 17 U A "H5''" 1 
ATOM 541  H "H4'"  . U A 1 17 ? -0.834  10.212  8.411   1.00 2.16 ? 17 U A "H4'"  1 
ATOM 542  H "H3'"  . U A 1 17 ? 1.913   11.423  8.247   1.00 1.44 ? 17 U A "H3'"  1 
ATOM 543  H "H2'"  . U A 1 17 ? 2.610   9.512   9.560   1.00 1.42 ? 17 U A "H2'"  1 
ATOM 544  H "HO2'" . U A 1 17 ? 1.121   8.020   10.364  1.00 1.62 ? 17 U A "HO2'" 1 
ATOM 545  H "H1'"  . U A 1 17 ? 1.590   7.889   7.644   1.00 1.63 ? 17 U A "H1'"  1 
ATOM 546  H H3     . U A 1 17 ? 6.155   8.518   7.117   1.00 0.87 ? 17 U A H3     1 
ATOM 547  H H5     . U A 1 17 ? 4.384   11.301  4.603   1.00 1.09 ? 17 U A H5     1 
ATOM 548  H H6     . U A 1 17 ? 2.274   10.773  5.621   1.00 1.42 ? 17 U A H6     1 
ATOM 549  P P      . U A 1 18 ? 1.823   12.578  10.704  1.00 1.90 ? 18 U A P      1 
ATOM 550  O OP1    . U A 1 18 ? 1.203   13.400  11.769  1.00 2.27 ? 18 U A OP1    1 
ATOM 551  O OP2    . U A 1 18 ? 2.681   13.236  9.682   1.00 1.79 ? 18 U A OP2    1 
ATOM 552  O "O5'"  . U A 1 18 ? 2.649   11.411  11.402  1.00 1.77 ? 18 U A "O5'"  1 
ATOM 553  C "C5'"  . U A 1 18 ? 2.121   10.501  12.385  1.00 1.88 ? 18 U A "C5'"  1 
ATOM 554  C "C4'"  . U A 1 18 ? 3.265   9.621   12.866  1.00 1.79 ? 18 U A "C4'"  1 
ATOM 555  O "O4'"  . U A 1 18 ? 3.931   8.976   11.729  1.00 1.58 ? 18 U A "O4'"  1 
ATOM 556  C "C3'"  . U A 1 18 ? 4.371   10.442  13.505  1.00 1.80 ? 18 U A "C3'"  1 
ATOM 557  O "O3'"  . U A 1 18 ? 3.941   10.952  14.782  1.00 2.06 ? 18 U A "O3'"  1 
ATOM 558  C "C2'"  . U A 1 18 ? 5.559   9.486   13.388  1.00 1.68 ? 18 U A "C2'"  1 
ATOM 559  O "O2'"  . U A 1 18 ? 5.630   8.405   14.319  1.00 1.90 ? 18 U A "O2'"  1 
ATOM 560  C "C1'"  . U A 1 18 ? 5.338   8.933   11.966  1.00 1.45 ? 18 U A "C1'"  1 
ATOM 561  N N1     . U A 1 18 ? 6.104   9.694   10.921  1.00 1.18 ? 18 U A N1     1 
ATOM 562  C C2     . U A 1 18 ? 7.488   9.564   10.934  1.00 1.14 ? 18 U A C2     1 
ATOM 563  O O2     . U A 1 18 ? 8.120   8.871   11.715  1.00 1.30 ? 18 U A O2     1 
ATOM 564  N N3     . U A 1 18 ? 8.137   10.278  9.991   1.00 1.02 ? 18 U A N3     1 
ATOM 565  C C4     . U A 1 18 ? 7.643   11.093  9.039   1.00 0.90 ? 18 U A C4     1 
ATOM 566  O O4     . U A 1 18 ? 8.442   11.636  8.283   1.00 0.94 ? 18 U A O4     1 
ATOM 567  C C5     . U A 1 18 ? 6.222   11.192  9.051   1.00 0.90 ? 18 U A C5     1 
ATOM 568  C C6     . U A 1 18 ? 5.513   10.508  9.962   1.00 1.06 ? 18 U A C6     1 
ATOM 569  H "H5'"  . U A 1 18 ? 1.327   9.876   11.984  1.00 1.94 ? 18 U A "H5'"  1 
ATOM 570  H "H5''" . U A 1 18 ? 1.725   11.057  13.236  1.00 2.06 ? 18 U A "H5''" 1 
ATOM 571  H "H4'"  . U A 1 18 ? 2.909   8.946   13.648  1.00 1.91 ? 18 U A "H4'"  1 
ATOM 572  H "H3'"  . U A 1 18 ? 4.593   11.303  12.871  1.00 1.74 ? 18 U A "H3'"  1 
ATOM 573  H "H2'"  . U A 1 18 ? 6.435   10.131  13.370  1.00 1.64 ? 18 U A "H2'"  1 
ATOM 574  H "HO2'" . U A 1 18 ? 6.535   8.417   14.666  1.00 1.99 ? 18 U A "HO2'" 1 
ATOM 575  H "H1'"  . U A 1 18 ? 5.635   7.878   11.924  1.00 1.48 ? 18 U A "H1'"  1 
ATOM 576  H H3     . U A 1 18 ? 9.143   10.185  9.998   1.00 1.11 ? 18 U A H3     1 
ATOM 577  H H5     . U A 1 18 ? 5.735   11.832  8.314   1.00 0.87 ? 18 U A H5     1 
ATOM 578  H H6     . U A 1 18 ? 4.426   10.597  9.928   1.00 1.18 ? 18 U A H6     1 
ATOM 579  P P      . G A 1 19 ? 4.554   12.302  15.398  1.00 2.08 ? 19 G A P      1 
ATOM 580  O OP1    . G A 1 19 ? 3.877   12.652  16.668  1.00 2.43 ? 19 G A OP1    1 
ATOM 581  O OP2    . G A 1 19 ? 4.647   13.307  14.306  1.00 1.93 ? 19 G A OP2    1 
ATOM 582  O "O5'"  . G A 1 19 ? 5.999   11.746  15.735  1.00 1.98 ? 19 G A "O5'"  1 
ATOM 583  C "C5'"  . G A 1 19 ? 6.222   10.746  16.741  1.00 2.18 ? 19 G A "C5'"  1 
ATOM 584  C "C4'"  . G A 1 19 ? 7.670   10.331  16.697  1.00 2.09 ? 19 G A "C4'"  1 
ATOM 585  O "O4'"  . G A 1 19 ? 7.996   9.696   15.416  1.00 1.80 ? 19 G A "O4'"  1 
ATOM 586  C "C3'"  . G A 1 19 ? 8.684   11.471  16.747  1.00 2.15 ? 19 G A "C3'"  1 
ATOM 587  O "O3'"  . G A 1 19 ? 8.705   12.158  17.995  1.00 2.50 ? 19 G A "O3'"  1 
ATOM 588  C "C2'"  . G A 1 19 ? 9.948   10.704  16.365  1.00 2.11 ? 19 G A "C2'"  1 
ATOM 589  O "O2'"  . G A 1 19 ? 10.402  9.743   17.332  1.00 2.44 ? 19 G A "O2'"  1 
ATOM 590  C "C1'"  . G A 1 19 ? 9.354   9.998   15.146  1.00 1.78 ? 19 G A "C1'"  1 
ATOM 591  N N9     . G A 1 19 ? 9.482   10.791  13.910  1.00 1.55 ? 19 G A N9     1 
ATOM 592  C C8     . G A 1 19 ? 8.584   11.614  13.263  1.00 1.44 ? 19 G A C8     1 
ATOM 593  N N7     . G A 1 19 ? 9.060   12.141  12.171  1.00 1.30 ? 19 G A N7     1 
ATOM 594  C C5     . G A 1 19 ? 10.370  11.640  12.090  1.00 1.38 ? 19 G A C5     1 
ATOM 595  C C6     . G A 1 19 ? 11.430  11.829  11.147  1.00 1.46 ? 19 G A C6     1 
ATOM 596  O O6     . G A 1 19 ? 11.459  12.493  10.107  1.00 1.48 ? 19 G A O6     1 
ATOM 597  N N1     . G A 1 19 ? 12.575  11.139  11.501  1.00 1.66 ? 19 G A N1     1 
ATOM 598  C C2     . G A 1 19 ? 12.660  10.372  12.603  1.00 1.74 ? 19 G A C2     1 
ATOM 599  N N2     . G A 1 19 ? 13.776  9.769   12.863  1.00 1.96 ? 19 G A N2     1 
ATOM 600  N N3     . G A 1 19 ? 11.745  10.142  13.485  1.00 1.69 ? 19 G A N3     1 
ATOM 601  C C4     . G A 1 19 ? 10.624  10.817  13.164  1.00 1.52 ? 19 G A C4     1 
ATOM 602  H "H5'"  . G A 1 19 ? 5.595   9.867   16.581  1.00 2.20 ? 19 G A "H5'"  1 
ATOM 603  H "H5''" . G A 1 19 ? 6.012   11.140  17.737  1.00 2.45 ? 19 G A "H5''" 1 
ATOM 604  H "H4'"  . G A 1 19 ? 7.859   9.689   17.560  1.00 2.29 ? 19 G A "H4'"  1 
ATOM 605  H "H3'"  . G A 1 19 ? 8.431   12.202  15.973  1.00 2.01 ? 19 G A "H3'"  1 
ATOM 606  H "H2'"  . G A 1 19 ? 10.685  11.427  16.017  1.00 2.13 ? 19 G A "H2'"  1 
ATOM 607  H "HO2'" . G A 1 19 ? 11.319  9.533   17.137  1.00 2.68 ? 19 G A "HO2'" 1 
ATOM 608  H "H1'"  . G A 1 19 ? 9.885   9.059   14.990  1.00 1.79 ? 19 G A "H1'"  1 
ATOM 609  H H8     . G A 1 19 ? 7.585   11.822  13.610  1.00 1.52 ? 19 G A H8     1 
ATOM 610  H H1     . G A 1 19 ? 13.369  11.236  10.877  1.00 1.81 ? 19 G A H1     1 
ATOM 611  H H21    . G A 1 19 ? 14.569  9.878   12.247  1.00 2.08 ? 19 G A H21    1 
ATOM 612  H H22    . G A 1 19 ? 13.751  9.223   13.699  1.00 2.03 ? 19 G A H22    1 
ATOM 613  P P      . C A 1 20 ? 9.281   13.648  18.090  1.00 2.71 ? 20 C A P      1 
ATOM 614  O OP1    . C A 1 20 ? 9.202   14.095  19.500  1.00 3.07 ? 20 C A OP1    1 
ATOM 615  O OP2    . C A 1 20 ? 8.606   14.461  17.044  1.00 2.59 ? 20 C A OP2    1 
ATOM 616  O "O5'"  . C A 1 20 ? 10.827  13.440  17.735  1.00 2.71 ? 20 C A "O5'"  1 
ATOM 617  C "C5'"  . C A 1 20 ? 11.737  12.718  18.583  1.00 2.93 ? 20 C A "C5'"  1 
ATOM 618  C "C4'"  . C A 1 20 ? 13.095  12.617  17.904  1.00 2.96 ? 20 C A "C4'"  1 
ATOM 619  O "O4'"  . C A 1 20 ? 12.977  12.003  16.581  1.00 2.60 ? 20 C A "O4'"  1 
ATOM 620  C "C3'"  . C A 1 20 ? 13.752  13.951  17.577  1.00 3.19 ? 20 C A "C3'"  1 
ATOM 621  O "O3'"  . C A 1 20 ? 14.182  14.643  18.753  1.00 3.63 ? 20 C A "O3'"  1 
ATOM 622  C "C2'"  . C A 1 20 ? 14.818  13.511  16.572  1.00 3.13 ? 20 C A "C2'"  1 
ATOM 623  O "O2'"  . C A 1 20 ? 15.957  12.826  17.103  1.00 3.40 ? 20 C A "O2'"  1 
ATOM 624  C "C1'"  . C A 1 20 ? 13.979  12.538  15.719  1.00 2.66 ? 20 C A "C1'"  1 
ATOM 625  N N1     . C A 1 20 ? 13.398  13.214  14.507  1.00 2.41 ? 20 C A N1     1 
ATOM 626  C C2     . C A 1 20 ? 14.274  13.610  13.476  1.00 2.47 ? 20 C A C2     1 
ATOM 627  O O2     . C A 1 20 ? 15.481  13.374  13.571  1.00 2.70 ? 20 C A O2     1 
ATOM 628  N N3     . C A 1 20 ? 13.818  14.235  12.388  1.00 2.33 ? 20 C A N3     1 
ATOM 629  C C4     . C A 1 20 ? 12.538  14.468  12.293  1.00 2.13 ? 20 C A C4     1 
ATOM 630  N N4     . C A 1 20 ? 12.256  15.079  11.190  1.00 2.06 ? 20 C A N4     1 
ATOM 631  C C5     . C A 1 20 ? 11.587  14.093  13.270  1.00 2.06 ? 20 C A C5     1 
ATOM 632  C C6     . C A 1 20 ? 12.055  13.473  14.355  1.00 2.21 ? 20 C A C6     1 
ATOM 633  H "H5'"  . C A 1 20 ? 11.366  11.715  18.797  1.00 2.86 ? 20 C A "H5'"  1 
ATOM 634  H "H5''" . C A 1 20 ? 11.868  13.238  19.534  1.00 3.22 ? 20 C A "H5''" 1 
ATOM 635  H "H4'"  . C A 1 20 ? 13.772  12.091  18.579  1.00 3.13 ? 20 C A "H4'"  1 
ATOM 636  H "H3'"  . C A 1 20 ? 13.021  14.590  17.084  1.00 3.08 ? 20 C A "H3'"  1 
ATOM 637  H "H2'"  . C A 1 20 ? 15.047  14.398  15.975  1.00 3.23 ? 20 C A "H2'"  1 
ATOM 638  H "HO2'" . C A 1 20 ? 16.743  13.304  16.815  1.00 3.65 ? 20 C A "HO2'" 1 
ATOM 639  H "H1'"  . C A 1 20 ? 14.588  11.687  15.394  1.00 2.60 ? 20 C A "H1'"  1 
ATOM 640  H H41    . C A 1 20 ? 13.080  15.261  10.608  1.00 2.17 ? 20 C A H41    1 
ATOM 641  H H42    . C A 1 20 ? 11.317  15.327  10.965  1.00 1.96 ? 20 C A H42    1 
ATOM 642  H H5     . C A 1 20 ? 10.521  14.268  13.181  1.00 1.96 ? 20 C A H5     1 
ATOM 643  H H6     . C A 1 20 ? 11.320  13.186  15.103  1.00 2.21 ? 20 C A H6     1 
ATOM 644  P P      . C A 1 21 ? 14.316  16.241  18.778  1.00 3.98 ? 21 C A P      1 
ATOM 645  O OP1    . C A 1 21 ? 14.392  16.702  20.180  1.00 4.46 ? 21 C A OP1    1 
ATOM 646  O OP2    . C A 1 21 ? 13.268  16.821  17.894  1.00 3.77 ? 21 C A OP2    1 
ATOM 647  O "O5'"  . C A 1 21 ? 15.751  16.446  18.142  1.00 4.04 ? 21 C A "O5'"  1 
ATOM 648  C "C5'"  . C A 1 21 ? 16.961  15.864  18.644  1.00 4.31 ? 21 C A "C5'"  1 
ATOM 649  C "C4'"  . C A 1 21 ? 18.022  16.077  17.577  1.00 4.36 ? 21 C A "C4'"  1 
ATOM 650  O "O4'"  . C A 1 21 ? 17.591  15.457  16.316  1.00 3.96 ? 21 C A "O4'"  1 
ATOM 651  C "C3'"  . C A 1 21 ? 18.277  17.538  17.181  1.00 4.60 ? 21 C A "C3'"  1 
ATOM 652  O "O3'"  . C A 1 21 ? 18.991  18.309  18.172  1.00 5.09 ? 21 C A "O3'"  1 
ATOM 653  C "C2'"  . C A 1 21 ? 18.958  17.371  15.825  1.00 4.51 ? 21 C A "C2'"  1 
ATOM 654  O "O2'"  . C A 1 21 ? 20.325  16.956  15.890  1.00 4.80 ? 21 C A "O2'"  1 
ATOM 655  C "C1'"  . C A 1 21 ? 18.069  16.251  15.230  1.00 4.03 ? 21 C A "C1'"  1 
ATOM 656  N N1     . C A 1 21 ? 16.930  16.754  14.381  1.00 3.73 ? 21 C A N1     1 
ATOM 657  C C2     . C A 1 21 ? 17.184  17.198  13.073  1.00 3.76 ? 21 C A C2     1 
ATOM 658  O O2     . C A 1 21 ? 18.344  17.172  12.657  1.00 4.05 ? 21 C A O2     1 
ATOM 659  N N3     . C A 1 21 ? 16.195  17.653  12.273  1.00 3.53 ? 21 C A N3     1 
ATOM 660  C C4     . C A 1 21 ? 14.976  17.672  12.749  1.00 3.27 ? 21 C A C4     1 
ATOM 661  N N4     . C A 1 21 ? 14.061  18.109  11.941  1.00 3.10 ? 21 C A N4     1 
ATOM 662  C C5     . C A 1 21 ? 14.641  17.249  14.048  1.00 3.28 ? 21 C A C5     1 
ATOM 663  C C6     . C A 1 21 ? 15.636  16.803  14.825  1.00 3.50 ? 21 C A C6     1 
ATOM 664  H "H5'"  . C A 1 21 ? 16.849  14.792  18.830  1.00 4.17 ? 21 C A "H5'"  1 
ATOM 665  H "H5''" . C A 1 21 ? 17.280  16.349  19.569  1.00 4.67 ? 21 C A "H5''" 1 
ATOM 666  H "H4'"  . C A 1 21 ? 18.975  15.700  17.950  1.00 4.59 ? 21 C A "H4'"  1 
ATOM 667  H "H3'"  . C A 1 21 ? 17.323  18.049  17.024  1.00 4.46 ? 21 C A "H3'"  1 
ATOM 668  H "HO3'" . C A 1 21 ? 19.924  18.277  17.946  1.00 5.34 ? 21 C A "HO3'" 1 
ATOM 669  H "H2'"  . C A 1 21 ? 18.779  18.300  15.269  1.00 4.57 ? 21 C A "H2'"  1 
ATOM 670  H "HO2'" . C A 1 21 ? 20.722  17.172  15.037  1.00 5.08 ? 21 C A "HO2'" 1 
ATOM 671  H "H1'"  . C A 1 21 ? 18.678  15.567  14.620  1.00 4.03 ? 21 C A "H1'"  1 
ATOM 672  H H41    . C A 1 21 ? 14.360  18.426  11.019  1.00 3.15 ? 21 C A H41    1 
ATOM 673  H H42    . C A 1 21 ? 13.111  18.144  12.243  1.00 2.96 ? 21 C A H42    1 
ATOM 674  H H5     . C A 1 21 ? 13.623  17.278  14.414  1.00 3.17 ? 21 C A H5     1 
ATOM 675  H H6     . C A 1 21 ? 15.395  16.480  15.831  1.00 3.56 ? 21 C A H6     1 
ATOM 676  O "O5'"  . G B 2 1  ? -19.372 -16.807 -10.857 1.00 4.56 ? 1  G B "O5'"  1 
ATOM 677  C "C5'"  . G B 2 1  ? -20.776 -16.855 -11.186 1.00 4.75 ? 1  G B "C5'"  1 
ATOM 678  C "C4'"  . G B 2 1  ? -21.675 -16.444 -10.030 1.00 4.52 ? 1  G B "C4'"  1 
ATOM 679  O "O4'"  . G B 2 1  ? -21.446 -17.342 -8.908  1.00 4.34 ? 1  G B "O4'"  1 
ATOM 680  C "C3'"  . G B 2 1  ? -21.461 -15.044 -9.429  1.00 4.24 ? 1  G B "C3'"  1 
ATOM 681  O "O3'"  . G B 2 1  ? -21.984 -14.023 -10.307 1.00 4.45 ? 1  G B "O3'"  1 
ATOM 682  C "C2'"  . G B 2 1  ? -22.211 -15.232 -8.092  1.00 4.06 ? 1  G B "C2'"  1 
ATOM 683  O "O2'"  . G B 2 1  ? -23.640 -15.262 -8.239  1.00 4.30 ? 1  G B "O2'"  1 
ATOM 684  C "C1'"  . G B 2 1  ? -21.747 -16.658 -7.714  1.00 4.06 ? 1  G B "C1'"  1 
ATOM 685  N N9     . G B 2 1  ? -20.586 -16.850 -6.815  1.00 3.74 ? 1  G B N9     1 
ATOM 686  C C8     . G B 2 1  ? -19.253 -17.013 -7.134  1.00 3.59 ? 1  G B C8     1 
ATOM 687  N N7     . G B 2 1  ? -18.484 -17.169 -6.084  1.00 3.33 ? 1  G B N7     1 
ATOM 688  C C5     . G B 2 1  ? -19.355 -17.104 -4.985  1.00 3.29 ? 1  G B C5     1 
ATOM 689  C C6     . G B 2 1  ? -19.142 -17.202 -3.560  1.00 3.08 ? 1  G B C6     1 
ATOM 690  O O6     . G B 2 1  ? -18.118 -17.379 -2.876  1.00 2.86 ? 1  G B O6     1 
ATOM 691  N N1     . G B 2 1  ? -20.324 -17.070 -2.866  1.00 3.18 ? 1  G B N1     1 
ATOM 692  C C2     . G B 2 1  ? -21.517 -16.876 -3.460  1.00 3.44 ? 1  G B C2     1 
ATOM 693  N N2     . G B 2 1  ? -22.563 -16.764 -2.707  1.00 3.53 ? 1  G B N2     1 
ATOM 694  N N3     . G B 2 1  ? -21.783 -16.779 -4.726  1.00 3.64 ? 1  G B N3     1 
ATOM 695  C C4     . G B 2 1  ? -20.648 -16.903 -5.442  1.00 3.55 ? 1  G B C4     1 
ATOM 696  H "H5'"  . G B 2 1  ? -21.051 -17.859 -11.517 1.00 4.93 ? 1  G B "H5'"  1 
ATOM 697  H "H5''" . G B 2 1  ? -20.986 -16.181 -12.017 1.00 4.92 ? 1  G B "H5''" 1 
ATOM 698  H "H4'"  . G B 2 1  ? -22.709 -16.460 -10.382 1.00 4.72 ? 1  G B "H4'"  1 
ATOM 699  H "H3'"  . G B 2 1  ? -20.403 -14.851 -9.271  1.00 4.06 ? 1  G B "H3'"  1 
ATOM 700  H "H2'"  . G B 2 1  ? -21.838 -14.496 -7.372  1.00 3.80 ? 1  G B "H2'"  1 
ATOM 701  H "HO2'" . G B 2 1  ? -23.990 -14.412 -7.971  1.00 4.62 ? 1  G B "HO2'" 1 
ATOM 702  H "H1'"  . G B 2 1  ? -22.598 -17.208 -7.287  1.00 4.16 ? 1  G B "H1'"  1 
ATOM 703  H H8     . G B 2 1  ? -18.888 -17.015 -8.154  1.00 3.71 ? 1  G B H8     1 
ATOM 704  H H1     . G B 2 1  ? -20.259 -17.126 -1.855  1.00 3.07 ? 1  G B H1     1 
ATOM 705  H H21    . G B 2 1  ? -22.501 -16.822 -1.699  1.00 3.41 ? 1  G B H21    1 
ATOM 706  H H22    . G B 2 1  ? -23.390 -16.620 -3.248  1.00 3.73 ? 1  G B H22    1 
ATOM 707  H "HO5'" . G B 2 1  ? -18.869 -17.241 -11.557 1.00 4.65 ? 1  G B "HO5'" 1 
ATOM 708  P P      . C B 2 2  ? -21.252 -12.609 -10.564 1.00 4.36 ? 2  C B P      1 
ATOM 709  O OP1    . C B 2 2  ? -22.051 -11.752 -11.474 1.00 4.67 ? 2  C B OP1    1 
ATOM 710  O OP2    . C B 2 2  ? -19.848 -12.942 -10.920 1.00 4.31 ? 2  C B OP2    1 
ATOM 711  O "O5'"  . C B 2 2  ? -21.287 -11.967 -9.082  1.00 3.99 ? 2  C B "O5'"  1 
ATOM 712  C "C5'"  . C B 2 2  ? -22.486 -11.559 -8.397  1.00 3.96 ? 2  C B "C5'"  1 
ATOM 713  C "C4'"  . C B 2 2  ? -22.211 -11.082 -6.968  1.00 3.62 ? 2  C B "C4'"  1 
ATOM 714  O "O4'"  . C B 2 2  ? -21.882 -12.179 -6.050  1.00 3.40 ? 2  C B "O4'"  1 
ATOM 715  C "C3'"  . C B 2 2  ? -21.058 -10.109 -6.691  1.00 3.44 ? 2  C B "C3'"  1 
ATOM 716  O "O3'"  . C B 2 2  ? -21.255 -8.831  -7.341  1.00 3.66 ? 2  C B "O3'"  1 
ATOM 717  C "C2'"  . C B 2 2  ? -21.053 -10.131 -5.150  1.00 3.12 ? 2  C B "C2'"  1 
ATOM 718  O "O2'"  . C B 2 2  ? -22.081 -9.347  -4.536  1.00 3.16 ? 2  C B "O2'"  1 
ATOM 719  C "C1'"  . C B 2 2  ? -21.331 -11.620 -4.853  1.00 3.09 ? 2  C B "C1'"  1 
ATOM 720  N N1     . C B 2 2  ? -20.178 -12.420 -4.291  1.00 2.83 ? 2  C B N1     1 
ATOM 721  C C2     . C B 2 2  ? -19.793 -12.252 -2.936  1.00 2.56 ? 2  C B C2     1 
ATOM 722  O O2     . C B 2 2  ? -20.381 -11.444 -2.205  1.00 2.55 ? 2  C B O2     1 
ATOM 723  N N3     . C B 2 2  ? -18.784 -12.958 -2.394  1.00 2.35 ? 2  C B N3     1 
ATOM 724  C C4     . C B 2 2  ? -18.156 -13.817 -3.163  1.00 2.41 ? 2  C B C4     1 
ATOM 725  N N4     . C B 2 2  ? -17.197 -14.476 -2.570  1.00 2.24 ? 2  C B N4     1 
ATOM 726  C C5     . C B 2 2  ? -18.469 -14.040 -4.525  1.00 2.70 ? 2  C B C5     1 
ATOM 727  C C6     . C B 2 2  ? -19.478 -13.328 -5.052  1.00 2.89 ? 2  C B C6     1 
ATOM 728  H "H5'"  . C B 2 2  ? -23.208 -12.377 -8.370  1.00 4.06 ? 2  C B "H5'"  1 
ATOM 729  H "H5''" . C B 2 2  ? -22.952 -10.727 -8.927  1.00 4.14 ? 2  C B "H5''" 1 
ATOM 730  H "H4'"  . C B 2 2  ? -23.116 -10.556 -6.652  1.00 3.68 ? 2  C B "H4'"  1 
ATOM 731  H "H3'"  . C B 2 2  ? -20.133 -10.540 -7.092  1.00 3.41 ? 2  C B "H3'"  1 
ATOM 732  H "H2'"  . C B 2 2  ? -20.043 -9.873  -4.838  1.00 2.95 ? 2  C B "H2'"  1 
ATOM 733  H "HO2'" . C B 2 2  ? -21.634 -8.745  -3.910  1.00 3.04 ? 2  C B "HO2'" 1 
ATOM 734  H "H1'"  . C B 2 2  ? -22.179 -11.673 -4.152  1.00 3.09 ? 2  C B "H1'"  1 
ATOM 735  H H41    . C B 2 2  ? -17.019 -14.277 -1.584  1.00 2.05 ? 2  C B H41    1 
ATOM 736  H H42    . C B 2 2  ? -16.671 -15.154 -3.093  1.00 2.32 ? 2  C B H42    1 
ATOM 737  H H5     . C B 2 2  ? -17.911 -14.755 -5.126  1.00 2.78 ? 2  C B H5     1 
ATOM 738  H H6     . C B 2 2  ? -19.749 -13.474 -6.100  1.00 3.14 ? 2  C B H6     1 
ATOM 739  P P      . A B 2 3  ? -20.072 -7.738  -7.542  1.00 3.64 ? 3  A B P      1 
ATOM 740  O OP1    . A B 2 3  ? -20.522 -6.629  -8.416  1.00 3.97 ? 3  A B OP1    1 
ATOM 741  O OP2    . A B 2 3  ? -18.854 -8.509  -7.908  1.00 3.57 ? 3  A B OP2    1 
ATOM 742  O "O5'"  . A B 2 3  ? -19.900 -7.148  -6.045  1.00 3.36 ? 3  A B "O5'"  1 
ATOM 743  C "C5'"  . A B 2 3  ? -20.874 -6.306  -5.407  1.00 3.41 ? 3  A B "C5'"  1 
ATOM 744  C "C4'"  . A B 2 3  ? -20.645 -6.225  -3.897  1.00 3.14 ? 3  A B "C4'"  1 
ATOM 745  O "O4'"  . A B 2 3  ? -20.663 -7.569  -3.302  1.00 2.91 ? 3  A B "O4'"  1 
ATOM 746  C "C3'"  . A B 2 3  ? -19.351 -5.623  -3.320  1.00 3.00 ? 3  A B "C3'"  1 
ATOM 747  O "O3'"  . A B 2 3  ? -19.217 -4.195  -3.480  1.00 3.20 ? 3  A B "O3'"  1 
ATOM 748  C "C2'"  . A B 2 3  ? -19.517 -6.106  -1.866  1.00 2.77 ? 3  A B "C2'"  1 
ATOM 749  O "O2'"  . A B 2 3  ? -20.595 -5.492  -1.131  1.00 2.90 ? 3  A B "O2'"  1 
ATOM 750  C "C1'"  . A B 2 3  ? -19.858 -7.572  -2.128  1.00 2.67 ? 3  A B "C1'"  1 
ATOM 751  N N9     . A B 2 3  ? -18.692 -8.486  -2.308  1.00 2.45 ? 3  A B N9     1 
ATOM 752  C C8     . A B 2 3  ? -18.039 -8.849  -3.468  1.00 2.49 ? 3  A B C8     1 
ATOM 753  N N7     . A B 2 3  ? -17.046 -9.688  -3.294  1.00 2.26 ? 3  A B N7     1 
ATOM 754  C C5     . A B 2 3  ? -17.028 -9.906  -1.916  1.00 2.05 ? 3  A B C5     1 
ATOM 755  C C6     . A B 2 3  ? -16.213 -10.694 -1.067  1.00 1.79 ? 3  A B C6     1 
ATOM 756  N N6     . A B 2 3  ? -15.204 -11.474 -1.413  1.00 1.64 ? 3  A B N6     1 
ATOM 757  N N1     . A B 2 3  ? -16.456 -10.677 0.245   1.00 1.73 ? 3  A B N1     1 
ATOM 758  C C2     . A B 2 3  ? -17.466 -9.910  0.680   1.00 1.91 ? 3  A B C2     1 
ATOM 759  N N3     . A B 2 3  ? -18.312 -9.123  0.014   1.00 2.13 ? 3  A B N3     1 
ATOM 760  C C4     . A B 2 3  ? -18.032 -9.169  -1.303  1.00 2.19 ? 3  A B C4     1 
ATOM 761  H "H5'"  . A B 2 3  ? -21.874 -6.708  -5.590  1.00 3.51 ? 3  A B "H5'"  1 
ATOM 762  H "H5''" . A B 2 3  ? -20.849 -5.294  -5.816  1.00 3.60 ? 3  A B "H5''" 1 
ATOM 763  H "H4'"  . A B 2 3  ? -21.460 -5.615  -3.507  1.00 3.24 ? 3  A B "H4'"  1 
ATOM 764  H "H3'"  . A B 2 3  ? -18.491 -6.105  -3.793  1.00 2.94 ? 3  A B "H3'"  1 
ATOM 765  H "H2'"  . A B 2 3  ? -18.552 -6.078  -1.373  1.00 2.64 ? 3  A B "H2'"  1 
ATOM 766  H "HO2'" . A B 2 3  ? -20.486 -5.721  -0.204  1.00 2.81 ? 3  A B "HO2'" 1 
ATOM 767  H "H1'"  . A B 2 3  ? -20.484 -7.949  -1.315  1.00 2.63 ? 3  A B "H1'"  1 
ATOM 768  H H8     . A B 2 3  ? -18.305 -8.475  -4.446  1.00 2.71 ? 3  A B H8     1 
ATOM 769  H H61    . A B 2 3  ? -14.699 -11.998 -0.692  1.00 1.47 ? 3  A B H61    1 
ATOM 770  H H62    . A B 2 3  ? -14.946 -11.550 -2.377  1.00 1.74 ? 3  A B H62    1 
ATOM 771  H H2     . A B 2 3  ? -17.620 -9.935  1.759   1.00 1.92 ? 3  A B H2     1 
ATOM 772  P P      . C B 2 4  ? -17.792 -3.448  -3.287  1.00 3.16 ? 4  C B P      1 
ATOM 773  O OP1    . C B 2 4  ? -17.969 -1.977  -3.362  1.00 3.48 ? 4  C B OP1    1 
ATOM 774  O OP2    . C B 2 4  ? -16.876 -4.113  -4.252  1.00 3.12 ? 4  C B OP2    1 
ATOM 775  O "O5'"  . C B 2 4  ? -17.381 -3.822  -1.788  1.00 2.86 ? 4  C B "O5'"  1 
ATOM 776  C "C5'"  . C B 2 4  ? -18.030 -3.298  -0.617  1.00 2.91 ? 4  C B "C5'"  1 
ATOM 777  C "C4'"  . C B 2 4  ? -17.405 -3.900  0.638   1.00 2.62 ? 4  C B "C4'"  1 
ATOM 778  O "O4'"  . C B 2 4  ? -17.492 -5.358  0.649   1.00 2.38 ? 4  C B "O4'"  1 
ATOM 779  C "C3'"  . C B 2 4  ? -15.899 -3.707  0.747   1.00 2.44 ? 4  C B "C3'"  1 
ATOM 780  O "O3'"  . C B 2 4  ? -15.549 -2.334  0.945   1.00 2.67 ? 4  C B "O3'"  1 
ATOM 781  C "C2'"  . C B 2 4  ? -15.527 -4.730  1.824   1.00 2.19 ? 4  C B "C2'"  1 
ATOM 782  O "O2'"  . C B 2 4  ? -15.990 -4.483  3.159   1.00 2.31 ? 4  C B "O2'"  1 
ATOM 783  C "C1'"  . C B 2 4  ? -16.324 -5.914  1.255   1.00 2.14 ? 4  C B "C1'"  1 
ATOM 784  N N1     . C B 2 4  ? -15.523 -6.742  0.288   1.00 1.97 ? 4  C B N1     1 
ATOM 785  C C2     . C B 2 4  ? -14.513 -7.582  0.785   1.00 1.75 ? 4  C B C2     1 
ATOM 786  O O2     . C B 2 4  ? -14.307 -7.618  2.003   1.00 1.74 ? 4  C B O2     1 
ATOM 787  N N3     . C B 2 4  ? -13.779 -8.332  -0.055  1.00 1.61 ? 4  C B N3     1 
ATOM 788  C C4     . C B 2 4  ? -14.021 -8.272  -1.341  1.00 1.72 ? 4  C B C4     1 
ATOM 789  N N4     . C B 2 4  ? -13.267 -9.022  -2.085  1.00 1.61 ? 4  C B N4     1 
ATOM 790  C C5     . C B 2 4  ? -15.020 -7.455  -1.912  1.00 1.99 ? 4  C B C5     1 
ATOM 791  C C6     . C B 2 4  ? -15.737 -6.713  -1.065  1.00 2.08 ? 4  C B C6     1 
ATOM 792  H "H5'"  . C B 2 4  ? -19.100 -3.495  -0.627  1.00 3.00 ? 4  C B "H5'"  1 
ATOM 793  H "H5''" . C B 2 4  ? -17.890 -2.216  -0.580  1.00 3.12 ? 4  C B "H5''" 1 
ATOM 794  H "H4'"  . C B 2 4  ? -17.845 -3.418  1.513   1.00 2.76 ? 4  C B "H4'"  1 
ATOM 795  H "H3'"  . C B 2 4  ? -15.446 -4.015  -0.195  1.00 2.40 ? 4  C B "H3'"  1 
ATOM 796  H "H2'"  . C B 2 4  ? -14.448 -4.916  1.716   1.00 2.01 ? 4  C B "H2'"  1 
ATOM 797  H "HO2'" . C B 2 4  ? -15.611 -5.186  3.703   1.00 2.20 ? 4  C B "HO2'" 1 
ATOM 798  H "H1'"  . C B 2 4  ? -16.701 -6.567  2.053   1.00 2.14 ? 4  C B "H1'"  1 
ATOM 799  H H41    . C B 2 4  ? -12.576 -9.562  -1.551  1.00 1.42 ? 4  C B H41    1 
ATOM 800  H H42    . C B 2 4  ? -13.384 -9.032  -3.078  1.00 1.73 ? 4  C B H42    1 
ATOM 801  H H5     . C B 2 4  ? -15.229 -7.414  -2.977  1.00 2.14 ? 4  C B H5     1 
ATOM 802  H H6     . C B 2 4  ? -16.503 -6.074  -1.485  1.00 2.30 ? 4  C B H6     1 
ATOM 803  P P      . C B 2 5  ? -14.162 -1.742  0.398   1.00 2.74 ? 5  C B P      1 
ATOM 804  O OP1    . C B 2 5  ? -14.056 -0.296  0.707   1.00 3.18 ? 5  C B OP1    1 
ATOM 805  O OP2    . C B 2 5  ? -14.010 -2.215  -1.006  1.00 2.83 ? 5  C B OP2    1 
ATOM 806  O "O5'"  . C B 2 5  ? -13.158 -2.531  1.343   1.00 2.28 ? 5  C B "O5'"  1 
ATOM 807  C "C5'"  . C B 2 5  ? -13.142 -2.380  2.776   1.00 2.29 ? 5  C B "C5'"  1 
ATOM 808  C "C4'"  . C B 2 5  ? -12.000 -3.193  3.353   1.00 2.04 ? 5  C B "C4'"  1 
ATOM 809  O "O4'"  . C B 2 5  ? -12.131 -4.595  2.972   1.00 1.83 ? 5  C B "O4'"  1 
ATOM 810  C "C3'"  . C B 2 5  ? -10.639 -2.819  2.791   1.00 1.95 ? 5  C B "C3'"  1 
ATOM 811  O "O3'"  . C B 2 5  ? -10.254 -1.518  3.264   1.00 2.15 ? 5  C B "O3'"  1 
ATOM 812  C "C2'"  . C B 2 5  ? -9.800  -4.060  3.143   1.00 1.80 ? 5  C B "C2'"  1 
ATOM 813  O "O2'"  . C B 2 5  ? -9.398  -4.278  4.495   1.00 1.99 ? 5  C B "O2'"  1 
ATOM 814  C "C1'"  . C B 2 5  ? -10.828 -5.157  2.855   1.00 1.74 ? 5  C B "C1'"  1 
ATOM 815  N N1     . C B 2 5  ? -10.628 -5.843  1.544   1.00 1.63 ? 5  C B N1     1 
ATOM 816  C C2     . C B 2 5  ? -9.580  -6.778  1.409   1.00 1.55 ? 5  C B C2     1 
ATOM 817  O O2     . C B 2 5  ? -8.824  -7.019  2.361   1.00 1.62 ? 5  C B O2     1 
ATOM 818  N N3     . C B 2 5  ? -9.399  -7.414  0.243   1.00 1.46 ? 5  C B N3     1 
ATOM 819  C C4     . C B 2 5  ? -10.202 -7.140  -0.758  1.00 1.50 ? 5  C B C4     1 
ATOM 820  N N4     . C B 2 5  ? -9.991  -7.776  -1.866  1.00 1.47 ? 5  C B N4     1 
ATOM 821  C C5     . C B 2 5  ? -11.258 -6.215  -0.696  1.00 1.62 ? 5  C B C5     1 
ATOM 822  C C6     . C B 2 5  ? -11.443 -5.590  0.469   1.00 1.65 ? 5  C B C6     1 
ATOM 823  H "H5'"  . C B 2 5  ? -14.079 -2.707  3.225   1.00 2.37 ? 5  C B "H5'"  1 
ATOM 824  H "H5''" . C B 2 5  ? -12.980 -1.336  3.051   1.00 2.55 ? 5  C B "H5''" 1 
ATOM 825  H "H4'"  . C B 2 5  ? -11.954 -3.019  4.429   1.00 2.20 ? 5  C B "H4'"  1 
ATOM 826  H "H3'"  . C B 2 5  ? -10.706 -2.751  1.704   1.00 1.94 ? 5  C B "H3'"  1 
ATOM 827  H "H2'"  . C B 2 5  ? -8.995  -4.105  2.405   1.00 1.69 ? 5  C B "H2'"  1 
ATOM 828  H "HO2'" . C B 2 5  ? -8.489  -4.605  4.461   1.00 1.92 ? 5  C B "HO2'" 1 
ATOM 829  H "H1'"  . C B 2 5  ? -10.787 -5.917  3.644   1.00 1.79 ? 5  C B "H1'"  1 
ATOM 830  H H41    . C B 2 5  ? -9.212  -8.436  -1.804  1.00 1.36 ? 5  C B H41    1 
ATOM 831  H H42    . C B 2 5  ? -10.565 -7.614  -2.668  1.00 1.57 ? 5  C B H42    1 
ATOM 832  H H5     . C B 2 5  ? -11.889 -6.020  -1.556  1.00 1.73 ? 5  C B H5     1 
ATOM 833  H H6     . C B 2 5  ? -12.258 -4.870  0.551   1.00 1.75 ? 5  C B H6     1 
ATOM 834  P P      . G B 2 6  ? -9.109  -0.655  2.533   1.00 2.13 ? 6  G B P      1 
ATOM 835  O OP1    . G B 2 6  ? -8.960  0.660   3.205   1.00 2.40 ? 6  G B OP1    1 
ATOM 836  O OP2    . G B 2 6  ? -9.374  -0.707  1.072   1.00 2.07 ? 6  G B OP2    1 
ATOM 837  O "O5'"  . G B 2 6  ? -7.843  -1.562  2.890   1.00 2.03 ? 6  G B "O5'"  1 
ATOM 838  C "C5'"  . G B 2 6  ? -7.433  -1.819  4.242   1.00 2.20 ? 6  G B "C5'"  1 
ATOM 839  C "C4'"  . G B 2 6  ? -6.202  -2.700  4.265   1.00 2.10 ? 6  G B "C4'"  1 
ATOM 840  O "O4'"  . G B 2 6  ? -6.549  -4.009  3.713   1.00 1.94 ? 6  G B "O4'"  1 
ATOM 841  C "C3'"  . G B 2 6  ? -5.021  -2.243  3.396   1.00 2.00 ? 6  G B "C3'"  1 
ATOM 842  O "O3'"  . G B 2 6  ? -4.229  -1.168  3.941   1.00 2.16 ? 6  G B "O3'"  1 
ATOM 843  C "C2'"  . G B 2 6  ? -4.234  -3.562  3.298   1.00 1.99 ? 6  G B "C2'"  1 
ATOM 844  O "O2'"  . G B 2 6  ? -3.514  -3.926  4.484   1.00 2.26 ? 6  G B "O2'"  1 
ATOM 845  C "C1'"  . G B 2 6  ? -5.384  -4.560  3.116   1.00 1.82 ? 6  G B "C1'"  1 
ATOM 846  N N9     . G B 2 6  ? -5.695  -4.928  1.724   1.00 1.64 ? 6  G B N9     1 
ATOM 847  C C8     . G B 2 6  ? -6.623  -4.368  0.874   1.00 1.60 ? 6  G B C8     1 
ATOM 848  N N7     . G B 2 6  ? -6.668  -4.931  -0.299  1.00 1.52 ? 6  G B N7     1 
ATOM 849  C C5     . G B 2 6  ? -5.695  -5.937  -0.230  1.00 1.47 ? 6  G B C5     1 
ATOM 850  C C6     . G B 2 6  ? -5.249  -6.909  -1.178  1.00 1.42 ? 6  G B C6     1 
ATOM 851  O O6     . G B 2 6  ? -5.606  -7.135  -2.336  1.00 1.43 ? 6  G B O6     1 
ATOM 852  N N1     . G B 2 6  ? -4.249  -7.711  -0.676  1.00 1.41 ? 6  G B N1     1 
ATOM 853  C C2     . G B 2 6  ? -3.756  -7.585  0.565   1.00 1.50 ? 6  G B C2     1 
ATOM 854  N N2     . G B 2 6  ? -2.811  -8.393  0.932   1.00 1.58 ? 6  G B N2     1 
ATOM 855  N N3     . G B 2 6  ? -4.106  -6.739  1.485   1.00 1.59 ? 6  G B N3     1 
ATOM 856  C C4     . G B 2 6  ? -5.090  -5.937  1.015   1.00 1.55 ? 6  G B C4     1 
ATOM 857  H "H5'"  . G B 2 6  ? -8.221  -2.288  4.815   1.00 2.25 ? 6  G B "H5'"  1 
ATOM 858  H "H5''" . G B 2 6  ? -7.247  -0.895  4.765   1.00 2.44 ? 6  G B "H5''" 1 
ATOM 859  H "H4'"  . G B 2 6  ? -5.838  -2.752  5.292   1.00 2.27 ? 6  G B "H4'"  1 
ATOM 860  H "H3'"  . G B 2 6  ? -5.342  -1.942  2.397   1.00 1.87 ? 6  G B "H3'"  1 
ATOM 861  H "H2'"  . G B 2 6  ? -3.618  -3.519  2.386   1.00 1.96 ? 6  G B "H2'"  1 
ATOM 862  H "HO2'" . G B 2 6  ? -2.604  -3.625  4.326   1.00 2.29 ? 6  G B "HO2'" 1 
ATOM 863  H "H1'"  . G B 2 6  ? -5.168  -5.483  3.670   1.00 1.83 ? 6  G B "H1'"  1 
ATOM 864  H H8     . G B 2 6  ? -7.252  -3.539  1.148   1.00 1.67 ? 6  G B H8     1 
ATOM 865  H H1     . G B 2 6  ? -3.866  -8.435  -1.271  1.00 1.40 ? 6  G B H1     1 
ATOM 866  H H21    . G B 2 6  ? -2.433  -9.104  0.323   1.00 1.55 ? 6  G B H21    1 
ATOM 867  H H22    . G B 2 6  ? -2.499  -8.234  1.869   1.00 1.71 ? 6  G B H22    1 
ATOM 868  P P      . A B 2 7  ? -4.596  0.413   3.831   1.00 2.15 ? 7  A B P      1 
ATOM 869  O OP1    . A B 2 7  ? -3.325  1.153   4.020   1.00 2.31 ? 7  A B OP1    1 
ATOM 870  O OP2    . A B 2 7  ? -5.718  0.757   4.740   1.00 2.34 ? 7  A B OP2    1 
ATOM 871  O "O5'"  . A B 2 7  ? -5.009  0.587   2.269   1.00 2.05 ? 7  A B "O5'"  1 
ATOM 872  C "C5'"  . A B 2 7  ? -4.049  0.722   1.202   1.00 2.10 ? 7  A B "C5'"  1 
ATOM 873  C "C4'"  . A B 2 7  ? -3.642  2.179   0.958   1.00 2.07 ? 7  A B "C4'"  1 
ATOM 874  O "O4'"  . A B 2 7  ? -2.201  2.252   0.860   1.00 2.05 ? 7  A B "O4'"  1 
ATOM 875  C "C3'"  . A B 2 7  ? -4.013  2.772   -0.408  1.00 2.00 ? 7  A B "C3'"  1 
ATOM 876  O "O3'"  . A B 2 7  ? -5.437  3.034   -0.523  1.00 2.15 ? 7  A B "O3'"  1 
ATOM 877  C "C2'"  . A B 2 7  ? -3.056  3.997   -0.474  1.00 1.99 ? 7  A B "C2'"  1 
ATOM 878  O "O2'"  . A B 2 7  ? -3.569  5.184   0.142   1.00 2.17 ? 7  A B "O2'"  1 
ATOM 879  C "C1'"  . A B 2 7  ? -1.815  3.512   0.317   1.00 2.01 ? 7  A B "C1'"  1 
ATOM 880  N N9     . A B 2 7  ? -0.517  3.315   -0.407  1.00 1.95 ? 7  A B N9     1 
ATOM 881  C C8     . A B 2 7  ? 0.325   2.220   -0.302  1.00 1.97 ? 7  A B C8     1 
ATOM 882  N N7     . A B 2 7  ? 1.408   2.279   -1.033  1.00 1.95 ? 7  A B N7     1 
ATOM 883  C C5     . A B 2 7  ? 1.293   3.508   -1.680  1.00 1.92 ? 7  A B C5     1 
ATOM 884  C C6     . A B 2 7  ? 2.132   4.164   -2.603  1.00 1.93 ? 7  A B C6     1 
ATOM 885  N N6     . A B 2 7  ? 3.269   3.672   -3.052  1.00 1.96 ? 7  A B N6     1 
ATOM 886  N N1     . A B 2 7  ? 1.783   5.366   -3.081  1.00 1.95 ? 7  A B N1     1 
ATOM 887  C C2     . A B 2 7  ? 0.621   5.867   -2.632  1.00 1.95 ? 7  A B C2     1 
ATOM 888  N N3     . A B 2 7  ? -0.275  5.365   -1.771  1.00 1.94 ? 7  A B N3     1 
ATOM 889  C C4     . A B 2 7  ? 0.122   4.157   -1.316  1.00 1.92 ? 7  A B C4     1 
ATOM 890  H "H5'"  . A B 2 7  ? -4.480  0.306   0.292   1.00 2.27 ? 7  A B "H5'"  1 
ATOM 891  H "H5''" . A B 2 7  ? -3.159  0.123   1.411   1.00 2.22 ? 7  A B "H5''" 1 
ATOM 892  H "H4'"  . A B 2 7  ? -4.055  2.829   1.736   1.00 2.24 ? 7  A B "H4'"  1 
ATOM 893  H "H3'"  . A B 2 7  ? -3.737  2.062   -1.195  1.00 1.93 ? 7  A B "H3'"  1 
ATOM 894  H "H2'"  . A B 2 7  ? -2.794  4.120   -1.531  1.00 1.91 ? 7  A B "H2'"  1 
ATOM 895  H "HO2'" . A B 2 7  ? -3.912  5.753   -0.553  1.00 2.01 ? 7  A B "HO2'" 1 
ATOM 896  H "H1'"  . A B 2 7  ? -1.644  4.133   1.212   1.00 2.14 ? 7  A B "H1'"  1 
ATOM 897  H H8     . A B 2 7  ? 0.120   1.372   0.330   1.00 2.01 ? 7  A B H8     1 
ATOM 898  H H61    . A B 2 7  ? 3.797   4.219   -3.735  1.00 2.00 ? 7  A B H61    1 
ATOM 899  H H62    . A B 2 7  ? 3.561   2.769   -2.717  1.00 1.97 ? 7  A B H62    1 
ATOM 900  H H2     . A B 2 7  ? 0.361   6.847   -3.036  1.00 1.98 ? 7  A B H2     1 
ATOM 901  P P      . A B 2 8  ? -6.323  2.401   -1.717  1.00 2.25 ? 8  A B P      1 
ATOM 902  O OP1    . A B 2 8  ? -7.757  2.746   -1.552  1.00 2.49 ? 8  A B OP1    1 
ATOM 903  O OP2    . A B 2 8  ? -5.953  0.968   -1.817  1.00 2.37 ? 8  A B OP2    1 
ATOM 904  O "O5'"  . A B 2 8  ? -5.740  3.221   -2.971  1.00 2.17 ? 8  A B "O5'"  1 
ATOM 905  C "C5'"  . A B 2 8  ? -6.340  4.442   -3.464  1.00 2.16 ? 8  A B "C5'"  1 
ATOM 906  C "C4'"  . A B 2 8  ? -5.450  5.018   -4.551  1.00 1.99 ? 8  A B "C4'"  1 
ATOM 907  O "O4'"  . A B 2 8  ? -4.067  5.212   -4.107  1.00 1.85 ? 8  A B "O4'"  1 
ATOM 908  C "C3'"  . A B 2 8  ? -5.252  4.102   -5.758  1.00 2.00 ? 8  A B "C3'"  1 
ATOM 909  O "O3'"  . A B 2 8  ? -6.507  3.904   -6.421  1.00 2.22 ? 8  A B "O3'"  1 
ATOM 910  C "C2'"  . A B 2 8  ? -4.145  4.887   -6.473  1.00 1.90 ? 8  A B "C2'"  1 
ATOM 911  O "O2'"  . A B 2 8  ? -4.571  6.024   -7.223  1.00 2.01 ? 8  A B "O2'"  1 
ATOM 912  C "C1'"  . A B 2 8  ? -3.275  5.332   -5.280  1.00 1.77 ? 8  A B "C1'"  1 
ATOM 913  N N9     . A B 2 8  ? -2.004  4.580   -5.162  1.00 1.65 ? 8  A B N9     1 
ATOM 914  C C8     . A B 2 8  ? -1.698  3.503   -4.364  1.00 1.58 ? 8  A B C8     1 
ATOM 915  N N7     . A B 2 8  ? -0.467  3.068   -4.511  1.00 1.59 ? 8  A B N7     1 
ATOM 916  C C5     . A B 2 8  ? 0.093   3.918   -5.483  1.00 1.64 ? 8  A B C5     1 
ATOM 917  C C6     . A B 2 8  ? 1.359   4.038   -6.133  1.00 1.74 ? 8  A B C6     1 
ATOM 918  N N6     . A B 2 8  ? 2.466   3.333   -6.015  1.00 1.82 ? 8  A B N6     1 
ATOM 919  N N1     . A B 2 8  ? 1.551   5.002   -7.040  1.00 1.84 ? 8  A B N1     1 
ATOM 920  C C2     . A B 2 8  ? 0.521   5.816   -7.291  1.00 1.84 ? 8  A B C2     1 
ATOM 921  N N3     . A B 2 8  ? -0.706  5.833   -6.779  1.00 1.79 ? 8  A B N3     1 
ATOM 922  C C4     . A B 2 8  ? -0.856  4.850   -5.873  1.00 1.67 ? 8  A B C4     1 
ATOM 923  H "H5'"  . A B 2 8  ? -6.486  5.187   -2.674  1.00 2.47 ? 8  A B "H5'"  1 
ATOM 924  H "H5''" . A B 2 8  ? -7.328  4.218   -3.880  1.00 2.55 ? 8  A B "H5''" 1 
ATOM 925  H "H4'"  . A B 2 8  ? -5.942  5.925   -4.913  1.00 2.06 ? 8  A B "H4'"  1 
ATOM 926  H "H3'"  . A B 2 8  ? -4.896  3.127   -5.418  1.00 2.04 ? 8  A B "H3'"  1 
ATOM 927  H "H2'"  . A B 2 8  ? -3.564  4.165   -7.023  1.00 1.98 ? 8  A B "H2'"  1 
ATOM 928  H "HO2'" . A B 2 8  ? -4.279  5.895   -8.134  1.00 2.09 ? 8  A B "HO2'" 1 
ATOM 929  H "H1'"  . A B 2 8  ? -3.041  6.394   -5.385  1.00 1.86 ? 8  A B "H1'"  1 
ATOM 930  H H8     . A B 2 8  ? -2.414  3.058   -3.687  1.00 1.59 ? 8  A B H8     1 
ATOM 931  H H61    . A B 2 8  ? 3.219   3.646   -6.627  1.00 1.93 ? 8  A B H61    1 
ATOM 932  H H62    . A B 2 8  ? 2.587   2.548   -5.402  1.00 1.81 ? 8  A B H62    1 
ATOM 933  H H2     . A B 2 8  ? 0.714   6.594   -8.026  1.00 1.96 ? 8  A B H2     1 
ATOM 934  P P      . C B 2 9  ? -6.781  2.662   -7.396  1.00 2.10 ? 9  C B P      1 
ATOM 935  O OP1    . C B 2 9  ? -8.232  2.571   -7.681  1.00 2.49 ? 9  C B OP1    1 
ATOM 936  O OP2    . C B 2 9  ? -6.075  1.477   -6.841  1.00 1.97 ? 9  C B OP2    1 
ATOM 937  O "O5'"  . C B 2 9  ? -6.067  3.156   -8.736  1.00 1.81 ? 9  C B "O5'"  1 
ATOM 938  C "C5'"  . C B 2 9  ? -6.467  4.331   -9.474  1.00 1.96 ? 9  C B "C5'"  1 
ATOM 939  C "C4'"  . C B 2 9  ? -5.373  4.660   -10.476 1.00 1.75 ? 9  C B "C4'"  1 
ATOM 940  O "O4'"  . C B 2 9  ? -4.129  4.829   -9.733  1.00 1.48 ? 9  C B "O4'"  1 
ATOM 941  C "C3'"  . C B 2 9  ? -5.047  3.557   -11.493 1.00 1.72 ? 9  C B "C3'"  1 
ATOM 942  O "O3'"  . C B 2 9  ? -6.052  3.505   -12.526 1.00 2.01 ? 9  C B "O3'"  1 
ATOM 943  C "C2'"  . C B 2 9  ? -3.624  3.979   -11.913 1.00 1.60 ? 9  C B "C2'"  1 
ATOM 944  O "O2'"  . C B 2 9  ? -3.604  5.093   -12.822 1.00 1.84 ? 9  C B "O2'"  1 
ATOM 945  C "C1'"  . C B 2 9  ? -3.041  4.435   -10.554 1.00 1.47 ? 9  C B "C1'"  1 
ATOM 946  N N1     . C B 2 9  ? -2.141  3.499   -9.778  1.00 1.43 ? 9  C B N1     1 
ATOM 947  C C2     . C B 2 9  ? -0.769  3.454   -10.077 1.00 1.53 ? 9  C B C2     1 
ATOM 948  O O2     . C B 2 9  ? -0.311  4.161   -10.982 1.00 1.65 ? 9  C B O2     1 
ATOM 949  N N3     . C B 2 9  ? 0.054   2.649   -9.388  1.00 1.59 ? 9  C B N3     1 
ATOM 950  C C4     . C B 2 9  ? -0.420  1.900   -8.426  1.00 1.51 ? 9  C B C4     1 
ATOM 951  N N4     . C B 2 9  ? 0.480   1.170   -7.824  1.00 1.60 ? 9  C B N4     1 
ATOM 952  C C5     . C B 2 9  ? -1.784  1.878   -8.061  1.00 1.43 ? 9  C B C5     1 
ATOM 953  C C6     . C B 2 9  ? -2.601  2.682   -8.765  1.00 1.40 ? 9  C B C6     1 
ATOM 954  H "H5'"  . C B 2 9  ? -6.608  5.187   -8.811  1.00 2.07 ? 9  C B "H5'"  1 
ATOM 955  H "H5''" . C B 2 9  ? -7.398  4.158   -10.018 1.00 2.20 ? 9  C B "H5''" 1 
ATOM 956  H "H4'"  . C B 2 9  ? -5.659  5.542   -11.054 1.00 1.93 ? 9  C B "H4'"  1 
ATOM 957  H "H3'"  . C B 2 9  ? -5.028  2.583   -11.001 1.00 1.65 ? 9  C B "H3'"  1 
ATOM 958  H "H2'"  . C B 2 9  ? -3.109  3.084   -12.277 1.00 1.54 ? 9  C B "H2'"  1 
ATOM 959  H "HO2'" . C B 2 9  ? -2.719  5.189   -13.182 1.00 1.80 ? 9  C B "HO2'" 1 
ATOM 960  H "H1'"  . C B 2 9  ? -2.509  5.390   -10.689 1.00 1.51 ? 9  C B "H1'"  1 
ATOM 961  H H41    . C B 2 9  ? 1.416   1.298   -8.236  1.00 1.70 ? 9  C B H41    1 
ATOM 962  H H42    . C B 2 9  ? 0.258   0.553   -7.067  1.00 1.59 ? 9  C B H42    1 
ATOM 963  H H5     . C B 2 9  ? -2.160  1.258   -7.252  1.00 1.45 ? 9  C B H5     1 
ATOM 964  H H6     . C B 2 9  ? -3.668  2.678   -8.528  1.00 1.44 ? 9  C B H6     1 
ATOM 965  P P      . C B 2 10 ? -6.379  2.177   -13.373 1.00 2.01 ? 10 C B P      1 
ATOM 966  O OP1    . C B 2 10 ? -7.338  2.474   -14.464 1.00 2.32 ? 10 C B OP1    1 
ATOM 967  O OP2    . C B 2 10 ? -6.727  1.138   -12.367 1.00 2.04 ? 10 C B OP2    1 
ATOM 968  O "O5'"  . C B 2 10 ? -4.947  1.840   -14.018 1.00 1.77 ? 10 C B "O5'"  1 
ATOM 969  C "C5'"  . C B 2 10 ? -4.472  2.366   -15.275 1.00 1.86 ? 10 C B "C5'"  1 
ATOM 970  C "C4'"  . C B 2 10 ? -3.328  1.500   -15.792 1.00 1.82 ? 10 C B "C4'"  1 
ATOM 971  O "O4'"  . C B 2 10 ? -2.166  1.677   -14.928 1.00 1.69 ? 10 C B "O4'"  1 
ATOM 972  C "C3'"  . C B 2 10 ? -3.587  -0.006  -15.718 1.00 1.85 ? 10 C B "C3'"  1 
ATOM 973  O "O3'"  . C B 2 10 ? -4.500  -0.459  -16.734 1.00 2.00 ? 10 C B "O3'"  1 
ATOM 974  C "C2'"  . C B 2 10 ? -2.163  -0.565  -15.738 1.00 1.89 ? 10 C B "C2'"  1 
ATOM 975  O "O2'"  . C B 2 10 ? -1.582  -0.810  -17.013 1.00 2.13 ? 10 C B "O2'"  1 
ATOM 976  C "C1'"  . C B 2 10 ? -1.366  0.497   -14.984 1.00 1.75 ? 10 C B "C1'"  1 
ATOM 977  N N1     . C B 2 10 ? -0.900  0.148   -13.602 1.00 1.60 ? 10 C B N1     1 
ATOM 978  C C2     . C B 2 10 ? 0.395   -0.387  -13.387 1.00 1.69 ? 10 C B C2     1 
ATOM 979  O O2     . C B 2 10 ? 1.179   -0.598  -14.324 1.00 1.89 ? 10 C B O2     1 
ATOM 980  N N3     . C B 2 10 ? 0.808   -0.686  -12.148 1.00 1.60 ? 10 C B N3     1 
ATOM 981  C C4     . C B 2 10 ? -0.024  -0.470  -11.159 1.00 1.42 ? 10 C B C4     1 
ATOM 982  N N4     . C B 2 10 ? 0.442   -0.779  -9.997  1.00 1.37 ? 10 C B N4     1 
ATOM 983  C C5     . C B 2 10 ? -1.326  0.051   -11.282 1.00 1.33 ? 10 C B C5     1 
ATOM 984  C C6     . C B 2 10 ? -1.728  0.346   -12.521 1.00 1.43 ? 10 C B C6     1 
ATOM 985  H "H5'"  . C B 2 10 ? -4.131  3.396   -15.176 1.00 1.86 ? 10 C B "H5'"  1 
ATOM 986  H "H5''" . C B 2 10 ? -5.267  2.328   -16.023 1.00 2.06 ? 10 C B "H5''" 1 
ATOM 987  H "H4'"  . C B 2 10 ? -3.144  1.733   -16.844 1.00 1.97 ? 10 C B "H4'"  1 
ATOM 988  H "H3'"  . C B 2 10 ? -4.032  -0.258  -14.754 1.00 1.78 ? 10 C B "H3'"  1 
ATOM 989  H "H2'"  . C B 2 10 ? -2.200  -1.425  -15.099 1.00 1.88 ? 10 C B "H2'"  1 
ATOM 990  H "HO2'" . C B 2 10 ? -1.220  -1.707  -16.983 1.00 2.35 ? 10 C B "HO2'" 1 
ATOM 991  H "H1'"  . C B 2 10 ? -0.499  0.720   -15.598 1.00 1.87 ? 10 C B "H1'"  1 
ATOM 992  H H41    . C B 2 10 ? 1.396   -1.140  -10.009 1.00 1.44 ? 10 C B H41    1 
ATOM 993  H H42    . C B 2 10 ? -0.073  -0.669  -9.153  1.00 1.28 ? 10 C B H42    1 
ATOM 994  H H5     . C B 2 10 ? -1.953  0.194   -10.408 1.00 1.23 ? 10 C B H5     1 
ATOM 995  H H6     . C B 2 10 ? -2.734  0.749   -12.669 1.00 1.41 ? 10 C B H6     1 
ATOM 996  P P      . A B 2 11 ? -5.357  -1.819  -16.594 1.00 2.08 ? 11 A B P      1 
ATOM 997  O OP1    . A B 2 11 ? -6.126  -2.064  -17.835 1.00 2.29 ? 11 A B OP1    1 
ATOM 998  O OP2    . A B 2 11 ? -6.088  -1.708  -15.301 1.00 1.98 ? 11 A B OP2    1 
ATOM 999  O "O5'"  . A B 2 11 ? -4.216  -2.964  -16.482 1.00 2.11 ? 11 A B "O5'"  1 
ATOM 1000 C "C5'"  . A B 2 11 ? -3.564  -3.543  -17.625 1.00 2.32 ? 11 A B "C5'"  1 
ATOM 1001 C "C4'"  . A B 2 11 ? -2.347  -4.398  -17.264 1.00 2.35 ? 11 A B "C4'"  1 
ATOM 1002 O "O4'"  . A B 2 11 ? -1.318  -3.596  -16.591 1.00 2.23 ? 11 A B "O4'"  1 
ATOM 1003 C "C3'"  . A B 2 11 ? -2.481  -5.590  -16.302 1.00 2.33 ? 11 A B "C3'"  1 
ATOM 1004 O "O3'"  . A B 2 11 ? -3.236  -6.710  -16.792 1.00 2.50 ? 11 A B "O3'"  1 
ATOM 1005 C "C2'"  . A B 2 11 ? -0.990  -5.893  -16.053 1.00 2.35 ? 11 A B "C2'"  1 
ATOM 1006 O "O2'"  . A B 2 11 ? -0.281  -6.415  -17.189 1.00 2.55 ? 11 A B "O2'"  1 
ATOM 1007 C "C1'"  . A B 2 11 ? -0.515  -4.463  -15.775 1.00 2.22 ? 11 A B "C1'"  1 
ATOM 1008 N N9     . A B 2 11 ? -0.622  -4.094  -14.338 1.00 2.01 ? 11 A B N9     1 
ATOM 1009 C C8     . A B 2 11 ? -1.644  -3.448  -13.683 1.00 1.86 ? 11 A B C8     1 
ATOM 1010 N N7     . A B 2 11 ? -1.449  -3.265  -12.403 1.00 1.69 ? 11 A B N7     1 
ATOM 1011 C C5     . A B 2 11 ? -0.192  -3.834  -12.175 1.00 1.76 ? 11 A B C5     1 
ATOM 1012 C C6     . A B 2 11 ? 0.623   -3.989  -11.022 1.00 1.70 ? 11 A B C6     1 
ATOM 1013 N N6     . A B 2 11 ? 0.362   -3.599  -9.790  1.00 1.53 ? 11 A B N6     1 
ATOM 1014 N N1     . A B 2 11 ? 1.803   -4.602  -11.168 1.00 1.88 ? 11 A B N1     1 
ATOM 1015 C C2     . A B 2 11 ? 2.152   -5.038  -12.385 1.00 2.07 ? 11 A B C2     1 
ATOM 1016 N N3     . A B 2 11 ? 1.497   -4.968  -13.542 1.00 2.12 ? 11 A B N3     1 
ATOM 1017 C C4     . A B 2 11 ? 0.318   -4.344  -13.363 1.00 1.96 ? 11 A B C4     1 
ATOM 1018 H "H5'"  . A B 2 11 ? -3.257  -2.748  -18.311 1.00 2.36 ? 11 A B "H5'"  1 
ATOM 1019 H "H5''" . A B 2 11 ? -4.261  -4.186  -18.164 1.00 2.45 ? 11 A B "H5''" 1 
ATOM 1020 H "H4'"  . A B 2 11 ? -1.979  -4.794  -18.212 1.00 2.51 ? 11 A B "H4'"  1 
ATOM 1021 H "H3'"  . A B 2 11 ? -2.974  -5.228  -15.395 1.00 2.19 ? 11 A B "H3'"  1 
ATOM 1022 H "H2'"  . A B 2 11 ? -0.895  -6.479  -15.134 1.00 2.30 ? 11 A B "H2'"  1 
ATOM 1023 H "HO2'" . A B 2 11 ? 0.555   -6.786  -16.890 1.00 2.53 ? 11 A B "HO2'" 1 
ATOM 1024 H "H1'"  . A B 2 11 ? 0.531   -4.365  -16.085 1.00 2.30 ? 11 A B "H1'"  1 
ATOM 1025 H H8     . A B 2 11 ? -2.538  -3.115  -14.178 1.00 1.90 ? 11 A B H8     1 
ATOM 1026 H H61    . A B 2 11 ? 1.052   -3.741  -9.049  1.00 1.56 ? 11 A B H61    1 
ATOM 1027 H H62    . A B 2 11 ? -0.509  -3.133  -9.605  1.00 1.39 ? 11 A B H62    1 
ATOM 1028 H H2     . A B 2 11 ? 3.124   -5.528  -12.428 1.00 2.22 ? 11 A B H2     1 
ATOM 1029 P P      . U B 2 12 ? -3.841  -7.820  -15.781 1.00 2.51 ? 12 U B P      1 
ATOM 1030 O OP1    . U B 2 12 ? -4.497  -8.893  -16.561 1.00 2.77 ? 12 U B OP1    1 
ATOM 1031 O OP2    . U B 2 12 ? -4.670  -7.053  -14.809 1.00 2.31 ? 12 U B OP2    1 
ATOM 1032 O "O5'"  . U B 2 12 ? -2.577  -8.495  -15.020 1.00 2.48 ? 12 U B "O5'"  1 
ATOM 1033 C "C5'"  . U B 2 12 ? -1.723  -9.533  -15.542 1.00 2.69 ? 12 U B "C5'"  1 
ATOM 1034 C "C4'"  . U B 2 12 ? -0.606  -9.918  -14.558 1.00 2.60 ? 12 U B "C4'"  1 
ATOM 1035 O "O4'"  . U B 2 12 ? 0.197   -8.736  -14.193 1.00 2.45 ? 12 U B "O4'"  1 
ATOM 1036 C "C3'"  . U B 2 12 ? -0.943  -10.540 -13.183 1.00 2.45 ? 12 U B "C3'"  1 
ATOM 1037 O "O3'"  . U B 2 12 ? -1.410  -11.907 -13.233 1.00 2.60 ? 12 U B "O3'"  1 
ATOM 1038 C "C2'"  . U B 2 12 ? 0.410   -10.329 -12.475 1.00 2.37 ? 12 U B "C2'"  1 
ATOM 1039 O "O2'"  . U B 2 12 ? 1.504   -11.109 -12.995 1.00 2.59 ? 12 U B "O2'"  1 
ATOM 1040 C "C1'"  . U B 2 12 ? 0.642   -8.854  -12.834 1.00 2.29 ? 12 U B "C1'"  1 
ATOM 1041 N N1     . U B 2 12 ? -0.103  -7.905  -11.935 1.00 2.04 ? 12 U B N1     1 
ATOM 1042 C C2     . U B 2 12 ? 0.364   -7.709  -10.639 1.00 1.89 ? 12 U B C2     1 
ATOM 1043 O O2     . U B 2 12 ? 1.347   -8.241  -10.156 1.00 1.95 ? 12 U B O2     1 
ATOM 1044 N N3     . U B 2 12 ? -0.382  -6.851  -9.905  1.00 1.69 ? 12 U B N3     1 
ATOM 1045 C C4     . U B 2 12 ? -1.500  -6.163  -10.248 1.00 1.63 ? 12 U B C4     1 
ATOM 1046 O O4     . U B 2 12 ? -2.058  -5.456  -9.416  1.00 1.46 ? 12 U B O4     1 
ATOM 1047 C C5     . U B 2 12 ? -1.931  -6.383  -11.578 1.00 1.81 ? 12 U B C5     1 
ATOM 1048 C C6     . U B 2 12 ? -1.236  -7.221  -12.344 1.00 2.00 ? 12 U B C6     1 
ATOM 1049 H "H5'"  . U B 2 12 ? -1.273  -9.186  -16.473 1.00 2.80 ? 12 U B "H5'"  1 
ATOM 1050 H "H5''" . U B 2 12 ? -2.297  -10.434 -15.761 1.00 2.82 ? 12 U B "H5''" 1 
ATOM 1051 H "H4'"  . U B 2 12 ? 0.002   -10.662 -15.075 1.00 2.76 ? 12 U B "H4'"  1 
ATOM 1052 H "H3'"  . U B 2 12 ? -1.722  -9.935  -12.708 1.00 2.30 ? 12 U B "H3'"  1 
ATOM 1053 H "H2'"  . U B 2 12 ? 0.251   -10.416 -11.398 1.00 2.22 ? 12 U B "H2'"  1 
ATOM 1054 H "HO2'" . U B 2 12 ? 2.175   -11.184 -12.310 1.00 2.56 ? 12 U B "HO2'" 1 
ATOM 1055 H "H1'"  . U B 2 12 ? 1.715   -8.627  -12.791 1.00 2.34 ? 12 U B "H1'"  1 
ATOM 1056 H H3     . U B 2 12 ? -0.047  -6.706  -8.964  1.00 1.61 ? 12 U B H3     1 
ATOM 1057 H H5     . U B 2 12 ? -2.812  -5.867  -11.952 1.00 1.81 ? 12 U B H5     1 
ATOM 1058 H H6     . U B 2 12 ? -1.606  -7.353  -13.344 1.00 2.16 ? 12 U B H6     1 
ATOM 1059 P P      . C B 2 13 ? -2.301  -12.584 -12.048 1.00 2.53 ? 13 C B P      1 
ATOM 1060 O OP1    . C B 2 13 ? -2.680  -13.965 -12.415 1.00 2.81 ? 13 C B OP1    1 
ATOM 1061 O OP2    . C B 2 13 ? -3.380  -11.603 -11.750 1.00 2.38 ? 13 C B OP2    1 
ATOM 1062 O "O5'"  . C B 2 13 ? -1.294  -12.689 -10.806 1.00 2.36 ? 13 C B "O5'"  1 
ATOM 1063 C "C5'"  . C B 2 13 ? -0.132  -13.536 -10.779 1.00 2.51 ? 13 C B "C5'"  1 
ATOM 1064 C "C4'"  . C B 2 13 ? 0.643   -13.289 -9.492  1.00 2.32 ? 13 C B "C4'"  1 
ATOM 1065 O "O4'"  . C B 2 13 ? 0.860   -11.850 -9.344  1.00 2.13 ? 13 C B "O4'"  1 
ATOM 1066 C "C3'"  . C B 2 13 ? -0.045  -13.710 -8.188  1.00 2.12 ? 13 C B "C3'"  1 
ATOM 1067 O "O3'"  . C B 2 13 ? 0.066   -15.134 -7.976  1.00 2.33 ? 13 C B "O3'"  1 
ATOM 1068 C "C2'"  . C B 2 13 ? 0.706   -12.812 -7.188  1.00 1.91 ? 13 C B "C2'"  1 
ATOM 1069 O "O2'"  . C B 2 13 ? 2.052   -13.220 -6.925  1.00 2.16 ? 13 C B "O2'"  1 
ATOM 1070 C "C1'"  . C B 2 13 ? 0.764   -11.503 -7.983  1.00 1.88 ? 13 C B "C1'"  1 
ATOM 1071 N N1     . C B 2 13 ? -0.283  -10.439 -7.780  1.00 1.65 ? 13 C B N1     1 
ATOM 1072 C C2     . C B 2 13 ? -0.418  -9.829  -6.517  1.00 1.48 ? 13 C B C2     1 
ATOM 1073 O O2     . C B 2 13 ? 0.291   -10.206 -5.573  1.00 1.55 ? 13 C B O2     1 
ATOM 1074 N N3     . C B 2 13 ? -1.317  -8.844  -6.340  1.00 1.30 ? 13 C B N3     1 
ATOM 1075 C C4     . C B 2 13 ? -2.065  -8.459  -7.344  1.00 1.30 ? 13 C B C4     1 
ATOM 1076 N N4     . C B 2 13 ? -2.877  -7.478  -7.105  1.00 1.19 ? 13 C B N4     1 
ATOM 1077 C C5     . C B 2 13 ? -2.009  -9.042  -8.619  1.00 1.49 ? 13 C B C5     1 
ATOM 1078 C C6     . C B 2 13 ? -1.115  -10.019 -8.793  1.00 1.64 ? 13 C B C6     1 
ATOM 1079 H "H5'"  . C B 2 13 ? 0.514   -13.320 -11.630 1.00 2.64 ? 13 C B "H5'"  1 
ATOM 1080 H "H5''" . C B 2 13 ? -0.411  -14.591 -10.812 1.00 2.66 ? 13 C B "H5''" 1 
ATOM 1081 H "H4'"  . C B 2 13 ? 1.570   -13.865 -9.524  1.00 2.49 ? 13 C B "H4'"  1 
ATOM 1082 H "H3'"  . C B 2 13 ? -1.105  -13.461 -8.219  1.00 2.03 ? 13 C B "H3'"  1 
ATOM 1083 H "H2'"  . C B 2 13 ? 0.089   -12.686 -6.298  1.00 1.69 ? 13 C B "H2'"  1 
ATOM 1084 H "HO2'" . C B 2 13 ? 2.210   -13.051 -5.995  1.00 2.00 ? 13 C B "HO2'" 1 
ATOM 1085 H "H1'"  . C B 2 13 ? 1.743   -11.041 -7.808  1.00 1.94 ? 13 C B "H1'"  1 
ATOM 1086 H H41    . C B 2 13 ? -2.834  -7.134  -6.142  1.00 1.11 ? 13 C B H41    1 
ATOM 1087 H H42    . C B 2 13 ? -3.472  -7.124  -7.828  1.00 1.22 ? 13 C B H42    1 
ATOM 1088 H H5     . C B 2 13 ? -2.657  -8.720  -9.427  1.00 1.54 ? 13 C B H5     1 
ATOM 1089 H H6     . C B 2 13 ? -1.068  -10.480 -9.773  1.00 1.81 ? 13 C B H6     1 
ATOM 1090 P P      . C B 2 14 ? -0.826  -15.913 -6.896  1.00 2.25 ? 14 C B P      1 
ATOM 1091 O OP1    . C B 2 14 ? -0.303  -17.287 -6.686  1.00 2.65 ? 14 C B OP1    1 
ATOM 1092 O OP2    . C B 2 14 ? -2.229  -15.729 -7.358  1.00 2.32 ? 14 C B OP2    1 
ATOM 1093 O "O5'"  . C B 2 14 ? -0.583  -15.058 -5.558  1.00 1.79 ? 14 C B "O5'"  1 
ATOM 1094 C "C5'"  . C B 2 14 ? 0.513   -15.246 -4.645  1.00 1.87 ? 14 C B "C5'"  1 
ATOM 1095 C "C4'"  . C B 2 14 ? 0.269   -14.469 -3.355  1.00 1.64 ? 14 C B "C4'"  1 
ATOM 1096 O "O4'"  . C B 2 14 ? 0.158   -13.026 -3.585  1.00 1.54 ? 14 C B "O4'"  1 
ATOM 1097 C "C3'"  . C B 2 14 ? -1.071  -14.759 -2.689  1.00 1.44 ? 14 C B "C3'"  1 
ATOM 1098 O "O3'"  . C B 2 14 ? -1.161  -16.105 -2.186  1.00 1.44 ? 14 C B "O3'"  1 
ATOM 1099 C "C2'"  . C B 2 14 ? -1.146  -13.606 -1.682  1.00 1.46 ? 14 C B "C2'"  1 
ATOM 1100 O "O2'"  . C B 2 14 ? -0.358  -13.750 -0.505  1.00 1.69 ? 14 C B "O2'"  1 
ATOM 1101 C "C1'"  . C B 2 14 ? -0.582  -12.440 -2.504  1.00 1.51 ? 14 C B "C1'"  1 
ATOM 1102 N N1     . C B 2 14 ? -1.653  -11.482 -2.953  1.00 1.46 ? 14 C B N1     1 
ATOM 1103 C C2     . C B 2 14 ? -2.243  -10.577 -2.029  1.00 1.49 ? 14 C B C2     1 
ATOM 1104 O O2     . C B 2 14 ? -1.881  -10.561 -0.838  1.00 1.58 ? 14 C B O2     1 
ATOM 1105 N N3     . C B 2 14 ? -3.204  -9.722  -2.434  1.00 1.47 ? 14 C B N3     1 
ATOM 1106 C C4     . C B 2 14 ? -3.577  -9.745  -3.695  1.00 1.43 ? 14 C B C4     1 
ATOM 1107 N N4     . C B 2 14 ? -4.495  -8.901  -4.060  1.00 1.42 ? 14 C B N4     1 
ATOM 1108 C C5     . C B 2 14 ? -3.037  -10.617 -4.659  1.00 1.43 ? 14 C B C5     1 
ATOM 1109 C C6     . C B 2 14 ? -2.083  -11.464 -4.259  1.00 1.44 ? 14 C B C6     1 
ATOM 1110 H "H5'"  . C B 2 14 ? 1.464   -14.944 -5.077  1.00 2.02 ? 14 C B "H5'"  1 
ATOM 1111 H "H5''" . C B 2 14 ? 0.581   -16.300 -4.373  1.00 2.07 ? 14 C B "H5''" 1 
ATOM 1112 H "H4'"  . C B 2 14 ? 1.050   -14.754 -2.643  1.00 1.83 ? 14 C B "H4'"  1 
ATOM 1113 H "H3'"  . C B 2 14 ? -1.858  -14.637 -3.433  1.00 1.40 ? 14 C B "H3'"  1 
ATOM 1114 H "H2'"  . C B 2 14 ? -2.209  -13.437 -1.496  1.00 1.37 ? 14 C B "H2'"  1 
ATOM 1115 H "HO2'" . C B 2 14 ? -0.954  -13.539 0.225   1.00 1.97 ? 14 C B "HO2'" 1 
ATOM 1116 H "H1'"  . C B 2 14 ? 0.166   -11.891 -1.915  1.00 1.61 ? 14 C B "H1'"  1 
ATOM 1117 H H41    . C B 2 14 ? -4.883  -8.278  -3.345  1.00 1.40 ? 14 C B H41    1 
ATOM 1118 H H42    . C B 2 14 ? -4.786  -8.898  -5.015  1.00 1.44 ? 14 C B H42    1 
ATOM 1119 H H5     . C B 2 14 ? -3.379  -10.602 -5.689  1.00 1.46 ? 14 C B H5     1 
ATOM 1120 H H6     . C B 2 14 ? -1.642  -12.143 -4.996  1.00 1.48 ? 14 C B H6     1 
ATOM 1121 P P      . G B 2 15 ? -2.582  -16.780 -1.842  1.00 1.37 ? 15 G B P      1 
ATOM 1122 O OP1    . G B 2 15 ? -2.382  -18.183 -1.403  1.00 1.48 ? 15 G B OP1    1 
ATOM 1123 O OP2    . G B 2 15 ? -3.465  -16.504 -3.006  1.00 1.31 ? 15 G B OP2    1 
ATOM 1124 O "O5'"  . G B 2 15 ? -3.060  -15.916 -0.573  1.00 1.48 ? 15 G B "O5'"  1 
ATOM 1125 C "C5'"  . G B 2 15 ? -2.422  -16.010 0.711   1.00 1.66 ? 15 G B "C5'"  1 
ATOM 1126 C "C4'"  . G B 2 15 ? -2.861  -14.869 1.619   1.00 1.68 ? 15 G B "C4'"  1 
ATOM 1127 O "O4'"  . G B 2 15 ? -2.722  -13.593 0.923   1.00 1.61 ? 15 G B "O4'"  1 
ATOM 1128 C "C3'"  . G B 2 15 ? -4.311  -14.846 2.100   1.00 1.57 ? 15 G B "C3'"  1 
ATOM 1129 O "O3'"  . G B 2 15 ? -4.561  -15.890 3.053   1.00 1.71 ? 15 G B "O3'"  1 
ATOM 1130 C "C2'"  . G B 2 15 ? -4.387  -13.392 2.608   1.00 1.68 ? 15 G B "C2'"  1 
ATOM 1131 O "O2'"  . G B 2 15 ? -3.674  -13.096 3.813   1.00 2.01 ? 15 G B "O2'"  1 
ATOM 1132 C "C1'"  . G B 2 15 ? -3.676  -12.681 1.444   1.00 1.59 ? 15 G B "C1'"  1 
ATOM 1133 N N9     . G B 2 15 ? -4.676  -12.242 0.448   1.00 1.41 ? 15 G B N9     1 
ATOM 1134 C C8     . G B 2 15 ? -4.995  -12.748 -0.794  1.00 1.33 ? 15 G B C8     1 
ATOM 1135 N N7     . G B 2 15 ? -5.966  -12.094 -1.382  1.00 1.25 ? 15 G B N7     1 
ATOM 1136 C C5     . G B 2 15 ? -6.315  -11.081 -0.470  1.00 1.26 ? 15 G B C5     1 
ATOM 1137 C C6     . G B 2 15 ? -7.295  -10.028 -0.486  1.00 1.26 ? 15 G B C6     1 
ATOM 1138 O O6     . G B 2 15 ? -8.136  -9.688  -1.327  1.00 1.26 ? 15 G B O6     1 
ATOM 1139 N N1     . G B 2 15 ? -7.264  -9.274  0.666   1.00 1.35 ? 15 G B N1     1 
ATOM 1140 C C2     . G B 2 15 ? -6.406  -9.496  1.682   1.00 1.44 ? 15 G B C2     1 
ATOM 1141 N N2     . G B 2 15 ? -6.461  -8.712  2.719   1.00 1.55 ? 15 G B N2     1 
ATOM 1142 N N3     . G B 2 15 ? -5.500  -10.416 1.767   1.00 1.46 ? 15 G B N3     1 
ATOM 1143 C C4     . G B 2 15 ? -5.514  -11.175 0.651   1.00 1.36 ? 15 G B C4     1 
ATOM 1144 H "H5'"  . G B 2 15 ? -1.336  -15.972 0.595   1.00 1.81 ? 15 G B "H5'"  1 
ATOM 1145 H "H5''" . G B 2 15 ? -2.668  -16.952 1.199   1.00 1.71 ? 15 G B "H5''" 1 
ATOM 1146 H "H4'"  . G B 2 15 ? -2.249  -14.921 2.520   1.00 1.90 ? 15 G B "H4'"  1 
ATOM 1147 H "H3'"  . G B 2 15 ? -4.983  -15.000 1.252   1.00 1.38 ? 15 G B "H3'"  1 
ATOM 1148 H "H2'"  . G B 2 15 ? -5.451  -13.115 2.615   1.00 1.62 ? 15 G B "H2'"  1 
ATOM 1149 H "HO2'" . G B 2 15 ? -4.157  -12.405 4.277   1.00 2.24 ? 15 G B "HO2'" 1 
ATOM 1150 H "H1'"  . G B 2 15 ? -3.110  -11.803 1.784   1.00 1.73 ? 15 G B "H1'"  1 
ATOM 1151 H H8     . G B 2 15 ? -4.494  -13.596 -1.237  1.00 1.39 ? 15 G B H8     1 
ATOM 1152 H H1     . G B 2 15 ? -7.946  -8.521  0.704   1.00 1.39 ? 15 G B H1     1 
ATOM 1153 H H21    . G B 2 15 ? -7.153  -7.970  2.740   1.00 1.57 ? 15 G B H21    1 
ATOM 1154 H H22    . G B 2 15 ? -5.807  -8.904  3.452   1.00 1.65 ? 15 G B H22    1 
ATOM 1155 P P      . G B 2 16 ? -6.051  -16.333 3.457   1.00 1.69 ? 16 G B P      1 
ATOM 1156 O OP1    . G B 2 16 ? -5.967  -17.317 4.562   1.00 1.90 ? 16 G B OP1    1 
ATOM 1157 O OP2    . G B 2 16 ? -6.735  -16.729 2.197   1.00 1.54 ? 16 G B OP2    1 
ATOM 1158 O "O5'"  . G B 2 16 ? -6.683  -14.983 4.045   1.00 1.66 ? 16 G B "O5'"  1 
ATOM 1159 C "C5'"  . G B 2 16 ? -6.357  -14.474 5.346   1.00 1.85 ? 16 G B "C5'"  1 
ATOM 1160 C "C4'"  . G B 2 16 ? -7.206  -13.259 5.667   1.00 1.84 ? 16 G B "C4'"  1 
ATOM 1161 O "O4'"  . G B 2 16 ? -7.017  -12.158 4.712   1.00 1.69 ? 16 G B "O4'"  1 
ATOM 1162 C "C3'"  . G B 2 16 ? -8.714  -13.486 5.598   1.00 1.82 ? 16 G B "C3'"  1 
ATOM 1163 O "O3'"  . G B 2 16 ? -9.179  -14.386 6.610   1.00 2.07 ? 16 G B "O3'"  1 
ATOM 1164 C "C2'"  . G B 2 16 ? -9.202  -12.036 5.667   1.00 1.79 ? 16 G B "C2'"  1 
ATOM 1165 O "O2'"  . G B 2 16 ? -8.957  -11.348 6.908   1.00 2.02 ? 16 G B "O2'"  1 
ATOM 1166 C "C1'"  . G B 2 16 ? -8.265  -11.471 4.599   1.00 1.62 ? 16 G B "C1'"  1 
ATOM 1167 N N9     . G B 2 16 ? -8.816  -11.555 3.224   1.00 1.30 ? 16 G B N9     1 
ATOM 1168 C C8     . G B 2 16 ? -8.507  -12.392 2.173   1.00 1.11 ? 16 G B C8     1 
ATOM 1169 N N7     . G B 2 16 ? -9.231  -12.157 1.108   1.00 0.91 ? 16 G B N7     1 
ATOM 1170 C C5     . G B 2 16 ? -10.077 -11.096 1.458   1.00 1.00 ? 16 G B C5     1 
ATOM 1171 C C6     . G B 2 16 ? -11.101 -10.369 0.751   1.00 1.06 ? 16 G B C6     1 
ATOM 1172 O O6     . G B 2 16 ? -11.552 -10.453 -0.405  1.00 1.10 ? 16 G B O6     1 
ATOM 1173 N N1     . G B 2 16 ? -11.665 -9.399  1.556   1.00 1.25 ? 16 G B N1     1 
ATOM 1174 C C2     . G B 2 16 ? -11.288 -9.168  2.829   1.00 1.36 ? 16 G B C2     1 
ATOM 1175 N N2     . G B 2 16 ? -11.890 -8.224  3.484   1.00 1.55 ? 16 G B N2     1 
ATOM 1176 N N3     . G B 2 16 ? -10.380 -9.773  3.516   1.00 1.38 ? 16 G B N3     1 
ATOM 1177 C C4     . G B 2 16 ? -9.813  -10.734 2.766   1.00 1.20 ? 16 G B C4     1 
ATOM 1178 H "H5'"  . G B 2 16 ? -5.305  -14.212 5.424   1.00 1.92 ? 16 G B "H5'"  1 
ATOM 1179 H "H5''" . G B 2 16 ? -6.568  -15.232 6.105   1.00 1.99 ? 16 G B "H5''" 1 
ATOM 1180 H "H4'"  . G B 2 16 ? -6.993  -12.991 6.704   1.00 2.02 ? 16 G B "H4'"  1 
ATOM 1181 H "H3'"  . G B 2 16 ? -8.953  -13.932 4.628   1.00 1.71 ? 16 G B "H3'"  1 
ATOM 1182 H "H2'"  . G B 2 16 ? -10.228 -11.994 5.294   1.00 1.74 ? 16 G B "H2'"  1 
ATOM 1183 H "HO2'" . G B 2 16 ? -9.594  -10.632 6.984   1.00 2.10 ? 16 G B "HO2'" 1 
ATOM 1184 H "H1'"  . G B 2 16 ? -8.155  -10.416 4.857   1.00 1.77 ? 16 G B "H1'"  1 
ATOM 1185 H H8     . G B 2 16 ? -7.748  -13.157 2.224   1.00 1.20 ? 16 G B H8     1 
ATOM 1186 H H1     . G B 2 16 ? -12.404 -8.851  1.126   1.00 1.37 ? 16 G B H1     1 
ATOM 1187 H H21    . G B 2 16 ? -12.645 -7.716  3.030   1.00 1.61 ? 16 G B H21    1 
ATOM 1188 H H22    . G B 2 16 ? -11.578 -8.086  4.426   1.00 1.67 ? 16 G B H22    1 
ATOM 1189 P P      . U B 2 17 ? -10.597 -15.118 6.472   1.00 2.25 ? 17 U B P      1 
ATOM 1190 O OP1    . U B 2 17 ? -10.830 -16.021 7.625   1.00 2.57 ? 17 U B OP1    1 
ATOM 1191 O OP2    . U B 2 17 ? -10.673 -15.670 5.092   1.00 2.16 ? 17 U B OP2    1 
ATOM 1192 O "O5'"  . U B 2 17 ? -11.612 -13.899 6.618   1.00 2.22 ? 17 U B "O5'"  1 
ATOM 1193 C "C5'"  . U B 2 17 ? -11.770 -13.101 7.804   1.00 2.38 ? 17 U B "C5'"  1 
ATOM 1194 C "C4'"  . U B 2 17 ? -12.855 -12.073 7.533   1.00 2.33 ? 17 U B "C4'"  1 
ATOM 1195 O "O4'"  . U B 2 17 ? -12.546 -11.372 6.292   1.00 2.04 ? 17 U B "O4'"  1 
ATOM 1196 C "C3'"  . U B 2 17 ? -14.213 -12.712 7.279   1.00 2.36 ? 17 U B "C3'"  1 
ATOM 1197 O "O3'"  . U B 2 17 ? -14.737 -13.160 8.552   1.00 2.75 ? 17 U B "O3'"  1 
ATOM 1198 C "C2'"  . U B 2 17 ? -14.915 -11.617 6.454   1.00 2.20 ? 17 U B "C2'"  1 
ATOM 1199 O "O2'"  . U B 2 17 ? -15.480 -10.541 7.200   1.00 2.45 ? 17 U B "O2'"  1 
ATOM 1200 C "C1'"  . U B 2 17 ? -13.742 -11.098 5.582   1.00 1.93 ? 17 U B "C1'"  1 
ATOM 1201 N N1     . U B 2 17 ? -13.673 -11.637 4.179   1.00 1.59 ? 17 U B N1     1 
ATOM 1202 C C2     . U B 2 17 ? -14.619 -11.214 3.246   1.00 1.52 ? 17 U B C2     1 
ATOM 1203 O O2     . U B 2 17 ? -15.526 -10.432 3.473   1.00 1.71 ? 17 U B O2     1 
ATOM 1204 N N3     . U B 2 17 ? -14.476 -11.740 2.001   1.00 1.36 ? 17 U B N3     1 
ATOM 1205 C C4     . U B 2 17 ? -13.539 -12.614 1.550   1.00 1.20 ? 17 U B C4     1 
ATOM 1206 O O4     . U B 2 17 ? -13.596 -12.940 0.366   1.00 1.23 ? 17 U B O4     1 
ATOM 1207 C C5     . U B 2 17 ? -12.594 -13.022 2.538   1.00 1.20 ? 17 U B C5     1 
ATOM 1208 C C6     . U B 2 17 ? -12.697 -12.536 3.778   1.00 1.44 ? 17 U B C6     1 
ATOM 1209 H "H5'"  . U B 2 17 ? -10.852 -12.590 8.078   1.00 2.40 ? 17 U B "H5'"  1 
ATOM 1210 H "H5''" . U B 2 17 ? -12.076 -13.721 8.647   1.00 2.58 ? 17 U B "H5''" 1 
ATOM 1211 H "H4'"  . U B 2 17 ? -12.981 -11.434 8.408   1.00 2.53 ? 17 U B "H4'"  1 
ATOM 1212 H "H3'"  . U B 2 17 ? -14.101 -13.587 6.644   1.00 2.23 ? 17 U B "H3'"  1 
ATOM 1213 H "H2'"  . U B 2 17 ? -15.621 -12.139 5.802   1.00 2.14 ? 17 U B "H2'"  1 
ATOM 1214 H "HO2'" . U B 2 17 ? -16.262 -10.260 6.711   1.00 2.59 ? 17 U B "HO2'" 1 
ATOM 1215 H "H1'"  . U B 2 17 ? -13.661 -10.006 5.534   1.00 2.02 ? 17 U B "H1'"  1 
ATOM 1216 H H3     . U B 2 17 ? -15.156 -11.457 1.308   1.00 1.46 ? 17 U B H3     1 
ATOM 1217 H H5     . U B 2 17 ? -11.785 -13.716 2.300   1.00 1.14 ? 17 U B H5     1 
ATOM 1218 H H6     . U B 2 17 ? -11.969 -12.884 4.500   1.00 1.59 ? 17 U B H6     1 
ATOM 1219 P P      . G B 2 18 ? -15.566 -14.525 8.719   1.00 2.88 ? 18 G B P      1 
ATOM 1220 O OP1    . G B 2 18 ? -15.796 -14.819 10.156  1.00 3.33 ? 18 G B OP1    1 
ATOM 1221 O OP2    . G B 2 18 ? -14.945 -15.563 7.852   1.00 2.73 ? 18 G B OP2    1 
ATOM 1222 O "O5'"  . G B 2 18 ? -16.930 -14.034 8.081   1.00 2.69 ? 18 G B "O5'"  1 
ATOM 1223 C "C5'"  . G B 2 18 ? -17.786 -13.074 8.718   1.00 2.84 ? 18 G B "C5'"  1 
ATOM 1224 C "C4'"  . G B 2 18 ? -18.977 -12.802 7.823   1.00 2.68 ? 18 G B "C4'"  1 
ATOM 1225 O "O4'"  . G B 2 18 ? -18.518 -12.093 6.630   1.00 2.35 ? 18 G B "O4'"  1 
ATOM 1226 C "C3'"  . G B 2 18 ? -19.702 -14.038 7.260   1.00 2.69 ? 18 G B "C3'"  1 
ATOM 1227 O "O3'"  . G B 2 18 ? -20.492 -14.711 8.261   1.00 3.05 ? 18 G B "O3'"  1 
ATOM 1228 C "C2'"  . G B 2 18 ? -20.477 -13.378 6.112   1.00 2.53 ? 18 G B "C2'"  1 
ATOM 1229 O "O2'"  . G B 2 18 ? -21.588 -12.568 6.546   1.00 2.71 ? 18 G B "O2'"  1 
ATOM 1230 C "C1'"  . G B 2 18 ? -19.359 -12.471 5.548   1.00 2.26 ? 18 G B "C1'"  1 
ATOM 1231 N N9     . G B 2 18 ? -18.464 -13.004 4.488   1.00 2.03 ? 18 G B N9     1 
ATOM 1232 C C8     . G B 2 18 ? -17.289 -13.713 4.610   1.00 1.96 ? 18 G B C8     1 
ATOM 1233 N N7     . G B 2 18 ? -16.738 -14.027 3.467   1.00 1.77 ? 18 G B N7     1 
ATOM 1234 C C5     . G B 2 18 ? -17.599 -13.500 2.494   1.00 1.77 ? 18 G B C5     1 
ATOM 1235 C C6     . G B 2 18 ? -17.580 -13.502 1.045   1.00 1.76 ? 18 G B C6     1 
ATOM 1236 O O6     . G B 2 18 ? -16.797 -13.969 0.199   1.00 1.71 ? 18 G B O6     1 
ATOM 1237 N N1     . G B 2 18 ? -18.669 -12.841 0.537   1.00 1.96 ? 18 G B N1     1 
ATOM 1238 C C2     . G B 2 18 ? -19.612 -12.282 1.308   1.00 2.08 ? 18 G B C2     1 
ATOM 1239 N N2     . G B 2 18 ? -20.593 -11.683 0.722   1.00 2.31 ? 18 G B N2     1 
ATOM 1240 N N3     . G B 2 18 ? -19.709 -12.242 2.597   1.00 2.07 ? 18 G B N3     1 
ATOM 1241 C C4     . G B 2 18 ? -18.657 -12.874 3.135   1.00 1.93 ? 18 G B C4     1 
ATOM 1242 H "H5'"  . G B 2 18 ? -17.251 -12.136 8.904   1.00 2.88 ? 18 G B "H5'"  1 
ATOM 1243 H "H5''" . G B 2 18 ? -18.148 -13.463 9.671   1.00 3.13 ? 18 G B "H5''" 1 
ATOM 1244 H "H4'"  . G B 2 18 ? -19.713 -12.244 8.403   1.00 2.86 ? 18 G B "H4'"  1 
ATOM 1245 H "H3'"  . G B 2 18 ? -18.987 -14.754 6.853   1.00 2.61 ? 18 G B "H3'"  1 
ATOM 1246 H "H2'"  . G B 2 18 ? -20.723 -14.163 5.392   1.00 2.53 ? 18 G B "H2'"  1 
ATOM 1247 H "HO2'" . G B 2 18 ? -22.273 -13.138 6.906   1.00 2.82 ? 18 G B "HO2'" 1 
ATOM 1248 H "H1'"  . G B 2 18 ? -19.808 -11.539 5.180   1.00 2.26 ? 18 G B "H1'"  1 
ATOM 1249 H H8     . G B 2 18 ? -16.864 -13.983 5.564   1.00 2.11 ? 18 G B H8     1 
ATOM 1250 H H1     . G B 2 18 ? -18.728 -12.793 -0.474  1.00 2.07 ? 18 G B H1     1 
ATOM 1251 H H21    . G B 2 18 ? -20.683 -11.592 -0.284  1.00 2.42 ? 18 G B H21    1 
ATOM 1252 H H22    . G B 2 18 ? -21.210 -11.325 1.420   1.00 2.41 ? 18 G B H22    1 
ATOM 1253 P P      . C B 2 19 ? -20.562 -16.316 8.392   1.00 3.28 ? 19 C B P      1 
ATOM 1254 O OP1    . C B 2 19 ? -21.472 -16.702 9.498   1.00 3.66 ? 19 C B OP1    1 
ATOM 1255 O OP2    . C B 2 19 ? -19.145 -16.760 8.421   1.00 3.23 ? 19 C B OP2    1 
ATOM 1256 O "O5'"  . C B 2 19 ? -21.226 -16.714 6.978   1.00 3.15 ? 19 C B "O5'"  1 
ATOM 1257 C "C5'"  . C B 2 19 ? -22.536 -16.302 6.560   1.00 3.22 ? 19 C B "C5'"  1 
ATOM 1258 C "C4'"  . C B 2 19 ? -22.827 -16.678 5.107   1.00 3.18 ? 19 C B "C4'"  1 
ATOM 1259 O "O4'"  . C B 2 19 ? -22.085 -15.867 4.131   1.00 2.84 ? 19 C B "O4'"  1 
ATOM 1260 C "C3'"  . C B 2 19 ? -22.538 -18.079 4.592   1.00 3.38 ? 19 C B "C3'"  1 
ATOM 1261 O "O3'"  . C B 2 19 ? -23.332 -19.098 5.208   1.00 3.79 ? 19 C B "O3'"  1 
ATOM 1262 C "C2'"  . C B 2 19 ? -22.782 -17.918 3.087   1.00 3.33 ? 19 C B "C2'"  1 
ATOM 1263 O "O2'"  . C B 2 19 ? -24.161 -17.903 2.695   1.00 3.61 ? 19 C B "O2'"  1 
ATOM 1264 C "C1'"  . C B 2 19 ? -22.154 -16.522 2.856   1.00 2.94 ? 19 C B "C1'"  1 
ATOM 1265 N N1     . C B 2 19 ? -20.852 -16.584 2.101   1.00 2.74 ? 19 C B N1     1 
ATOM 1266 C C2     . C B 2 19 ? -20.874 -16.887 0.718   1.00 2.85 ? 19 C B C2     1 
ATOM 1267 O O2     . C B 2 19 ? -21.951 -17.091 0.145   1.00 3.10 ? 19 C B O2     1 
ATOM 1268 N N3     . C B 2 19 ? -19.738 -16.964 0.002   1.00 2.73 ? 19 C B N3     1 
ATOM 1269 C C4     . C B 2 19 ? -18.603 -16.756 0.611   1.00 2.48 ? 19 C B C4     1 
ATOM 1270 N N4     . C B 2 19 ? -17.548 -16.850 -0.155  1.00 2.40 ? 19 C B N4     1 
ATOM 1271 C C5     . C B 2 19 ? -18.500 -16.449 1.987   1.00 2.38 ? 19 C B C5     1 
ATOM 1272 C C6     . C B 2 19 ? -19.634 -16.366 2.703   1.00 2.53 ? 19 C B C6     1 
ATOM 1273 H "H5'"  . C B 2 19 ? -22.658 -15.224 6.681   1.00 3.10 ? 19 C B "H5'"  1 
ATOM 1274 H "H5''" . C B 2 19 ? -23.299 -16.783 7.173   1.00 3.50 ? 19 C B "H5''" 1 
ATOM 1275 H "H4'"  . C B 2 19 ? -23.904 -16.544 4.992   1.00 3.34 ? 19 C B "H4'"  1 
ATOM 1276 H "H3'"  . C B 2 19 ? -21.502 -18.334 4.785   1.00 3.28 ? 19 C B "H3'"  1 
ATOM 1277 H "HO3'" . C B 2 19 ? -24.126 -19.154 4.668   1.00 4.41 ? 19 C B "HO3'" 1 
ATOM 1278 H "H2'"  . C B 2 19 ? -22.172 -18.688 2.593   1.00 3.37 ? 19 C B "H2'"  1 
ATOM 1279 H "HO2'" . C B 2 19 ? -24.184 -18.041 1.739   1.00 4.24 ? 19 C B "HO2'" 1 
ATOM 1280 H "H1'"  . C B 2 19 ? -22.858 -15.884 2.303   1.00 2.97 ? 19 C B "H1'"  1 
ATOM 1281 H H41    . C B 2 19 ? -17.701 -17.064 -1.142  1.00 2.55 ? 19 C B H41    1 
ATOM 1282 H H42    . C B 2 19 ? -16.647 -16.694 0.259   1.00 2.23 ? 19 C B H42    1 
ATOM 1283 H H5     . C B 2 19 ? -17.529 -16.281 2.442   1.00 2.24 ? 19 C B H5     1 
ATOM 1284 H H6     . C B 2 19 ? -19.583 -16.118 3.768   1.00 2.53 ? 19 C B H6     1 
# 
